data_8EW5
# 
_entry.id   8EW5 
# 
_audit_conform.dict_name       mmcif_pdbx.dic 
_audit_conform.dict_version    5.403 
_audit_conform.dict_location   http://mmcif.pdb.org/dictionaries/ascii/mmcif_pdbx.dic 
# 
loop_
_database_2.database_id 
_database_2.database_code 
_database_2.pdbx_database_accession 
_database_2.pdbx_DOI 
PDB   8EW5         pdb_00008ew5 10.2210/pdb8ew5/pdb 
WWPDB D_1000269495 ?            ?                   
EMDB  EMD-28208    ?            ?                   
# 
loop_
_pdbx_audit_revision_history.ordinal 
_pdbx_audit_revision_history.data_content_type 
_pdbx_audit_revision_history.major_revision 
_pdbx_audit_revision_history.minor_revision 
_pdbx_audit_revision_history.revision_date 
_pdbx_audit_revision_history.part_number 
1 'Structure model' 1 0 2023-01-04 ? 
2 'Structure model' 1 1 2023-01-18 ? 
3 'Structure model' 1 2 2024-06-19 ? 
4 'Structure model' 1 3 2025-05-21 ? 
# 
_pdbx_audit_revision_details.ordinal             1 
_pdbx_audit_revision_details.revision_ordinal    1 
_pdbx_audit_revision_details.data_content_type   'Structure model' 
_pdbx_audit_revision_details.provider            repository 
_pdbx_audit_revision_details.type                'Initial release' 
_pdbx_audit_revision_details.description         ? 
_pdbx_audit_revision_details.details             ? 
# 
loop_
_pdbx_audit_revision_group.ordinal 
_pdbx_audit_revision_group.revision_ordinal 
_pdbx_audit_revision_group.data_content_type 
_pdbx_audit_revision_group.group 
1 2 'Structure model' 'Database references' 
2 3 'Structure model' 'Data collection'     
3 4 'Structure model' 'Data collection'     
4 4 'Structure model' 'Structure summary'   
# 
loop_
_pdbx_audit_revision_category.ordinal 
_pdbx_audit_revision_category.revision_ordinal 
_pdbx_audit_revision_category.data_content_type 
_pdbx_audit_revision_category.category 
1 2 'Structure model' citation           
2 2 'Structure model' citation_author    
3 3 'Structure model' chem_comp_atom     
4 3 'Structure model' chem_comp_bond     
5 4 'Structure model' em_software        
6 4 'Structure model' pdbx_entry_details 
# 
loop_
_pdbx_audit_revision_item.ordinal 
_pdbx_audit_revision_item.revision_ordinal 
_pdbx_audit_revision_item.data_content_type 
_pdbx_audit_revision_item.item 
1 2 'Structure model' '_citation.pdbx_database_id_PubMed' 
2 2 'Structure model' '_citation.title'                   
3 2 'Structure model' '_citation.year'                    
4 2 'Structure model' '_citation_author.identifier_ORCID' 
5 4 'Structure model' '_em_software.name'                 
# 
_pdbx_database_status.status_code                     REL 
_pdbx_database_status.status_code_sf                  ? 
_pdbx_database_status.status_code_mr                  ? 
_pdbx_database_status.entry_id                        8EW5 
_pdbx_database_status.recvd_initial_deposition_date   2022-10-21 
_pdbx_database_status.SG_entry                        N 
_pdbx_database_status.deposit_site                    RCSB 
_pdbx_database_status.process_site                    RCSB 
_pdbx_database_status.status_code_cs                  ? 
_pdbx_database_status.status_code_nmr_data            ? 
_pdbx_database_status.methods_development_category    ? 
_pdbx_database_status.pdb_format_compatible           Y 
# 
_pdbx_database_related.db_name        EMDB 
_pdbx_database_related.details        . 
_pdbx_database_related.db_id          EMD-28208 
_pdbx_database_related.content_type   'associated EM volume' 
# 
_pdbx_contact_author.id                 2 
_pdbx_contact_author.email              taylor@bio.fsu.edu 
_pdbx_contact_author.name_first         Kenneth 
_pdbx_contact_author.name_last          Taylor 
_pdbx_contact_author.name_mi            A 
_pdbx_contact_author.role               'principal investigator/group leader' 
_pdbx_contact_author.identifier_ORCID   0000-0001-9594-8360 
# 
loop_
_audit_author.name 
_audit_author.pdbx_ordinal 
_audit_author.identifier_ORCID 
'Li, J.'              1 ? 
'Rahmani, H.'         2 ? 
'Abbasi Yeganeh, F.'  3 ? 
'Rastegarpouyani, H.' 4 ? 
'Taylor, D.W.'        5 ? 
'Wood, N.B.'          6 ? 
'Previs, M.J.'        7 ? 
'Iwamoto, H.'         8 ? 
'Taylor, K.A.'        9 ? 
# 
_citation.abstract                  ? 
_citation.abstract_id_CAS           ? 
_citation.book_id_ISBN              ? 
_citation.book_publisher            ? 
_citation.book_publisher_city       ? 
_citation.book_title                ? 
_citation.coordinate_linkage        ? 
_citation.country                   CH 
_citation.database_id_Medline       ? 
_citation.details                   ? 
_citation.id                        primary 
_citation.journal_abbrev            'Int J Mol Sci' 
_citation.journal_id_ASTM           ? 
_citation.journal_id_CSD            ? 
_citation.journal_id_ISSN           1422-0067 
_citation.journal_full              ? 
_citation.journal_issue             ? 
_citation.journal_volume            24 
_citation.language                  ? 
_citation.page_first                ? 
_citation.page_last                 ? 
_citation.title                     
'Structure of the Flight Muscle Thick Filament from the Bumble Bee, Bombus ignitus , at 6 angstrom Resolution.' 
_citation.year                      2022 
_citation.database_id_CSD           ? 
_citation.pdbx_database_id_DOI      10.3390/ijms24010377 
_citation.pdbx_database_id_PubMed   36613818 
_citation.pdbx_database_id_patent   ? 
_citation.unpublished_flag          ? 
# 
loop_
_citation_author.citation_id 
_citation_author.name 
_citation_author.ordinal 
_citation_author.identifier_ORCID 
primary 'Li, J.'              1 0000-0001-6366-6019 
primary 'Rahmani, H.'         2 0000-0003-0222-6989 
primary 'Abbasi Yeganeh, F.'  3 0000-0001-5540-5927 
primary 'Rastegarpouyani, H.' 4 0000-0003-1358-9910 
primary 'Taylor, D.W.'        5 ?                   
primary 'Wood, N.B.'          6 ?                   
primary 'Previs, M.J.'        7 ?                   
primary 'Iwamoto, H.'         8 ?                   
primary 'Taylor, K.A.'        9 0000-0001-9594-8360 
# 
_entity.id                         1 
_entity.type                       polymer 
_entity.src_method                 nat 
_entity.pdbx_description           Flightin 
_entity.formula_weight             18396.543 
_entity.pdbx_number_of_molecules   1 
_entity.pdbx_ec                    ? 
_entity.pdbx_mutation              ? 
_entity.pdbx_fragment              ? 
_entity.details                    ? 
# 
_entity_poly.entity_id                      1 
_entity_poly.type                           'polypeptide(L)' 
_entity_poly.nstd_linkage                   no 
_entity_poly.nstd_monomer                   no 
_entity_poly.pdbx_seq_one_letter_code       
;MWADEEPAPWDIEETPAEQAPEASAESAAPAAEAATGEKPKIKLEKIEPPHYNHHWVRPLFLNYAYYLYEYRKNYYNDVI
DYLNQREKGIFREPPRAQEWAERAMRTYDEKNTDKSFKRSADMKYIINMRHEPRYYSYHTRAYYSLKYQKIL
;
_entity_poly.pdbx_seq_one_letter_code_can   
;MWADEEPAPWDIEETPAEQAPEASAESAAPAAEAATGEKPKIKLEKIEPPHYNHHWVRPLFLNYAYYLYEYRKNYYNDVI
DYLNQREKGIFREPPRAQEWAERAMRTYDEKNTDKSFKRSADMKYIINMRHEPRYYSYHTRAYYSLKYQKIL
;
_entity_poly.pdbx_strand_id                 A 
_entity_poly.pdbx_target_identifier         ? 
# 
loop_
_entity_poly_seq.entity_id 
_entity_poly_seq.num 
_entity_poly_seq.mon_id 
_entity_poly_seq.hetero 
1 1   MET n 
1 2   TRP n 
1 3   ALA n 
1 4   ASP n 
1 5   GLU n 
1 6   GLU n 
1 7   PRO n 
1 8   ALA n 
1 9   PRO n 
1 10  TRP n 
1 11  ASP n 
1 12  ILE n 
1 13  GLU n 
1 14  GLU n 
1 15  THR n 
1 16  PRO n 
1 17  ALA n 
1 18  GLU n 
1 19  GLN n 
1 20  ALA n 
1 21  PRO n 
1 22  GLU n 
1 23  ALA n 
1 24  SER n 
1 25  ALA n 
1 26  GLU n 
1 27  SER n 
1 28  ALA n 
1 29  ALA n 
1 30  PRO n 
1 31  ALA n 
1 32  ALA n 
1 33  GLU n 
1 34  ALA n 
1 35  ALA n 
1 36  THR n 
1 37  GLY n 
1 38  GLU n 
1 39  LYS n 
1 40  PRO n 
1 41  LYS n 
1 42  ILE n 
1 43  LYS n 
1 44  LEU n 
1 45  GLU n 
1 46  LYS n 
1 47  ILE n 
1 48  GLU n 
1 49  PRO n 
1 50  PRO n 
1 51  HIS n 
1 52  TYR n 
1 53  ASN n 
1 54  HIS n 
1 55  HIS n 
1 56  TRP n 
1 57  VAL n 
1 58  ARG n 
1 59  PRO n 
1 60  LEU n 
1 61  PHE n 
1 62  LEU n 
1 63  ASN n 
1 64  TYR n 
1 65  ALA n 
1 66  TYR n 
1 67  TYR n 
1 68  LEU n 
1 69  TYR n 
1 70  GLU n 
1 71  TYR n 
1 72  ARG n 
1 73  LYS n 
1 74  ASN n 
1 75  TYR n 
1 76  TYR n 
1 77  ASN n 
1 78  ASP n 
1 79  VAL n 
1 80  ILE n 
1 81  ASP n 
1 82  TYR n 
1 83  LEU n 
1 84  ASN n 
1 85  GLN n 
1 86  ARG n 
1 87  GLU n 
1 88  LYS n 
1 89  GLY n 
1 90  ILE n 
1 91  PHE n 
1 92  ARG n 
1 93  GLU n 
1 94  PRO n 
1 95  PRO n 
1 96  ARG n 
1 97  ALA n 
1 98  GLN n 
1 99  GLU n 
1 100 TRP n 
1 101 ALA n 
1 102 GLU n 
1 103 ARG n 
1 104 ALA n 
1 105 MET n 
1 106 ARG n 
1 107 THR n 
1 108 TYR n 
1 109 ASP n 
1 110 GLU n 
1 111 LYS n 
1 112 ASN n 
1 113 THR n 
1 114 ASP n 
1 115 LYS n 
1 116 SER n 
1 117 PHE n 
1 118 LYS n 
1 119 ARG n 
1 120 SER n 
1 121 ALA n 
1 122 ASP n 
1 123 MET n 
1 124 LYS n 
1 125 TYR n 
1 126 ILE n 
1 127 ILE n 
1 128 ASN n 
1 129 MET n 
1 130 ARG n 
1 131 HIS n 
1 132 GLU n 
1 133 PRO n 
1 134 ARG n 
1 135 TYR n 
1 136 TYR n 
1 137 SER n 
1 138 TYR n 
1 139 HIS n 
1 140 THR n 
1 141 ARG n 
1 142 ALA n 
1 143 TYR n 
1 144 TYR n 
1 145 SER n 
1 146 LEU n 
1 147 LYS n 
1 148 TYR n 
1 149 GLN n 
1 150 LYS n 
1 151 ILE n 
1 152 LEU n 
# 
_entity_src_nat.entity_id                  1 
_entity_src_nat.pdbx_src_id                1 
_entity_src_nat.pdbx_alt_source_flag       sample 
_entity_src_nat.pdbx_beg_seq_num           1 
_entity_src_nat.pdbx_end_seq_num           152 
_entity_src_nat.common_name                ? 
_entity_src_nat.pdbx_organism_scientific   'Bombus ignitus' 
_entity_src_nat.pdbx_ncbi_taxonomy_id      130704 
_entity_src_nat.genus                      ? 
_entity_src_nat.species                    ? 
_entity_src_nat.strain                     ? 
_entity_src_nat.tissue                     ? 
_entity_src_nat.tissue_fraction            ? 
_entity_src_nat.pdbx_secretion             ? 
_entity_src_nat.pdbx_fragment              ? 
_entity_src_nat.pdbx_variant               ? 
_entity_src_nat.pdbx_cell_line             ? 
_entity_src_nat.pdbx_atcc                  ? 
_entity_src_nat.pdbx_cellular_location     ? 
_entity_src_nat.pdbx_organ                 ? 
_entity_src_nat.pdbx_organelle             ? 
_entity_src_nat.pdbx_cell                  ? 
_entity_src_nat.pdbx_plasmid_name          ? 
_entity_src_nat.pdbx_plasmid_details       ? 
_entity_src_nat.details                    ? 
# 
loop_
_chem_comp.id 
_chem_comp.type 
_chem_comp.mon_nstd_flag 
_chem_comp.name 
_chem_comp.pdbx_synonyms 
_chem_comp.formula 
_chem_comp.formula_weight 
ALA 'L-peptide linking' y ALANINE         ? 'C3 H7 N O2'     89.093  
ARG 'L-peptide linking' y ARGININE        ? 'C6 H15 N4 O2 1' 175.209 
ASN 'L-peptide linking' y ASPARAGINE      ? 'C4 H8 N2 O3'    132.118 
ASP 'L-peptide linking' y 'ASPARTIC ACID' ? 'C4 H7 N O4'     133.103 
GLN 'L-peptide linking' y GLUTAMINE       ? 'C5 H10 N2 O3'   146.144 
GLU 'L-peptide linking' y 'GLUTAMIC ACID' ? 'C5 H9 N O4'     147.129 
GLY 'peptide linking'   y GLYCINE         ? 'C2 H5 N O2'     75.067  
HIS 'L-peptide linking' y HISTIDINE       ? 'C6 H10 N3 O2 1' 156.162 
ILE 'L-peptide linking' y ISOLEUCINE      ? 'C6 H13 N O2'    131.173 
LEU 'L-peptide linking' y LEUCINE         ? 'C6 H13 N O2'    131.173 
LYS 'L-peptide linking' y LYSINE          ? 'C6 H15 N2 O2 1' 147.195 
MET 'L-peptide linking' y METHIONINE      ? 'C5 H11 N O2 S'  149.211 
PHE 'L-peptide linking' y PHENYLALANINE   ? 'C9 H11 N O2'    165.189 
PRO 'L-peptide linking' y PROLINE         ? 'C5 H9 N O2'     115.130 
SER 'L-peptide linking' y SERINE          ? 'C3 H7 N O3'     105.093 
THR 'L-peptide linking' y THREONINE       ? 'C4 H9 N O3'     119.119 
TRP 'L-peptide linking' y TRYPTOPHAN      ? 'C11 H12 N2 O2'  204.225 
TYR 'L-peptide linking' y TYROSINE        ? 'C9 H11 N O3'    181.189 
VAL 'L-peptide linking' y VALINE          ? 'C5 H11 N O2'    117.146 
# 
loop_
_pdbx_poly_seq_scheme.asym_id 
_pdbx_poly_seq_scheme.entity_id 
_pdbx_poly_seq_scheme.seq_id 
_pdbx_poly_seq_scheme.mon_id 
_pdbx_poly_seq_scheme.ndb_seq_num 
_pdbx_poly_seq_scheme.pdb_seq_num 
_pdbx_poly_seq_scheme.auth_seq_num 
_pdbx_poly_seq_scheme.pdb_mon_id 
_pdbx_poly_seq_scheme.auth_mon_id 
_pdbx_poly_seq_scheme.pdb_strand_id 
_pdbx_poly_seq_scheme.pdb_ins_code 
_pdbx_poly_seq_scheme.hetero 
A 1 1   MET 1   0   ?   ?   ?   A . n 
A 1 2   TRP 2   1   ?   ?   ?   A . n 
A 1 3   ALA 3   2   ?   ?   ?   A . n 
A 1 4   ASP 4   3   ?   ?   ?   A . n 
A 1 5   GLU 5   4   ?   ?   ?   A . n 
A 1 6   GLU 6   5   ?   ?   ?   A . n 
A 1 7   PRO 7   6   ?   ?   ?   A . n 
A 1 8   ALA 8   7   ?   ?   ?   A . n 
A 1 9   PRO 9   8   ?   ?   ?   A . n 
A 1 10  TRP 10  9   ?   ?   ?   A . n 
A 1 11  ASP 11  10  ?   ?   ?   A . n 
A 1 12  ILE 12  11  ?   ?   ?   A . n 
A 1 13  GLU 13  12  ?   ?   ?   A . n 
A 1 14  GLU 14  13  ?   ?   ?   A . n 
A 1 15  THR 15  14  ?   ?   ?   A . n 
A 1 16  PRO 16  15  ?   ?   ?   A . n 
A 1 17  ALA 17  16  ?   ?   ?   A . n 
A 1 18  GLU 18  17  ?   ?   ?   A . n 
A 1 19  GLN 19  18  ?   ?   ?   A . n 
A 1 20  ALA 20  19  ?   ?   ?   A . n 
A 1 21  PRO 21  20  ?   ?   ?   A . n 
A 1 22  GLU 22  21  ?   ?   ?   A . n 
A 1 23  ALA 23  22  ?   ?   ?   A . n 
A 1 24  SER 24  23  ?   ?   ?   A . n 
A 1 25  ALA 25  24  ?   ?   ?   A . n 
A 1 26  GLU 26  25  ?   ?   ?   A . n 
A 1 27  SER 27  26  ?   ?   ?   A . n 
A 1 28  ALA 28  27  ?   ?   ?   A . n 
A 1 29  ALA 29  28  ?   ?   ?   A . n 
A 1 30  PRO 30  29  ?   ?   ?   A . n 
A 1 31  ALA 31  30  ?   ?   ?   A . n 
A 1 32  ALA 32  31  ?   ?   ?   A . n 
A 1 33  GLU 33  32  ?   ?   ?   A . n 
A 1 34  ALA 34  33  ?   ?   ?   A . n 
A 1 35  ALA 35  34  ?   ?   ?   A . n 
A 1 36  THR 36  35  ?   ?   ?   A . n 
A 1 37  GLY 37  36  ?   ?   ?   A . n 
A 1 38  GLU 38  37  ?   ?   ?   A . n 
A 1 39  LYS 39  38  ?   ?   ?   A . n 
A 1 40  PRO 40  39  ?   ?   ?   A . n 
A 1 41  LYS 41  40  ?   ?   ?   A . n 
A 1 42  ILE 42  41  41  ILE ILE A . n 
A 1 43  LYS 43  42  42  LYS LYS A . n 
A 1 44  LEU 44  43  43  LEU LEU A . n 
A 1 45  GLU 45  44  44  GLU GLU A . n 
A 1 46  LYS 46  45  45  LYS LYS A . n 
A 1 47  ILE 47  46  46  ILE ILE A . n 
A 1 48  GLU 48  47  47  GLU GLU A . n 
A 1 49  PRO 49  48  48  PRO PRO A . n 
A 1 50  PRO 50  49  49  PRO PRO A . n 
A 1 51  HIS 51  50  50  HIS HIS A . n 
A 1 52  TYR 52  51  51  TYR TYR A . n 
A 1 53  ASN 53  52  52  ASN ASN A . n 
A 1 54  HIS 54  53  53  HIS HIS A . n 
A 1 55  HIS 55  54  54  HIS HIS A . n 
A 1 56  TRP 56  55  55  TRP TRP A . n 
A 1 57  VAL 57  56  56  VAL VAL A . n 
A 1 58  ARG 58  57  57  ARG ARG A . n 
A 1 59  PRO 59  58  58  PRO PRO A . n 
A 1 60  LEU 60  59  59  LEU LEU A . n 
A 1 61  PHE 61  60  60  PHE PHE A . n 
A 1 62  LEU 62  61  61  LEU LEU A . n 
A 1 63  ASN 63  62  62  ASN ASN A . n 
A 1 64  TYR 64  63  63  TYR TYR A . n 
A 1 65  ALA 65  64  64  ALA ALA A . n 
A 1 66  TYR 66  65  65  TYR TYR A . n 
A 1 67  TYR 67  66  66  TYR TYR A . n 
A 1 68  LEU 68  67  67  LEU LEU A . n 
A 1 69  TYR 69  68  68  TYR TYR A . n 
A 1 70  GLU 70  69  69  GLU GLU A . n 
A 1 71  TYR 71  70  70  TYR TYR A . n 
A 1 72  ARG 72  71  71  ARG ARG A . n 
A 1 73  LYS 73  72  72  LYS LYS A . n 
A 1 74  ASN 74  73  73  ASN ASN A . n 
A 1 75  TYR 75  74  74  TYR TYR A . n 
A 1 76  TYR 76  75  75  TYR TYR A . n 
A 1 77  ASN 77  76  76  ASN ASN A . n 
A 1 78  ASP 78  77  77  ASP ASP A . n 
A 1 79  VAL 79  78  78  VAL VAL A . n 
A 1 80  ILE 80  79  79  ILE ILE A . n 
A 1 81  ASP 81  80  80  ASP ASP A . n 
A 1 82  TYR 82  81  81  TYR TYR A . n 
A 1 83  LEU 83  82  82  LEU LEU A . n 
A 1 84  ASN 84  83  83  ASN ASN A . n 
A 1 85  GLN 85  84  84  GLN GLN A . n 
A 1 86  ARG 86  85  85  ARG ARG A . n 
A 1 87  GLU 87  86  86  GLU GLU A . n 
A 1 88  LYS 88  87  87  LYS LYS A . n 
A 1 89  GLY 89  88  88  GLY GLY A . n 
A 1 90  ILE 90  89  89  ILE ILE A . n 
A 1 91  PHE 91  90  90  PHE PHE A . n 
A 1 92  ARG 92  91  91  ARG ARG A . n 
A 1 93  GLU 93  92  92  GLU GLU A . n 
A 1 94  PRO 94  93  93  PRO PRO A . n 
A 1 95  PRO 95  94  94  PRO PRO A . n 
A 1 96  ARG 96  95  95  ARG ARG A . n 
A 1 97  ALA 97  96  96  ALA ALA A . n 
A 1 98  GLN 98  97  97  GLN GLN A . n 
A 1 99  GLU 99  98  98  GLU GLU A . n 
A 1 100 TRP 100 99  99  TRP TRP A . n 
A 1 101 ALA 101 100 100 ALA ALA A . n 
A 1 102 GLU 102 101 101 GLU GLU A . n 
A 1 103 ARG 103 102 102 ARG ARG A . n 
A 1 104 ALA 104 103 103 ALA ALA A . n 
A 1 105 MET 105 104 104 MET MET A . n 
A 1 106 ARG 106 105 105 ARG ARG A . n 
A 1 107 THR 107 106 106 THR THR A . n 
A 1 108 TYR 108 107 107 TYR TYR A . n 
A 1 109 ASP 109 108 108 ASP ASP A . n 
A 1 110 GLU 110 109 109 GLU GLU A . n 
A 1 111 LYS 111 110 110 LYS LYS A . n 
A 1 112 ASN 112 111 111 ASN ASN A . n 
A 1 113 THR 113 112 112 THR THR A . n 
A 1 114 ASP 114 113 113 ASP ASP A . n 
A 1 115 LYS 115 114 114 LYS LYS A . n 
A 1 116 SER 116 115 115 SER SER A . n 
A 1 117 PHE 117 116 116 PHE PHE A . n 
A 1 118 LYS 118 117 117 LYS LYS A . n 
A 1 119 ARG 119 118 118 ARG ARG A . n 
A 1 120 SER 120 119 119 SER SER A . n 
A 1 121 ALA 121 120 120 ALA ALA A . n 
A 1 122 ASP 122 121 121 ASP ASP A . n 
A 1 123 MET 123 122 122 MET MET A . n 
A 1 124 LYS 124 123 123 LYS LYS A . n 
A 1 125 TYR 125 124 124 TYR TYR A . n 
A 1 126 ILE 126 125 125 ILE ILE A . n 
A 1 127 ILE 127 126 126 ILE ILE A . n 
A 1 128 ASN 128 127 127 ASN ASN A . n 
A 1 129 MET 129 128 128 MET MET A . n 
A 1 130 ARG 130 129 129 ARG ARG A . n 
A 1 131 HIS 131 130 130 HIS HIS A . n 
A 1 132 GLU 132 131 131 GLU GLU A . n 
A 1 133 PRO 133 132 132 PRO PRO A . n 
A 1 134 ARG 134 133 133 ARG ARG A . n 
A 1 135 TYR 135 134 134 TYR TYR A . n 
A 1 136 TYR 136 135 135 TYR TYR A . n 
A 1 137 SER 137 136 136 SER SER A . n 
A 1 138 TYR 138 137 137 TYR TYR A . n 
A 1 139 HIS 139 138 138 HIS HIS A . n 
A 1 140 THR 140 139 139 THR THR A . n 
A 1 141 ARG 141 140 140 ARG ARG A . n 
A 1 142 ALA 142 141 141 ALA ALA A . n 
A 1 143 TYR 143 142 142 TYR TYR A . n 
A 1 144 TYR 144 143 143 TYR TYR A . n 
A 1 145 SER 145 144 144 SER SER A . n 
A 1 146 LEU 146 145 145 LEU LEU A . n 
A 1 147 LYS 147 146 146 LYS LYS A . n 
A 1 148 TYR 148 147 147 TYR TYR A . n 
A 1 149 GLN 149 148 148 GLN GLN A . n 
A 1 150 LYS 150 149 149 LYS LYS A . n 
A 1 151 ILE 151 150 150 ILE ILE A . n 
A 1 152 LEU 152 151 151 LEU LEU A . n 
# 
_software.citation_id            ? 
_software.classification         refinement 
_software.compiler_name          ? 
_software.compiler_version       ? 
_software.contact_author         ? 
_software.contact_author_email   ? 
_software.date                   ? 
_software.description            ? 
_software.dependencies           ? 
_software.hardware               ? 
_software.language               ? 
_software.location               ? 
_software.mods                   ? 
_software.name                   PHENIX 
_software.os                     ? 
_software.os_version             ? 
_software.type                   ? 
_software.version                1.20_4459: 
_software.pdbx_ordinal           1 
# 
_cell.angle_alpha                  90.00 
_cell.angle_alpha_esd              ? 
_cell.angle_beta                   90.00 
_cell.angle_beta_esd               ? 
_cell.angle_gamma                  90.00 
_cell.angle_gamma_esd              ? 
_cell.entry_id                     8EW5 
_cell.details                      ? 
_cell.formula_units_Z              ? 
_cell.length_a                     1.00 
_cell.length_a_esd                 ? 
_cell.length_b                     1.00 
_cell.length_b_esd                 ? 
_cell.length_c                     1.00 
_cell.length_c_esd                 ? 
_cell.volume                       ? 
_cell.volume_esd                   ? 
_cell.Z_PDB                        ? 
_cell.reciprocal_angle_alpha       ? 
_cell.reciprocal_angle_beta        ? 
_cell.reciprocal_angle_gamma       ? 
_cell.reciprocal_angle_alpha_esd   ? 
_cell.reciprocal_angle_beta_esd    ? 
_cell.reciprocal_angle_gamma_esd   ? 
_cell.reciprocal_length_a          ? 
_cell.reciprocal_length_b          ? 
_cell.reciprocal_length_c          ? 
_cell.reciprocal_length_a_esd      ? 
_cell.reciprocal_length_b_esd      ? 
_cell.reciprocal_length_c_esd      ? 
_cell.pdbx_unique_axis             ? 
_cell.pdbx_esd_method              ? 
# 
_symmetry.entry_id                         8EW5 
_symmetry.cell_setting                     ? 
_symmetry.Int_Tables_number                1 
_symmetry.space_group_name_Hall            ? 
_symmetry.space_group_name_H-M             'P 1' 
_symmetry.pdbx_full_space_group_name_H-M   ? 
# 
_exptl.absorpt_coefficient_mu     ? 
_exptl.absorpt_correction_T_max   ? 
_exptl.absorpt_correction_T_min   ? 
_exptl.absorpt_correction_type    ? 
_exptl.absorpt_process_details    ? 
_exptl.entry_id                   8EW5 
_exptl.crystals_number            ? 
_exptl.details                    ? 
_exptl.method                     'ELECTRON MICROSCOPY' 
_exptl.method_details             ? 
# 
_refine.pdbx_refine_id                           'ELECTRON MICROSCOPY' 
_refine.entry_id                                 8EW5 
_refine.pdbx_diffrn_id                           ? 
_refine.pdbx_TLS_residual_ADP_flag               ? 
_refine.ls_number_reflns_obs                     ? 
_refine.ls_number_reflns_all                     ? 
_refine.pdbx_ls_sigma_I                          ? 
_refine.pdbx_ls_sigma_F                          ? 
_refine.pdbx_data_cutoff_high_absF               ? 
_refine.pdbx_data_cutoff_low_absF                ? 
_refine.pdbx_data_cutoff_high_rms_absF           ? 
_refine.ls_d_res_low                             ? 
_refine.ls_d_res_high                            . 
_refine.ls_percent_reflns_obs                    ? 
_refine.ls_R_factor_obs                          ? 
_refine.ls_R_factor_all                          ? 
_refine.ls_R_factor_R_work                       ? 
_refine.ls_R_factor_R_free                       ? 
_refine.ls_R_factor_R_free_error                 ? 
_refine.ls_R_factor_R_free_error_details         ? 
_refine.ls_percent_reflns_R_free                 ? 
_refine.ls_number_reflns_R_free                  ? 
_refine.ls_number_parameters                     ? 
_refine.ls_number_restraints                     ? 
_refine.occupancy_min                            ? 
_refine.occupancy_max                            ? 
_refine.correlation_coeff_Fo_to_Fc               ? 
_refine.correlation_coeff_Fo_to_Fc_free          ? 
_refine.B_iso_mean                               ? 
_refine.aniso_B[1][1]                            ? 
_refine.aniso_B[2][2]                            ? 
_refine.aniso_B[3][3]                            ? 
_refine.aniso_B[1][2]                            ? 
_refine.aniso_B[1][3]                            ? 
_refine.aniso_B[2][3]                            ? 
_refine.solvent_model_details                    ? 
_refine.solvent_model_param_ksol                 ? 
_refine.solvent_model_param_bsol                 ? 
_refine.pdbx_solvent_vdw_probe_radii             ? 
_refine.pdbx_solvent_ion_probe_radii             ? 
_refine.pdbx_solvent_shrinkage_radii             ? 
_refine.pdbx_ls_cross_valid_method               ? 
_refine.details                                  ? 
_refine.pdbx_starting_model                      ? 
_refine.pdbx_method_to_determine_struct          ? 
_refine.pdbx_isotropic_thermal_model             ? 
_refine.pdbx_stereochemistry_target_values       ? 
_refine.pdbx_stereochem_target_val_spec_case     ? 
_refine.pdbx_R_Free_selection_details            ? 
_refine.pdbx_overall_ESU_R                       ? 
_refine.pdbx_overall_ESU_R_Free                  ? 
_refine.overall_SU_ML                            ? 
_refine.pdbx_overall_phase_error                 ? 
_refine.overall_SU_B                             ? 
_refine.overall_SU_R_Cruickshank_DPI             ? 
_refine.pdbx_overall_SU_R_free_Cruickshank_DPI   ? 
_refine.pdbx_overall_SU_R_Blow_DPI               ? 
_refine.pdbx_overall_SU_R_free_Blow_DPI          ? 
# 
loop_
_refine_ls_restr.pdbx_refine_id 
_refine_ls_restr.criterion 
_refine_ls_restr.dev_ideal 
_refine_ls_restr.dev_ideal_target 
_refine_ls_restr.number 
_refine_ls_restr.rejects 
_refine_ls_restr.type 
_refine_ls_restr.weight 
_refine_ls_restr.pdbx_restraint_function 
'ELECTRON MICROSCOPY' ? 0.004 ? 1035 ? f_bond_d           ? ? 
'ELECTRON MICROSCOPY' ? 0.821 ? 1397 ? f_angle_d          ? ? 
'ELECTRON MICROSCOPY' ? 6.224 ? 138  ? f_dihedral_angle_d ? ? 
'ELECTRON MICROSCOPY' ? 0.049 ? 129  ? f_chiral_restr     ? ? 
'ELECTRON MICROSCOPY' ? 0.009 ? 178  ? f_plane_restr      ? ? 
# 
_struct.entry_id                     8EW5 
_struct.title                        'The structure of flightin within myosin thick filaments from Bombus ignitus flight muscle' 
_struct.pdbx_model_details           ? 
_struct.pdbx_formula_weight          ? 
_struct.pdbx_formula_weight_method   ? 
_struct.pdbx_model_type_details      ? 
_struct.pdbx_CASP_flag               N 
# 
_struct_keywords.entry_id        8EW5 
_struct_keywords.text            'Striated muscle, regulatory protein, myosin-binding protein, STRUCTURAL PROTEIN' 
_struct_keywords.pdbx_keywords   'STRUCTURAL PROTEIN' 
# 
_struct_asym.id                            A 
_struct_asym.pdbx_blank_PDB_chainid_flag   N 
_struct_asym.pdbx_modified                 N 
_struct_asym.entity_id                     1 
_struct_asym.details                       ? 
# 
_struct_ref.id                         1 
_struct_ref.db_name                    PDB 
_struct_ref.db_code                    8EW5 
_struct_ref.pdbx_db_accession          8EW5 
_struct_ref.pdbx_db_isoform            ? 
_struct_ref.entity_id                  1 
_struct_ref.pdbx_seq_one_letter_code   ? 
_struct_ref.pdbx_align_begin           1 
# 
_struct_ref_seq.align_id                      1 
_struct_ref_seq.ref_id                        1 
_struct_ref_seq.pdbx_PDB_id_code              8EW5 
_struct_ref_seq.pdbx_strand_id                A 
_struct_ref_seq.seq_align_beg                 1 
_struct_ref_seq.pdbx_seq_align_beg_ins_code   ? 
_struct_ref_seq.seq_align_end                 152 
_struct_ref_seq.pdbx_seq_align_end_ins_code   ? 
_struct_ref_seq.pdbx_db_accession             8EW5 
_struct_ref_seq.db_align_beg                  0 
_struct_ref_seq.pdbx_db_align_beg_ins_code    ? 
_struct_ref_seq.db_align_end                  151 
_struct_ref_seq.pdbx_db_align_end_ins_code    ? 
_struct_ref_seq.pdbx_auth_seq_align_beg       0 
_struct_ref_seq.pdbx_auth_seq_align_end       151 
# 
_pdbx_struct_assembly.id                   1 
_pdbx_struct_assembly.details              author_defined_assembly 
_pdbx_struct_assembly.method_details       ? 
_pdbx_struct_assembly.oligomeric_details   monomeric 
_pdbx_struct_assembly.oligomeric_count     1 
# 
_pdbx_struct_assembly_gen.assembly_id       1 
_pdbx_struct_assembly_gen.oper_expression   1 
_pdbx_struct_assembly_gen.asym_id_list      A 
# 
_pdbx_struct_assembly_auth_evidence.id                     1 
_pdbx_struct_assembly_auth_evidence.assembly_id            1 
_pdbx_struct_assembly_auth_evidence.experimental_support   'electron microscopy' 
_pdbx_struct_assembly_auth_evidence.details                
'The model is built on the segment density of flightin from the Bombus ignitus thick filament map.' 
# 
_pdbx_struct_oper_list.id                   1 
_pdbx_struct_oper_list.type                 'identity operation' 
_pdbx_struct_oper_list.name                 1_555 
_pdbx_struct_oper_list.symmetry_operation   ? 
_pdbx_struct_oper_list.matrix[1][1]         1.0000000000 
_pdbx_struct_oper_list.matrix[1][2]         0.0000000000 
_pdbx_struct_oper_list.matrix[1][3]         0.0000000000 
_pdbx_struct_oper_list.vector[1]            0.0000000000 
_pdbx_struct_oper_list.matrix[2][1]         0.0000000000 
_pdbx_struct_oper_list.matrix[2][2]         1.0000000000 
_pdbx_struct_oper_list.matrix[2][3]         0.0000000000 
_pdbx_struct_oper_list.vector[2]            0.0000000000 
_pdbx_struct_oper_list.matrix[3][1]         0.0000000000 
_pdbx_struct_oper_list.matrix[3][2]         0.0000000000 
_pdbx_struct_oper_list.matrix[3][3]         1.0000000000 
_pdbx_struct_oper_list.vector[3]            0.0000000000 
# 
loop_
_struct_conf.conf_type_id 
_struct_conf.id 
_struct_conf.pdbx_PDB_helix_id 
_struct_conf.beg_label_comp_id 
_struct_conf.beg_label_asym_id 
_struct_conf.beg_label_seq_id 
_struct_conf.pdbx_beg_PDB_ins_code 
_struct_conf.end_label_comp_id 
_struct_conf.end_label_asym_id 
_struct_conf.end_label_seq_id 
_struct_conf.pdbx_end_PDB_ins_code 
_struct_conf.beg_auth_comp_id 
_struct_conf.beg_auth_asym_id 
_struct_conf.beg_auth_seq_id 
_struct_conf.end_auth_comp_id 
_struct_conf.end_auth_asym_id 
_struct_conf.end_auth_seq_id 
_struct_conf.pdbx_PDB_helix_class 
_struct_conf.details 
_struct_conf.pdbx_PDB_helix_length 
HELX_P HELX_P1 AA1 TYR A 64  ? GLY A 89  ? TYR A 63  GLY A 88  1 ? 26 
HELX_P HELX_P2 AA2 GLU A 99  ? ASN A 112 ? GLU A 98  ASN A 111 1 ? 14 
HELX_P HELX_P3 AA3 LYS A 118 ? TYR A 125 ? LYS A 117 TYR A 124 1 ? 8  
# 
_struct_conf_type.id          HELX_P 
_struct_conf_type.criteria    ? 
_struct_conf_type.reference   ? 
# 
_pdbx_entry_details.entry_id                   8EW5 
_pdbx_entry_details.compound_details           ? 
_pdbx_entry_details.source_details             ? 
_pdbx_entry_details.nonpolymer_details         ? 
_pdbx_entry_details.sequence_details           ? 
_pdbx_entry_details.has_ligand_of_interest     ? 
_pdbx_entry_details.has_protein_modification   N 
# 
loop_
_pdbx_validate_torsion.id 
_pdbx_validate_torsion.PDB_model_num 
_pdbx_validate_torsion.auth_comp_id 
_pdbx_validate_torsion.auth_asym_id 
_pdbx_validate_torsion.auth_seq_id 
_pdbx_validate_torsion.PDB_ins_code 
_pdbx_validate_torsion.label_alt_id 
_pdbx_validate_torsion.phi 
_pdbx_validate_torsion.psi 
1  1 HIS A 50  ? ? 63.38   -71.25  
2  1 TRP A 55  ? ? -90.10  31.04   
3  1 VAL A 56  ? ? 60.87   -125.41 
4  1 LEU A 59  ? ? 59.61   166.49  
5  1 ILE A 126 ? ? -124.12 -162.63 
6  1 ASN A 127 ? ? 71.61   52.59   
7  1 HIS A 130 ? ? 56.77   9.51    
8  1 PRO A 132 ? ? -92.15  51.52   
9  1 TYR A 137 ? ? 67.10   164.04  
10 1 ARG A 140 ? ? 58.57   -150.65 
11 1 TYR A 142 ? ? -91.87  57.87   
12 1 LYS A 149 ? ? 59.89   -157.88 
13 1 ILE A 150 ? ? 52.32   -83.10  
# 
_em_3d_fitting.id                1 
_em_3d_fitting.entry_id          8EW5 
_em_3d_fitting.method            ? 
_em_3d_fitting.target_criteria   ? 
_em_3d_fitting.details           ? 
_em_3d_fitting.overall_b_value   ? 
_em_3d_fitting.ref_space         REAL 
_em_3d_fitting.ref_protocol      'FLEXIBLE FIT' 
# 
_em_3d_reconstruction.entry_id                    8EW5 
_em_3d_reconstruction.id                          1 
_em_3d_reconstruction.method                      ? 
_em_3d_reconstruction.algorithm                   ? 
_em_3d_reconstruction.citation_id                 ? 
_em_3d_reconstruction.details                     ? 
_em_3d_reconstruction.resolution                  6 
_em_3d_reconstruction.resolution_method           OTHER 
_em_3d_reconstruction.magnification_calibration   ? 
_em_3d_reconstruction.nominal_pixel_size          ? 
_em_3d_reconstruction.actual_pixel_size           ? 
_em_3d_reconstruction.num_particles               11000 
_em_3d_reconstruction.euler_angles_details        ? 
_em_3d_reconstruction.num_class_averages          ? 
_em_3d_reconstruction.refinement_type             ? 
_em_3d_reconstruction.image_processing_id         1 
_em_3d_reconstruction.symmetry_type               POINT 
# 
_em_buffer.id            1 
_em_buffer.specimen_id   1 
_em_buffer.name          ? 
_em_buffer.details       ? 
_em_buffer.pH            6.8 
# 
_em_entity_assembly.id                   1 
_em_entity_assembly.parent_id            0 
_em_entity_assembly.source               NATURAL 
_em_entity_assembly.type                 COMPLEX 
_em_entity_assembly.name                 'Bombus ignitus flight muscle thick filament' 
_em_entity_assembly.details              ? 
_em_entity_assembly.synonym              ? 
_em_entity_assembly.oligomeric_details   ? 
_em_entity_assembly.entity_id_list       1 
# 
_em_imaging.entry_id                        8EW5 
_em_imaging.id                              1 
_em_imaging.astigmatism                     ? 
_em_imaging.electron_beam_tilt_params       ? 
_em_imaging.residual_tilt                   ? 
_em_imaging.microscope_model                'FEI TITAN KRIOS' 
_em_imaging.specimen_holder_type            ? 
_em_imaging.specimen_holder_model           ? 
_em_imaging.details                         ? 
_em_imaging.date                            ? 
_em_imaging.accelerating_voltage            300 
_em_imaging.illumination_mode               'FLOOD BEAM' 
_em_imaging.mode                            'BRIGHT FIELD' 
_em_imaging.nominal_cs                      ? 
_em_imaging.nominal_defocus_min             800 
_em_imaging.nominal_defocus_max             2500 
_em_imaging.calibrated_defocus_min          ? 
_em_imaging.calibrated_defocus_max          ? 
_em_imaging.tilt_angle_min                  ? 
_em_imaging.tilt_angle_max                  ? 
_em_imaging.nominal_magnification           ? 
_em_imaging.calibrated_magnification        ? 
_em_imaging.electron_source                 'FIELD EMISSION GUN' 
_em_imaging.citation_id                     ? 
_em_imaging.temperature                     ? 
_em_imaging.detector_distance               ? 
_em_imaging.recording_temperature_minimum   ? 
_em_imaging.recording_temperature_maximum   ? 
_em_imaging.alignment_procedure             ? 
_em_imaging.c2_aperture_diameter            ? 
_em_imaging.specimen_id                     1 
_em_imaging.cryogen                         ? 
# 
_em_sample_support.id               1 
_em_sample_support.film_material    ? 
_em_sample_support.method           ? 
_em_sample_support.grid_material    COPPER 
_em_sample_support.grid_mesh_size   ? 
_em_sample_support.grid_type        Quantifoil 
_em_sample_support.details          ? 
_em_sample_support.specimen_id      1 
_em_sample_support.citation_id      ? 
# 
_em_vitrification.entry_id              8EW5 
_em_vitrification.id                    1 
_em_vitrification.specimen_id           1 
_em_vitrification.cryogen_name          ETHANE 
_em_vitrification.humidity              ? 
_em_vitrification.temp                  ? 
_em_vitrification.chamber_temperature   ? 
_em_vitrification.instrument            ? 
_em_vitrification.method                ? 
_em_vitrification.time_resolved_state   ? 
_em_vitrification.citation_id           ? 
_em_vitrification.details               ? 
# 
_em_experiment.entry_id                8EW5 
_em_experiment.id                      1 
_em_experiment.reconstruction_method   'SINGLE PARTICLE' 
_em_experiment.aggregation_state       FILAMENT 
_em_experiment.entity_assembly_id      1 
# 
loop_
_pdbx_unobs_or_zero_occ_residues.id 
_pdbx_unobs_or_zero_occ_residues.PDB_model_num 
_pdbx_unobs_or_zero_occ_residues.polymer_flag 
_pdbx_unobs_or_zero_occ_residues.occupancy_flag 
_pdbx_unobs_or_zero_occ_residues.auth_asym_id 
_pdbx_unobs_or_zero_occ_residues.auth_comp_id 
_pdbx_unobs_or_zero_occ_residues.auth_seq_id 
_pdbx_unobs_or_zero_occ_residues.PDB_ins_code 
_pdbx_unobs_or_zero_occ_residues.label_asym_id 
_pdbx_unobs_or_zero_occ_residues.label_comp_id 
_pdbx_unobs_or_zero_occ_residues.label_seq_id 
1  1 Y 1 A MET 0  ? A MET 1  
2  1 Y 1 A TRP 1  ? A TRP 2  
3  1 Y 1 A ALA 2  ? A ALA 3  
4  1 Y 1 A ASP 3  ? A ASP 4  
5  1 Y 1 A GLU 4  ? A GLU 5  
6  1 Y 1 A GLU 5  ? A GLU 6  
7  1 Y 1 A PRO 6  ? A PRO 7  
8  1 Y 1 A ALA 7  ? A ALA 8  
9  1 Y 1 A PRO 8  ? A PRO 9  
10 1 Y 1 A TRP 9  ? A TRP 10 
11 1 Y 1 A ASP 10 ? A ASP 11 
12 1 Y 1 A ILE 11 ? A ILE 12 
13 1 Y 1 A GLU 12 ? A GLU 13 
14 1 Y 1 A GLU 13 ? A GLU 14 
15 1 Y 1 A THR 14 ? A THR 15 
16 1 Y 1 A PRO 15 ? A PRO 16 
17 1 Y 1 A ALA 16 ? A ALA 17 
18 1 Y 1 A GLU 17 ? A GLU 18 
19 1 Y 1 A GLN 18 ? A GLN 19 
20 1 Y 1 A ALA 19 ? A ALA 20 
21 1 Y 1 A PRO 20 ? A PRO 21 
22 1 Y 1 A GLU 21 ? A GLU 22 
23 1 Y 1 A ALA 22 ? A ALA 23 
24 1 Y 1 A SER 23 ? A SER 24 
25 1 Y 1 A ALA 24 ? A ALA 25 
26 1 Y 1 A GLU 25 ? A GLU 26 
27 1 Y 1 A SER 26 ? A SER 27 
28 1 Y 1 A ALA 27 ? A ALA 28 
29 1 Y 1 A ALA 28 ? A ALA 29 
30 1 Y 1 A PRO 29 ? A PRO 30 
31 1 Y 1 A ALA 30 ? A ALA 31 
32 1 Y 1 A ALA 31 ? A ALA 32 
33 1 Y 1 A GLU 32 ? A GLU 33 
34 1 Y 1 A ALA 33 ? A ALA 34 
35 1 Y 1 A ALA 34 ? A ALA 35 
36 1 Y 1 A THR 35 ? A THR 36 
37 1 Y 1 A GLY 36 ? A GLY 37 
38 1 Y 1 A GLU 37 ? A GLU 38 
39 1 Y 1 A LYS 38 ? A LYS 39 
40 1 Y 1 A PRO 39 ? A PRO 40 
41 1 Y 1 A LYS 40 ? A LYS 41 
# 
loop_
_chem_comp_atom.comp_id 
_chem_comp_atom.atom_id 
_chem_comp_atom.type_symbol 
_chem_comp_atom.pdbx_aromatic_flag 
_chem_comp_atom.pdbx_stereo_config 
_chem_comp_atom.pdbx_ordinal 
ALA N    N N N 1   
ALA CA   C N S 2   
ALA C    C N N 3   
ALA O    O N N 4   
ALA CB   C N N 5   
ALA OXT  O N N 6   
ALA H    H N N 7   
ALA H2   H N N 8   
ALA HA   H N N 9   
ALA HB1  H N N 10  
ALA HB2  H N N 11  
ALA HB3  H N N 12  
ALA HXT  H N N 13  
ARG N    N N N 14  
ARG CA   C N S 15  
ARG C    C N N 16  
ARG O    O N N 17  
ARG CB   C N N 18  
ARG CG   C N N 19  
ARG CD   C N N 20  
ARG NE   N N N 21  
ARG CZ   C N N 22  
ARG NH1  N N N 23  
ARG NH2  N N N 24  
ARG OXT  O N N 25  
ARG H    H N N 26  
ARG H2   H N N 27  
ARG HA   H N N 28  
ARG HB2  H N N 29  
ARG HB3  H N N 30  
ARG HG2  H N N 31  
ARG HG3  H N N 32  
ARG HD2  H N N 33  
ARG HD3  H N N 34  
ARG HE   H N N 35  
ARG HH11 H N N 36  
ARG HH12 H N N 37  
ARG HH21 H N N 38  
ARG HH22 H N N 39  
ARG HXT  H N N 40  
ASN N    N N N 41  
ASN CA   C N S 42  
ASN C    C N N 43  
ASN O    O N N 44  
ASN CB   C N N 45  
ASN CG   C N N 46  
ASN OD1  O N N 47  
ASN ND2  N N N 48  
ASN OXT  O N N 49  
ASN H    H N N 50  
ASN H2   H N N 51  
ASN HA   H N N 52  
ASN HB2  H N N 53  
ASN HB3  H N N 54  
ASN HD21 H N N 55  
ASN HD22 H N N 56  
ASN HXT  H N N 57  
ASP N    N N N 58  
ASP CA   C N S 59  
ASP C    C N N 60  
ASP O    O N N 61  
ASP CB   C N N 62  
ASP CG   C N N 63  
ASP OD1  O N N 64  
ASP OD2  O N N 65  
ASP OXT  O N N 66  
ASP H    H N N 67  
ASP H2   H N N 68  
ASP HA   H N N 69  
ASP HB2  H N N 70  
ASP HB3  H N N 71  
ASP HD2  H N N 72  
ASP HXT  H N N 73  
GLN N    N N N 74  
GLN CA   C N S 75  
GLN C    C N N 76  
GLN O    O N N 77  
GLN CB   C N N 78  
GLN CG   C N N 79  
GLN CD   C N N 80  
GLN OE1  O N N 81  
GLN NE2  N N N 82  
GLN OXT  O N N 83  
GLN H    H N N 84  
GLN H2   H N N 85  
GLN HA   H N N 86  
GLN HB2  H N N 87  
GLN HB3  H N N 88  
GLN HG2  H N N 89  
GLN HG3  H N N 90  
GLN HE21 H N N 91  
GLN HE22 H N N 92  
GLN HXT  H N N 93  
GLU N    N N N 94  
GLU CA   C N S 95  
GLU C    C N N 96  
GLU O    O N N 97  
GLU CB   C N N 98  
GLU CG   C N N 99  
GLU CD   C N N 100 
GLU OE1  O N N 101 
GLU OE2  O N N 102 
GLU OXT  O N N 103 
GLU H    H N N 104 
GLU H2   H N N 105 
GLU HA   H N N 106 
GLU HB2  H N N 107 
GLU HB3  H N N 108 
GLU HG2  H N N 109 
GLU HG3  H N N 110 
GLU HE2  H N N 111 
GLU HXT  H N N 112 
GLY N    N N N 113 
GLY CA   C N N 114 
GLY C    C N N 115 
GLY O    O N N 116 
GLY OXT  O N N 117 
GLY H    H N N 118 
GLY H2   H N N 119 
GLY HA2  H N N 120 
GLY HA3  H N N 121 
GLY HXT  H N N 122 
HIS N    N N N 123 
HIS CA   C N S 124 
HIS C    C N N 125 
HIS O    O N N 126 
HIS CB   C N N 127 
HIS CG   C Y N 128 
HIS ND1  N Y N 129 
HIS CD2  C Y N 130 
HIS CE1  C Y N 131 
HIS NE2  N Y N 132 
HIS OXT  O N N 133 
HIS H    H N N 134 
HIS H2   H N N 135 
HIS HA   H N N 136 
HIS HB2  H N N 137 
HIS HB3  H N N 138 
HIS HD1  H N N 139 
HIS HD2  H N N 140 
HIS HE1  H N N 141 
HIS HE2  H N N 142 
HIS HXT  H N N 143 
ILE N    N N N 144 
ILE CA   C N S 145 
ILE C    C N N 146 
ILE O    O N N 147 
ILE CB   C N S 148 
ILE CG1  C N N 149 
ILE CG2  C N N 150 
ILE CD1  C N N 151 
ILE OXT  O N N 152 
ILE H    H N N 153 
ILE H2   H N N 154 
ILE HA   H N N 155 
ILE HB   H N N 156 
ILE HG12 H N N 157 
ILE HG13 H N N 158 
ILE HG21 H N N 159 
ILE HG22 H N N 160 
ILE HG23 H N N 161 
ILE HD11 H N N 162 
ILE HD12 H N N 163 
ILE HD13 H N N 164 
ILE HXT  H N N 165 
LEU N    N N N 166 
LEU CA   C N S 167 
LEU C    C N N 168 
LEU O    O N N 169 
LEU CB   C N N 170 
LEU CG   C N N 171 
LEU CD1  C N N 172 
LEU CD2  C N N 173 
LEU OXT  O N N 174 
LEU H    H N N 175 
LEU H2   H N N 176 
LEU HA   H N N 177 
LEU HB2  H N N 178 
LEU HB3  H N N 179 
LEU HG   H N N 180 
LEU HD11 H N N 181 
LEU HD12 H N N 182 
LEU HD13 H N N 183 
LEU HD21 H N N 184 
LEU HD22 H N N 185 
LEU HD23 H N N 186 
LEU HXT  H N N 187 
LYS N    N N N 188 
LYS CA   C N S 189 
LYS C    C N N 190 
LYS O    O N N 191 
LYS CB   C N N 192 
LYS CG   C N N 193 
LYS CD   C N N 194 
LYS CE   C N N 195 
LYS NZ   N N N 196 
LYS OXT  O N N 197 
LYS H    H N N 198 
LYS H2   H N N 199 
LYS HA   H N N 200 
LYS HB2  H N N 201 
LYS HB3  H N N 202 
LYS HG2  H N N 203 
LYS HG3  H N N 204 
LYS HD2  H N N 205 
LYS HD3  H N N 206 
LYS HE2  H N N 207 
LYS HE3  H N N 208 
LYS HZ1  H N N 209 
LYS HZ2  H N N 210 
LYS HZ3  H N N 211 
LYS HXT  H N N 212 
MET N    N N N 213 
MET CA   C N S 214 
MET C    C N N 215 
MET O    O N N 216 
MET CB   C N N 217 
MET CG   C N N 218 
MET SD   S N N 219 
MET CE   C N N 220 
MET OXT  O N N 221 
MET H    H N N 222 
MET H2   H N N 223 
MET HA   H N N 224 
MET HB2  H N N 225 
MET HB3  H N N 226 
MET HG2  H N N 227 
MET HG3  H N N 228 
MET HE1  H N N 229 
MET HE2  H N N 230 
MET HE3  H N N 231 
MET HXT  H N N 232 
PHE N    N N N 233 
PHE CA   C N S 234 
PHE C    C N N 235 
PHE O    O N N 236 
PHE CB   C N N 237 
PHE CG   C Y N 238 
PHE CD1  C Y N 239 
PHE CD2  C Y N 240 
PHE CE1  C Y N 241 
PHE CE2  C Y N 242 
PHE CZ   C Y N 243 
PHE OXT  O N N 244 
PHE H    H N N 245 
PHE H2   H N N 246 
PHE HA   H N N 247 
PHE HB2  H N N 248 
PHE HB3  H N N 249 
PHE HD1  H N N 250 
PHE HD2  H N N 251 
PHE HE1  H N N 252 
PHE HE2  H N N 253 
PHE HZ   H N N 254 
PHE HXT  H N N 255 
PRO N    N N N 256 
PRO CA   C N S 257 
PRO C    C N N 258 
PRO O    O N N 259 
PRO CB   C N N 260 
PRO CG   C N N 261 
PRO CD   C N N 262 
PRO OXT  O N N 263 
PRO H    H N N 264 
PRO HA   H N N 265 
PRO HB2  H N N 266 
PRO HB3  H N N 267 
PRO HG2  H N N 268 
PRO HG3  H N N 269 
PRO HD2  H N N 270 
PRO HD3  H N N 271 
PRO HXT  H N N 272 
SER N    N N N 273 
SER CA   C N S 274 
SER C    C N N 275 
SER O    O N N 276 
SER CB   C N N 277 
SER OG   O N N 278 
SER OXT  O N N 279 
SER H    H N N 280 
SER H2   H N N 281 
SER HA   H N N 282 
SER HB2  H N N 283 
SER HB3  H N N 284 
SER HG   H N N 285 
SER HXT  H N N 286 
THR N    N N N 287 
THR CA   C N S 288 
THR C    C N N 289 
THR O    O N N 290 
THR CB   C N R 291 
THR OG1  O N N 292 
THR CG2  C N N 293 
THR OXT  O N N 294 
THR H    H N N 295 
THR H2   H N N 296 
THR HA   H N N 297 
THR HB   H N N 298 
THR HG1  H N N 299 
THR HG21 H N N 300 
THR HG22 H N N 301 
THR HG23 H N N 302 
THR HXT  H N N 303 
TRP N    N N N 304 
TRP CA   C N S 305 
TRP C    C N N 306 
TRP O    O N N 307 
TRP CB   C N N 308 
TRP CG   C Y N 309 
TRP CD1  C Y N 310 
TRP CD2  C Y N 311 
TRP NE1  N Y N 312 
TRP CE2  C Y N 313 
TRP CE3  C Y N 314 
TRP CZ2  C Y N 315 
TRP CZ3  C Y N 316 
TRP CH2  C Y N 317 
TRP OXT  O N N 318 
TRP H    H N N 319 
TRP H2   H N N 320 
TRP HA   H N N 321 
TRP HB2  H N N 322 
TRP HB3  H N N 323 
TRP HD1  H N N 324 
TRP HE1  H N N 325 
TRP HE3  H N N 326 
TRP HZ2  H N N 327 
TRP HZ3  H N N 328 
TRP HH2  H N N 329 
TRP HXT  H N N 330 
TYR N    N N N 331 
TYR CA   C N S 332 
TYR C    C N N 333 
TYR O    O N N 334 
TYR CB   C N N 335 
TYR CG   C Y N 336 
TYR CD1  C Y N 337 
TYR CD2  C Y N 338 
TYR CE1  C Y N 339 
TYR CE2  C Y N 340 
TYR CZ   C Y N 341 
TYR OH   O N N 342 
TYR OXT  O N N 343 
TYR H    H N N 344 
TYR H2   H N N 345 
TYR HA   H N N 346 
TYR HB2  H N N 347 
TYR HB3  H N N 348 
TYR HD1  H N N 349 
TYR HD2  H N N 350 
TYR HE1  H N N 351 
TYR HE2  H N N 352 
TYR HH   H N N 353 
TYR HXT  H N N 354 
VAL N    N N N 355 
VAL CA   C N S 356 
VAL C    C N N 357 
VAL O    O N N 358 
VAL CB   C N N 359 
VAL CG1  C N N 360 
VAL CG2  C N N 361 
VAL OXT  O N N 362 
VAL H    H N N 363 
VAL H2   H N N 364 
VAL HA   H N N 365 
VAL HB   H N N 366 
VAL HG11 H N N 367 
VAL HG12 H N N 368 
VAL HG13 H N N 369 
VAL HG21 H N N 370 
VAL HG22 H N N 371 
VAL HG23 H N N 372 
VAL HXT  H N N 373 
# 
loop_
_chem_comp_bond.comp_id 
_chem_comp_bond.atom_id_1 
_chem_comp_bond.atom_id_2 
_chem_comp_bond.value_order 
_chem_comp_bond.pdbx_aromatic_flag 
_chem_comp_bond.pdbx_stereo_config 
_chem_comp_bond.pdbx_ordinal 
ALA N   CA   sing N N 1   
ALA N   H    sing N N 2   
ALA N   H2   sing N N 3   
ALA CA  C    sing N N 4   
ALA CA  CB   sing N N 5   
ALA CA  HA   sing N N 6   
ALA C   O    doub N N 7   
ALA C   OXT  sing N N 8   
ALA CB  HB1  sing N N 9   
ALA CB  HB2  sing N N 10  
ALA CB  HB3  sing N N 11  
ALA OXT HXT  sing N N 12  
ARG N   CA   sing N N 13  
ARG N   H    sing N N 14  
ARG N   H2   sing N N 15  
ARG CA  C    sing N N 16  
ARG CA  CB   sing N N 17  
ARG CA  HA   sing N N 18  
ARG C   O    doub N N 19  
ARG C   OXT  sing N N 20  
ARG CB  CG   sing N N 21  
ARG CB  HB2  sing N N 22  
ARG CB  HB3  sing N N 23  
ARG CG  CD   sing N N 24  
ARG CG  HG2  sing N N 25  
ARG CG  HG3  sing N N 26  
ARG CD  NE   sing N N 27  
ARG CD  HD2  sing N N 28  
ARG CD  HD3  sing N N 29  
ARG NE  CZ   sing N N 30  
ARG NE  HE   sing N N 31  
ARG CZ  NH1  sing N N 32  
ARG CZ  NH2  doub N N 33  
ARG NH1 HH11 sing N N 34  
ARG NH1 HH12 sing N N 35  
ARG NH2 HH21 sing N N 36  
ARG NH2 HH22 sing N N 37  
ARG OXT HXT  sing N N 38  
ASN N   CA   sing N N 39  
ASN N   H    sing N N 40  
ASN N   H2   sing N N 41  
ASN CA  C    sing N N 42  
ASN CA  CB   sing N N 43  
ASN CA  HA   sing N N 44  
ASN C   O    doub N N 45  
ASN C   OXT  sing N N 46  
ASN CB  CG   sing N N 47  
ASN CB  HB2  sing N N 48  
ASN CB  HB3  sing N N 49  
ASN CG  OD1  doub N N 50  
ASN CG  ND2  sing N N 51  
ASN ND2 HD21 sing N N 52  
ASN ND2 HD22 sing N N 53  
ASN OXT HXT  sing N N 54  
ASP N   CA   sing N N 55  
ASP N   H    sing N N 56  
ASP N   H2   sing N N 57  
ASP CA  C    sing N N 58  
ASP CA  CB   sing N N 59  
ASP CA  HA   sing N N 60  
ASP C   O    doub N N 61  
ASP C   OXT  sing N N 62  
ASP CB  CG   sing N N 63  
ASP CB  HB2  sing N N 64  
ASP CB  HB3  sing N N 65  
ASP CG  OD1  doub N N 66  
ASP CG  OD2  sing N N 67  
ASP OD2 HD2  sing N N 68  
ASP OXT HXT  sing N N 69  
GLN N   CA   sing N N 70  
GLN N   H    sing N N 71  
GLN N   H2   sing N N 72  
GLN CA  C    sing N N 73  
GLN CA  CB   sing N N 74  
GLN CA  HA   sing N N 75  
GLN C   O    doub N N 76  
GLN C   OXT  sing N N 77  
GLN CB  CG   sing N N 78  
GLN CB  HB2  sing N N 79  
GLN CB  HB3  sing N N 80  
GLN CG  CD   sing N N 81  
GLN CG  HG2  sing N N 82  
GLN CG  HG3  sing N N 83  
GLN CD  OE1  doub N N 84  
GLN CD  NE2  sing N N 85  
GLN NE2 HE21 sing N N 86  
GLN NE2 HE22 sing N N 87  
GLN OXT HXT  sing N N 88  
GLU N   CA   sing N N 89  
GLU N   H    sing N N 90  
GLU N   H2   sing N N 91  
GLU CA  C    sing N N 92  
GLU CA  CB   sing N N 93  
GLU CA  HA   sing N N 94  
GLU C   O    doub N N 95  
GLU C   OXT  sing N N 96  
GLU CB  CG   sing N N 97  
GLU CB  HB2  sing N N 98  
GLU CB  HB3  sing N N 99  
GLU CG  CD   sing N N 100 
GLU CG  HG2  sing N N 101 
GLU CG  HG3  sing N N 102 
GLU CD  OE1  doub N N 103 
GLU CD  OE2  sing N N 104 
GLU OE2 HE2  sing N N 105 
GLU OXT HXT  sing N N 106 
GLY N   CA   sing N N 107 
GLY N   H    sing N N 108 
GLY N   H2   sing N N 109 
GLY CA  C    sing N N 110 
GLY CA  HA2  sing N N 111 
GLY CA  HA3  sing N N 112 
GLY C   O    doub N N 113 
GLY C   OXT  sing N N 114 
GLY OXT HXT  sing N N 115 
HIS N   CA   sing N N 116 
HIS N   H    sing N N 117 
HIS N   H2   sing N N 118 
HIS CA  C    sing N N 119 
HIS CA  CB   sing N N 120 
HIS CA  HA   sing N N 121 
HIS C   O    doub N N 122 
HIS C   OXT  sing N N 123 
HIS CB  CG   sing N N 124 
HIS CB  HB2  sing N N 125 
HIS CB  HB3  sing N N 126 
HIS CG  ND1  sing Y N 127 
HIS CG  CD2  doub Y N 128 
HIS ND1 CE1  doub Y N 129 
HIS ND1 HD1  sing N N 130 
HIS CD2 NE2  sing Y N 131 
HIS CD2 HD2  sing N N 132 
HIS CE1 NE2  sing Y N 133 
HIS CE1 HE1  sing N N 134 
HIS NE2 HE2  sing N N 135 
HIS OXT HXT  sing N N 136 
ILE N   CA   sing N N 137 
ILE N   H    sing N N 138 
ILE N   H2   sing N N 139 
ILE CA  C    sing N N 140 
ILE CA  CB   sing N N 141 
ILE CA  HA   sing N N 142 
ILE C   O    doub N N 143 
ILE C   OXT  sing N N 144 
ILE CB  CG1  sing N N 145 
ILE CB  CG2  sing N N 146 
ILE CB  HB   sing N N 147 
ILE CG1 CD1  sing N N 148 
ILE CG1 HG12 sing N N 149 
ILE CG1 HG13 sing N N 150 
ILE CG2 HG21 sing N N 151 
ILE CG2 HG22 sing N N 152 
ILE CG2 HG23 sing N N 153 
ILE CD1 HD11 sing N N 154 
ILE CD1 HD12 sing N N 155 
ILE CD1 HD13 sing N N 156 
ILE OXT HXT  sing N N 157 
LEU N   CA   sing N N 158 
LEU N   H    sing N N 159 
LEU N   H2   sing N N 160 
LEU CA  C    sing N N 161 
LEU CA  CB   sing N N 162 
LEU CA  HA   sing N N 163 
LEU C   O    doub N N 164 
LEU C   OXT  sing N N 165 
LEU CB  CG   sing N N 166 
LEU CB  HB2  sing N N 167 
LEU CB  HB3  sing N N 168 
LEU CG  CD1  sing N N 169 
LEU CG  CD2  sing N N 170 
LEU CG  HG   sing N N 171 
LEU CD1 HD11 sing N N 172 
LEU CD1 HD12 sing N N 173 
LEU CD1 HD13 sing N N 174 
LEU CD2 HD21 sing N N 175 
LEU CD2 HD22 sing N N 176 
LEU CD2 HD23 sing N N 177 
LEU OXT HXT  sing N N 178 
LYS N   CA   sing N N 179 
LYS N   H    sing N N 180 
LYS N   H2   sing N N 181 
LYS CA  C    sing N N 182 
LYS CA  CB   sing N N 183 
LYS CA  HA   sing N N 184 
LYS C   O    doub N N 185 
LYS C   OXT  sing N N 186 
LYS CB  CG   sing N N 187 
LYS CB  HB2  sing N N 188 
LYS CB  HB3  sing N N 189 
LYS CG  CD   sing N N 190 
LYS CG  HG2  sing N N 191 
LYS CG  HG3  sing N N 192 
LYS CD  CE   sing N N 193 
LYS CD  HD2  sing N N 194 
LYS CD  HD3  sing N N 195 
LYS CE  NZ   sing N N 196 
LYS CE  HE2  sing N N 197 
LYS CE  HE3  sing N N 198 
LYS NZ  HZ1  sing N N 199 
LYS NZ  HZ2  sing N N 200 
LYS NZ  HZ3  sing N N 201 
LYS OXT HXT  sing N N 202 
MET N   CA   sing N N 203 
MET N   H    sing N N 204 
MET N   H2   sing N N 205 
MET CA  C    sing N N 206 
MET CA  CB   sing N N 207 
MET CA  HA   sing N N 208 
MET C   O    doub N N 209 
MET C   OXT  sing N N 210 
MET CB  CG   sing N N 211 
MET CB  HB2  sing N N 212 
MET CB  HB3  sing N N 213 
MET CG  SD   sing N N 214 
MET CG  HG2  sing N N 215 
MET CG  HG3  sing N N 216 
MET SD  CE   sing N N 217 
MET CE  HE1  sing N N 218 
MET CE  HE2  sing N N 219 
MET CE  HE3  sing N N 220 
MET OXT HXT  sing N N 221 
PHE N   CA   sing N N 222 
PHE N   H    sing N N 223 
PHE N   H2   sing N N 224 
PHE CA  C    sing N N 225 
PHE CA  CB   sing N N 226 
PHE CA  HA   sing N N 227 
PHE C   O    doub N N 228 
PHE C   OXT  sing N N 229 
PHE CB  CG   sing N N 230 
PHE CB  HB2  sing N N 231 
PHE CB  HB3  sing N N 232 
PHE CG  CD1  doub Y N 233 
PHE CG  CD2  sing Y N 234 
PHE CD1 CE1  sing Y N 235 
PHE CD1 HD1  sing N N 236 
PHE CD2 CE2  doub Y N 237 
PHE CD2 HD2  sing N N 238 
PHE CE1 CZ   doub Y N 239 
PHE CE1 HE1  sing N N 240 
PHE CE2 CZ   sing Y N 241 
PHE CE2 HE2  sing N N 242 
PHE CZ  HZ   sing N N 243 
PHE OXT HXT  sing N N 244 
PRO N   CA   sing N N 245 
PRO N   CD   sing N N 246 
PRO N   H    sing N N 247 
PRO CA  C    sing N N 248 
PRO CA  CB   sing N N 249 
PRO CA  HA   sing N N 250 
PRO C   O    doub N N 251 
PRO C   OXT  sing N N 252 
PRO CB  CG   sing N N 253 
PRO CB  HB2  sing N N 254 
PRO CB  HB3  sing N N 255 
PRO CG  CD   sing N N 256 
PRO CG  HG2  sing N N 257 
PRO CG  HG3  sing N N 258 
PRO CD  HD2  sing N N 259 
PRO CD  HD3  sing N N 260 
PRO OXT HXT  sing N N 261 
SER N   CA   sing N N 262 
SER N   H    sing N N 263 
SER N   H2   sing N N 264 
SER CA  C    sing N N 265 
SER CA  CB   sing N N 266 
SER CA  HA   sing N N 267 
SER C   O    doub N N 268 
SER C   OXT  sing N N 269 
SER CB  OG   sing N N 270 
SER CB  HB2  sing N N 271 
SER CB  HB3  sing N N 272 
SER OG  HG   sing N N 273 
SER OXT HXT  sing N N 274 
THR N   CA   sing N N 275 
THR N   H    sing N N 276 
THR N   H2   sing N N 277 
THR CA  C    sing N N 278 
THR CA  CB   sing N N 279 
THR CA  HA   sing N N 280 
THR C   O    doub N N 281 
THR C   OXT  sing N N 282 
THR CB  OG1  sing N N 283 
THR CB  CG2  sing N N 284 
THR CB  HB   sing N N 285 
THR OG1 HG1  sing N N 286 
THR CG2 HG21 sing N N 287 
THR CG2 HG22 sing N N 288 
THR CG2 HG23 sing N N 289 
THR OXT HXT  sing N N 290 
TRP N   CA   sing N N 291 
TRP N   H    sing N N 292 
TRP N   H2   sing N N 293 
TRP CA  C    sing N N 294 
TRP CA  CB   sing N N 295 
TRP CA  HA   sing N N 296 
TRP C   O    doub N N 297 
TRP C   OXT  sing N N 298 
TRP CB  CG   sing N N 299 
TRP CB  HB2  sing N N 300 
TRP CB  HB3  sing N N 301 
TRP CG  CD1  doub Y N 302 
TRP CG  CD2  sing Y N 303 
TRP CD1 NE1  sing Y N 304 
TRP CD1 HD1  sing N N 305 
TRP CD2 CE2  doub Y N 306 
TRP CD2 CE3  sing Y N 307 
TRP NE1 CE2  sing Y N 308 
TRP NE1 HE1  sing N N 309 
TRP CE2 CZ2  sing Y N 310 
TRP CE3 CZ3  doub Y N 311 
TRP CE3 HE3  sing N N 312 
TRP CZ2 CH2  doub Y N 313 
TRP CZ2 HZ2  sing N N 314 
TRP CZ3 CH2  sing Y N 315 
TRP CZ3 HZ3  sing N N 316 
TRP CH2 HH2  sing N N 317 
TRP OXT HXT  sing N N 318 
TYR N   CA   sing N N 319 
TYR N   H    sing N N 320 
TYR N   H2   sing N N 321 
TYR CA  C    sing N N 322 
TYR CA  CB   sing N N 323 
TYR CA  HA   sing N N 324 
TYR C   O    doub N N 325 
TYR C   OXT  sing N N 326 
TYR CB  CG   sing N N 327 
TYR CB  HB2  sing N N 328 
TYR CB  HB3  sing N N 329 
TYR CG  CD1  doub Y N 330 
TYR CG  CD2  sing Y N 331 
TYR CD1 CE1  sing Y N 332 
TYR CD1 HD1  sing N N 333 
TYR CD2 CE2  doub Y N 334 
TYR CD2 HD2  sing N N 335 
TYR CE1 CZ   doub Y N 336 
TYR CE1 HE1  sing N N 337 
TYR CE2 CZ   sing Y N 338 
TYR CE2 HE2  sing N N 339 
TYR CZ  OH   sing N N 340 
TYR OH  HH   sing N N 341 
TYR OXT HXT  sing N N 342 
VAL N   CA   sing N N 343 
VAL N   H    sing N N 344 
VAL N   H2   sing N N 345 
VAL CA  C    sing N N 346 
VAL CA  CB   sing N N 347 
VAL CA  HA   sing N N 348 
VAL C   O    doub N N 349 
VAL C   OXT  sing N N 350 
VAL CB  CG1  sing N N 351 
VAL CB  CG2  sing N N 352 
VAL CB  HB   sing N N 353 
VAL CG1 HG11 sing N N 354 
VAL CG1 HG12 sing N N 355 
VAL CG1 HG13 sing N N 356 
VAL CG2 HG21 sing N N 357 
VAL CG2 HG22 sing N N 358 
VAL CG2 HG23 sing N N 359 
VAL OXT HXT  sing N N 360 
# 
_em_ctf_correction.details                  ? 
_em_ctf_correction.em_image_processing_id   1 
_em_ctf_correction.id                       1 
_em_ctf_correction.type                     NONE 
# 
_em_entity_assembly_naturalsource.cell                 ? 
_em_entity_assembly_naturalsource.cellular_location    ? 
_em_entity_assembly_naturalsource.entity_assembly_id   1 
_em_entity_assembly_naturalsource.id                   1 
_em_entity_assembly_naturalsource.ncbi_tax_id          130704 
_em_entity_assembly_naturalsource.organism             'Bombus ignitus' 
_em_entity_assembly_naturalsource.organelle            ? 
_em_entity_assembly_naturalsource.organ                ? 
_em_entity_assembly_naturalsource.strain               ? 
_em_entity_assembly_naturalsource.tissue               ? 
# 
_em_image_processing.details              ? 
_em_image_processing.id                   1 
_em_image_processing.image_recording_id   1 
# 
_em_image_recording.average_exposure_time               ? 
_em_image_recording.avg_electron_dose_per_subtomogram   ? 
_em_image_recording.avg_electron_dose_per_image         60 
_em_image_recording.details                             ? 
_em_image_recording.detector_mode                       ? 
_em_image_recording.film_or_detector_model              'GATAN K3 BIOQUANTUM (6k x 4k)' 
_em_image_recording.id                                  1 
_em_image_recording.imaging_id                          1 
_em_image_recording.num_diffraction_images              ? 
_em_image_recording.num_grids_imaged                    ? 
_em_image_recording.num_real_images                     ? 
# 
_em_particle_selection.details                  ? 
_em_particle_selection.id                       1 
_em_particle_selection.image_processing_id      1 
_em_particle_selection.method                   ? 
_em_particle_selection.num_particles_selected   11000 
_em_particle_selection.reference_model          ? 
# 
loop_
_em_software.category 
_em_software.details 
_em_software.id 
_em_software.image_processing_id 
_em_software.fitting_id 
_em_software.imaging_id 
_em_software.name 
_em_software.version 
'PARTICLE SELECTION'       ? 1  1 ? ? ?      ? 
'IMAGE ACQUISITION'        ? 2  ? ? 1 ?      ? 
MASKING                    ? 3  ? ? ? ?      ? 
'CTF CORRECTION'           ? 4  1 ? ? ?      ? 
'LAYERLINE INDEXING'       ? 5  ? ? ? ?      ? 
'DIFFRACTION INDEXING'     ? 6  ? ? ? ?      ? 
'MODEL FITTING'            ? 7  ? 1 ? ?      ? 
OTHER                      ? 8  ? ? ? ?      ? 
'INITIAL EULER ASSIGNMENT' ? 9  1 ? ? ?      ? 
'FINAL EULER ASSIGNMENT'   ? 10 1 ? ? ?      ? 
CLASSIFICATION             ? 11 1 ? ? ?      ? 
RECONSTRUCTION             ? 12 1 ? ? ?      ? 
'MODEL REFINEMENT'         ? 13 ? 1 ? PHENIX ? 
# 
_em_specimen.concentration           ? 
_em_specimen.details                 ? 
_em_specimen.embedding_applied       NO 
_em_specimen.experiment_id           1 
_em_specimen.id                      1 
_em_specimen.shadowing_applied       NO 
_em_specimen.staining_applied        NO 
_em_specimen.vitrification_applied   YES 
# 
loop_
_pdbx_audit_support.funding_organization 
_pdbx_audit_support.country 
_pdbx_audit_support.grant_number 
_pdbx_audit_support.ordinal 
'Japan Society for the Promotion of Science (JSPS)'                                                               Japan           
19K06777       1 
'National Institutes of Health/National Institute of General Medical Sciences (NIH/NIGMS)'                        'United States' 
'R01 GM030598' 2 
'National Institutes of Health/National Institute of General Medical Sciences (NIH/NIGMS)'                        'United States' 
'R35 GM139616' 3 
'National Institutes of Health/National Institute of Arthritis and Musculoskeletal and Skin Diseases (NIH/NIAMS)' 'United States' 
'R21 AR077802' 4 
'National Institutes of Health/National Heart, Lung, and Blood Institute (NIH/NHLBI)'                             'United States' 
'R01 HL157487' 5 
'National Institutes of Health/National Institute of General Medical Sciences (NIH/NIGMS)'                        'United States' 
'U24 GM116788' 6 
'American Heart Association'                                                                                      'United States' 
20PRE35120273  7 
# 
_atom_sites.entry_id                    8EW5 
_atom_sites.Cartn_transf_matrix[1][1]   ? 
_atom_sites.Cartn_transf_matrix[1][2]   ? 
_atom_sites.Cartn_transf_matrix[1][3]   ? 
_atom_sites.Cartn_transf_matrix[2][1]   ? 
_atom_sites.Cartn_transf_matrix[2][2]   ? 
_atom_sites.Cartn_transf_matrix[2][3]   ? 
_atom_sites.Cartn_transf_matrix[3][1]   ? 
_atom_sites.Cartn_transf_matrix[3][2]   ? 
_atom_sites.Cartn_transf_matrix[3][3]   ? 
_atom_sites.Cartn_transf_vector[1]      ? 
_atom_sites.Cartn_transf_vector[2]      ? 
_atom_sites.Cartn_transf_vector[3]      ? 
_atom_sites.fract_transf_matrix[1][1]   1.000000 
_atom_sites.fract_transf_matrix[1][2]   0.000000 
_atom_sites.fract_transf_matrix[1][3]   0.000000 
_atom_sites.fract_transf_matrix[2][1]   0.000000 
_atom_sites.fract_transf_matrix[2][2]   1.000000 
_atom_sites.fract_transf_matrix[2][3]   0.000000 
_atom_sites.fract_transf_matrix[3][1]   0.000000 
_atom_sites.fract_transf_matrix[3][2]   0.000000 
_atom_sites.fract_transf_matrix[3][3]   1.000000 
_atom_sites.fract_transf_vector[1]      0.00000 
_atom_sites.fract_transf_vector[2]      0.00000 
_atom_sites.fract_transf_vector[3]      0.00000 
_atom_sites.solution_primary            ? 
_atom_sites.solution_secondary          ? 
_atom_sites.solution_hydrogens          ? 
_atom_sites.special_details             ? 
# 
loop_
_atom_type.symbol 
C 
N 
O 
S 
# 
loop_
_atom_site.group_PDB 
_atom_site.id 
_atom_site.type_symbol 
_atom_site.label_atom_id 
_atom_site.label_alt_id 
_atom_site.label_comp_id 
_atom_site.label_asym_id 
_atom_site.label_entity_id 
_atom_site.label_seq_id 
_atom_site.pdbx_PDB_ins_code 
_atom_site.Cartn_x 
_atom_site.Cartn_y 
_atom_site.Cartn_z 
_atom_site.occupancy 
_atom_site.B_iso_or_equiv 
_atom_site.pdbx_formal_charge 
_atom_site.auth_seq_id 
_atom_site.auth_comp_id 
_atom_site.auth_asym_id 
_atom_site.auth_atom_id 
_atom_site.pdbx_PDB_model_num 
ATOM 1    N N   . ILE A 1 42  ? -60.521 3.822   35.613  1.00 125.46 ? 41  ILE A N   1 
ATOM 2    C CA  . ILE A 1 42  ? -59.100 4.137   35.535  1.00 125.46 ? 41  ILE A CA  1 
ATOM 3    C C   . ILE A 1 42  ? -58.904 5.532   34.959  1.00 125.46 ? 41  ILE A C   1 
ATOM 4    O O   . ILE A 1 42  ? -59.239 5.788   33.802  1.00 125.46 ? 41  ILE A O   1 
ATOM 5    C CB  . ILE A 1 42  ? -58.344 3.093   34.702  1.00 125.46 ? 41  ILE A CB  1 
ATOM 6    C CG1 . ILE A 1 42  ? -58.424 1.721   35.373  1.00 125.46 ? 41  ILE A CG1 1 
ATOM 7    C CG2 . ILE A 1 42  ? -56.897 3.520   34.505  1.00 125.46 ? 41  ILE A CG2 1 
ATOM 8    C CD1 . ILE A 1 42  ? -57.965 0.582   34.490  1.00 125.46 ? 41  ILE A CD1 1 
ATOM 9    N N   . LYS A 1 43  ? -58.360 6.434   35.775  1.00 131.57 ? 42  LYS A N   1 
ATOM 10   C CA  . LYS A 1 43  ? -58.204 7.827   35.371  1.00 131.57 ? 42  LYS A CA  1 
ATOM 11   C C   . LYS A 1 43  ? -56.763 8.295   35.535  1.00 131.57 ? 42  LYS A C   1 
ATOM 12   O O   . LYS A 1 43  ? -55.880 7.503   35.878  1.00 131.57 ? 42  LYS A O   1 
ATOM 13   C CB  . LYS A 1 43  ? -59.148 8.724   36.176  1.00 131.57 ? 42  LYS A CB  1 
ATOM 14   C CG  . LYS A 1 43  ? -60.577 8.795   35.641  1.00 131.57 ? 42  LYS A CG  1 
ATOM 15   C CD  . LYS A 1 43  ? -61.366 7.522   35.914  1.00 131.57 ? 42  LYS A CD  1 
ATOM 16   C CE  . LYS A 1 43  ? -61.664 7.350   37.393  1.00 131.57 ? 42  LYS A CE  1 
ATOM 17   N NZ  . LYS A 1 43  ? -62.488 6.137   37.650  1.00 131.57 ? 42  LYS A NZ  1 
ATOM 18   N N   . LEU A 1 44  ? -56.526 9.583   35.263  1.00 139.39 ? 43  LEU A N   1 
ATOM 19   C CA  . LEU A 1 44  ? -55.210 10.214  35.400  1.00 139.39 ? 43  LEU A CA  1 
ATOM 20   C C   . LEU A 1 44  ? -54.193 9.631   34.414  1.00 139.39 ? 43  LEU A C   1 
ATOM 21   O O   . LEU A 1 44  ? -53.108 9.194   34.800  1.00 139.39 ? 43  LEU A O   1 
ATOM 22   C CB  . LEU A 1 44  ? -54.694 10.116  36.838  1.00 139.39 ? 43  LEU A CB  1 
ATOM 23   C CG  . LEU A 1 44  ? -55.484 10.869  37.910  1.00 139.39 ? 43  LEU A CG  1 
ATOM 24   C CD1 . LEU A 1 44  ? -54.942 10.548  39.294  1.00 139.39 ? 43  LEU A CD1 1 
ATOM 25   C CD2 . LEU A 1 44  ? -55.446 12.367  37.652  1.00 139.39 ? 43  LEU A CD2 1 
ATOM 26   N N   . GLU A 1 45  ? -54.548 9.632   33.130  1.00 134.96 ? 44  GLU A N   1 
ATOM 27   C CA  . GLU A 1 45  ? -53.630 9.202   32.083  1.00 134.96 ? 44  GLU A CA  1 
ATOM 28   C C   . GLU A 1 45  ? -52.749 10.371  31.660  1.00 134.96 ? 44  GLU A C   1 
ATOM 29   O O   . GLU A 1 45  ? -53.231 11.499  31.514  1.00 134.96 ? 44  GLU A O   1 
ATOM 30   C CB  . GLU A 1 45  ? -54.371 8.651   30.858  1.00 134.96 ? 44  GLU A CB  1 
ATOM 31   C CG  . GLU A 1 45  ? -55.109 7.313   31.037  1.00 134.96 ? 44  GLU A CG  1 
ATOM 32   C CD  . GLU A 1 45  ? -56.132 7.302   32.159  1.00 134.96 ? 44  GLU A CD  1 
ATOM 33   O OE1 . GLU A 1 45  ? -56.439 8.378   32.708  1.00 134.96 ? 44  GLU A OE1 1 
ATOM 34   O OE2 . GLU A 1 45  ? -56.624 6.205   32.500  1.00 134.96 ? 44  GLU A OE2 1 
ATOM 35   N N   . LYS A 1 46  ? -51.463 10.097  31.468  1.00 134.80 ? 45  LYS A N   1 
ATOM 36   C CA  . LYS A 1 46  ? -50.508 11.078  30.976  1.00 134.80 ? 45  LYS A CA  1 
ATOM 37   C C   . LYS A 1 46  ? -49.883 10.569  29.686  1.00 134.80 ? 45  LYS A C   1 
ATOM 38   O O   . LYS A 1 46  ? -49.513 9.394   29.587  1.00 134.80 ? 45  LYS A O   1 
ATOM 39   C CB  . LYS A 1 46  ? -49.413 11.372  32.009  1.00 134.80 ? 45  LYS A CB  1 
ATOM 40   C CG  . LYS A 1 46  ? -49.816 12.359  33.097  1.00 134.80 ? 45  LYS A CG  1 
ATOM 41   C CD  . LYS A 1 46  ? -50.778 11.748  34.103  1.00 134.80 ? 45  LYS A CD  1 
ATOM 42   C CE  . LYS A 1 46  ? -51.086 12.728  35.225  1.00 134.80 ? 45  LYS A CE  1 
ATOM 43   N NZ  . LYS A 1 46  ? -52.118 12.203  36.162  1.00 134.80 ? 45  LYS A NZ  1 
ATOM 44   N N   . ILE A 1 47  ? -49.769 11.454  28.700  1.00 145.26 ? 46  ILE A N   1 
ATOM 45   C CA  . ILE A 1 47  ? -49.278 11.092  27.378  1.00 145.26 ? 46  ILE A CA  1 
ATOM 46   C C   . ILE A 1 47  ? -48.132 12.021  27.002  1.00 145.26 ? 46  ILE A C   1 
ATOM 47   O O   . ILE A 1 47  ? -48.039 13.154  27.483  1.00 145.26 ? 46  ILE A O   1 
ATOM 48   C CB  . ILE A 1 47  ? -50.400 11.151  26.314  1.00 145.26 ? 46  ILE A CB  1 
ATOM 49   C CG1 . ILE A 1 47  ? -51.703 10.574  26.869  1.00 145.26 ? 46  ILE A CG1 1 
ATOM 50   C CG2 . ILE A 1 47  ? -50.001 10.389  25.058  1.00 145.26 ? 46  ILE A CG2 1 
ATOM 51   C CD1 . ILE A 1 47  ? -52.892 10.761  25.953  1.00 145.26 ? 46  ILE A CD1 1 
ATOM 52   N N   . GLU A 1 48  ? -47.257 11.527  26.136  1.00 151.70 ? 47  GLU A N   1 
ATOM 53   C CA  . GLU A 1 48  ? -46.153 12.271  25.557  1.00 151.70 ? 47  GLU A CA  1 
ATOM 54   C C   . GLU A 1 48  ? -46.412 12.467  24.068  1.00 151.70 ? 47  GLU A C   1 
ATOM 55   O O   . GLU A 1 48  ? -47.119 11.667  23.446  1.00 151.70 ? 47  GLU A O   1 
ATOM 56   C CB  . GLU A 1 48  ? -44.825 11.530  25.773  1.00 151.70 ? 47  GLU A CB  1 
ATOM 57   C CG  . GLU A 1 48  ? -44.273 11.655  27.187  1.00 151.70 ? 47  GLU A CG  1 
ATOM 58   C CD  . GLU A 1 48  ? -42.932 10.968  27.354  1.00 151.70 ? 47  GLU A CD  1 
ATOM 59   O OE1 . GLU A 1 48  ? -42.428 10.395  26.365  1.00 151.70 ? 47  GLU A OE1 1 
ATOM 60   O OE2 . GLU A 1 48  ? -42.383 10.998  28.475  1.00 151.70 ? 47  GLU A OE2 1 
ATOM 61   N N   . PRO A 1 49  ? -45.865 13.521  23.465  1.00 133.70 ? 48  PRO A N   1 
ATOM 62   C CA  . PRO A 1 49  ? -46.161 13.803  22.054  1.00 133.70 ? 48  PRO A CA  1 
ATOM 63   C C   . PRO A 1 49  ? -45.626 12.707  21.150  1.00 133.70 ? 48  PRO A C   1 
ATOM 64   O O   . PRO A 1 49  ? -44.407 12.507  21.046  1.00 133.70 ? 48  PRO A O   1 
ATOM 65   C CB  . PRO A 1 49  ? -45.447 15.137  21.803  1.00 133.70 ? 48  PRO A CB  1 
ATOM 66   C CG  . PRO A 1 49  ? -44.335 15.152  22.784  1.00 133.70 ? 48  PRO A CG  1 
ATOM 67   C CD  . PRO A 1 49  ? -44.859 14.451  24.008  1.00 133.70 ? 48  PRO A CD  1 
ATOM 68   N N   . PRO A 1 50  ? -46.511 11.976  20.476  1.00 112.91 ? 49  PRO A N   1 
ATOM 69   C CA  . PRO A 1 50  ? -46.074 10.807  19.709  1.00 112.91 ? 49  PRO A CA  1 
ATOM 70   C C   . PRO A 1 50  ? -45.615 11.179  18.310  1.00 112.91 ? 49  PRO A C   1 
ATOM 71   O O   . PRO A 1 50  ? -45.965 12.235  17.774  1.00 112.91 ? 49  PRO A O   1 
ATOM 72   C CB  . PRO A 1 50  ? -47.337 9.944   19.656  1.00 112.91 ? 49  PRO A CB  1 
ATOM 73   C CG  . PRO A 1 50  ? -48.438 10.954  19.614  1.00 112.91 ? 49  PRO A CG  1 
ATOM 74   C CD  . PRO A 1 50  ? -47.977 12.129  20.452  1.00 112.91 ? 49  PRO A CD  1 
ATOM 75   N N   . HIS A 1 51  ? -44.804 10.296  17.731  1.00 107.09 ? 50  HIS A N   1 
ATOM 76   C CA  . HIS A 1 51  ? -44.477 10.330  16.311  1.00 107.09 ? 50  HIS A CA  1 
ATOM 77   C C   . HIS A 1 51  ? -43.727 11.590  15.901  1.00 107.09 ? 50  HIS A C   1 
ATOM 78   O O   . HIS A 1 51  ? -42.531 11.530  15.599  1.00 107.09 ? 50  HIS A O   1 
ATOM 79   C CB  . HIS A 1 51  ? -45.749 10.197  15.472  1.00 107.09 ? 50  HIS A CB  1 
ATOM 80   C CG  . HIS A 1 51  ? -46.426 8.871   15.611  1.00 107.09 ? 50  HIS A CG  1 
ATOM 81   N ND1 . HIS A 1 51  ? -47.366 8.614   16.584  1.00 107.09 ? 50  HIS A ND1 1 
ATOM 82   C CD2 . HIS A 1 51  ? -46.296 7.726   14.900  1.00 107.09 ? 50  HIS A CD2 1 
ATOM 83   C CE1 . HIS A 1 51  ? -47.788 7.367   16.466  1.00 107.09 ? 50  HIS A CE1 1 
ATOM 84   N NE2 . HIS A 1 51  ? -47.155 6.806   15.452  1.00 107.09 ? 50  HIS A NE2 1 
ATOM 85   N N   . TYR A 1 52  ? -44.423 12.727  15.887  1.00 117.33 ? 51  TYR A N   1 
ATOM 86   C CA  . TYR A 1 52  ? -43.928 13.938  15.233  1.00 117.33 ? 51  TYR A CA  1 
ATOM 87   C C   . TYR A 1 52  ? -43.583 13.663  13.772  1.00 117.33 ? 51  TYR A C   1 
ATOM 88   O O   . TYR A 1 52  ? -42.602 14.182  13.236  1.00 117.33 ? 51  TYR A O   1 
ATOM 89   C CB  . TYR A 1 52  ? -42.728 14.535  15.971  1.00 117.33 ? 51  TYR A CB  1 
ATOM 90   C CG  . TYR A 1 52  ? -43.097 15.368  17.175  1.00 117.33 ? 51  TYR A CG  1 
ATOM 91   C CD1 . TYR A 1 52  ? -44.399 15.810  17.365  1.00 117.33 ? 51  TYR A CD1 1 
ATOM 92   C CD2 . TYR A 1 52  ? -42.137 15.732  18.110  1.00 117.33 ? 51  TYR A CD2 1 
ATOM 93   C CE1 . TYR A 1 52  ? -44.738 16.582  18.460  1.00 117.33 ? 51  TYR A CE1 1 
ATOM 94   C CE2 . TYR A 1 52  ? -42.467 16.502  19.209  1.00 117.33 ? 51  TYR A CE2 1 
ATOM 95   C CZ  . TYR A 1 52  ? -43.767 16.925  19.379  1.00 117.33 ? 51  TYR A CZ  1 
ATOM 96   O OH  . TYR A 1 52  ? -44.100 17.694  20.471  1.00 117.33 ? 51  TYR A OH  1 
ATOM 97   N N   . ASN A 1 53  ? -44.395 12.828  13.126  1.00 101.42 ? 52  ASN A N   1 
ATOM 98   C CA  . ASN A 1 53  ? -44.190 12.528  11.717  1.00 101.42 ? 52  ASN A CA  1 
ATOM 99   C C   . ASN A 1 53  ? -44.348 13.790  10.878  1.00 101.42 ? 52  ASN A C   1 
ATOM 100  O O   . ASN A 1 53  ? -45.228 14.620  11.118  1.00 101.42 ? 52  ASN A O   1 
ATOM 101  C CB  . ASN A 1 53  ? -45.170 11.453  11.253  1.00 101.42 ? 52  ASN A CB  1 
ATOM 102  C CG  . ASN A 1 53  ? -45.088 10.197  12.091  1.00 101.42 ? 52  ASN A CG  1 
ATOM 103  O OD1 . ASN A 1 53  ? -44.105 9.975   12.798  1.00 101.42 ? 52  ASN A OD1 1 
ATOM 104  N ND2 . ASN A 1 53  ? -46.122 9.368   12.024  1.00 101.42 ? 52  ASN A ND2 1 
ATOM 105  N N   . HIS A 1 54  ? -43.477 13.928  9.884   1.00 128.15 ? 53  HIS A N   1 
ATOM 106  C CA  . HIS A 1 54  ? -43.422 15.151  9.099   1.00 128.15 ? 53  HIS A CA  1 
ATOM 107  C C   . HIS A 1 54  ? -44.636 15.249  8.183   1.00 128.15 ? 53  HIS A C   1 
ATOM 108  O O   . HIS A 1 54  ? -44.916 14.342  7.394   1.00 128.15 ? 53  HIS A O   1 
ATOM 109  C CB  . HIS A 1 54  ? -42.127 15.181  8.291   1.00 128.15 ? 53  HIS A CB  1 
ATOM 110  C CG  . HIS A 1 54  ? -41.889 16.467  7.566   1.00 128.15 ? 53  HIS A CG  1 
ATOM 111  N ND1 . HIS A 1 54  ? -42.389 16.717  6.306   1.00 128.15 ? 53  HIS A ND1 1 
ATOM 112  C CD2 . HIS A 1 54  ? -41.199 17.576  7.926   1.00 128.15 ? 53  HIS A CD2 1 
ATOM 113  C CE1 . HIS A 1 54  ? -42.013 17.923  5.920   1.00 128.15 ? 53  HIS A CE1 1 
ATOM 114  N NE2 . HIS A 1 54  ? -41.294 18.467  6.885   1.00 128.15 ? 53  HIS A NE2 1 
ATOM 115  N N   . HIS A 1 55  ? -45.360 16.364  8.290   1.00 127.37 ? 54  HIS A N   1 
ATOM 116  C CA  . HIS A 1 55  ? -46.625 16.537  7.585   1.00 127.37 ? 54  HIS A CA  1 
ATOM 117  C C   . HIS A 1 55  ? -46.471 17.080  6.175   1.00 127.37 ? 54  HIS A C   1 
ATOM 118  O O   . HIS A 1 55  ? -47.342 16.836  5.335   1.00 127.37 ? 54  HIS A O   1 
ATOM 119  C CB  . HIS A 1 55  ? -47.548 17.472  8.371   1.00 127.37 ? 54  HIS A CB  1 
ATOM 120  C CG  . HIS A 1 55  ? -48.262 16.805  9.501   1.00 127.37 ? 54  HIS A CG  1 
ATOM 121  N ND1 . HIS A 1 55  ? -49.419 16.076  9.321   1.00 127.37 ? 54  HIS A ND1 1 
ATOM 122  C CD2 . HIS A 1 55  ? -47.989 16.755  10.825  1.00 127.37 ? 54  HIS A CD2 1 
ATOM 123  C CE1 . HIS A 1 55  ? -49.826 15.606  10.486  1.00 127.37 ? 54  HIS A CE1 1 
ATOM 124  N NE2 . HIS A 1 55  ? -48.975 16.004  11.416  1.00 127.37 ? 54  HIS A NE2 1 
ATOM 125  N N   . TRP A 1 56  ? -45.390 17.799  5.887   1.00 141.56 ? 55  TRP A N   1 
ATOM 126  C CA  . TRP A 1 56  ? -45.180 18.379  4.570   1.00 141.56 ? 55  TRP A CA  1 
ATOM 127  C C   . TRP A 1 56  ? -44.425 17.436  3.643   1.00 141.56 ? 55  TRP A C   1 
ATOM 128  O O   . TRP A 1 56  ? -43.674 17.899  2.777   1.00 141.56 ? 55  TRP A O   1 
ATOM 129  C CB  . TRP A 1 56  ? -44.440 19.714  4.690   1.00 141.56 ? 55  TRP A CB  1 
ATOM 130  C CG  . TRP A 1 56  ? -45.218 20.767  5.412   1.00 141.56 ? 55  TRP A CG  1 
ATOM 131  C CD1 . TRP A 1 56  ? -45.689 20.705  6.691   1.00 141.56 ? 55  TRP A CD1 1 
ATOM 132  C CD2 . TRP A 1 56  ? -45.608 22.046  4.904   1.00 141.56 ? 55  TRP A CD2 1 
ATOM 133  N NE1 . TRP A 1 56  ? -46.350 21.864  7.010   1.00 141.56 ? 55  TRP A NE1 1 
ATOM 134  C CE2 . TRP A 1 56  ? -46.316 22.705  5.928   1.00 141.56 ? 55  TRP A CE2 1 
ATOM 135  C CE3 . TRP A 1 56  ? -45.431 22.700  3.681   1.00 141.56 ? 55  TRP A CE3 1 
ATOM 136  C CZ2 . TRP A 1 56  ? -46.845 23.983  5.768   1.00 141.56 ? 55  TRP A CZ2 1 
ATOM 137  C CZ3 . TRP A 1 56  ? -45.957 23.970  3.524   1.00 141.56 ? 55  TRP A CZ3 1 
ATOM 138  C CH2 . TRP A 1 56  ? -46.656 24.598  4.561   1.00 141.56 ? 55  TRP A CH2 1 
ATOM 139  N N   . VAL A 1 57  ? -44.607 16.127  3.825   1.00 126.54 ? 56  VAL A N   1 
ATOM 140  C CA  . VAL A 1 57  ? -43.992 15.088  3.007   1.00 126.54 ? 56  VAL A CA  1 
ATOM 141  C C   . VAL A 1 57  ? -42.482 15.271  3.181   1.00 126.54 ? 56  VAL A C   1 
ATOM 142  O O   . VAL A 1 57  ? -41.993 15.298  4.316   1.00 126.54 ? 56  VAL A O   1 
ATOM 143  C CB  . VAL A 1 57  ? -44.495 15.168  1.545   1.00 126.54 ? 56  VAL A CB  1 
ATOM 144  C CG1 . VAL A 1 57  ? -43.827 14.147  0.604   1.00 126.54 ? 56  VAL A CG1 1 
ATOM 145  C CG2 . VAL A 1 57  ? -46.009 15.016  1.499   1.00 126.54 ? 56  VAL A CG2 1 
ATOM 146  N N   . ARG A 1 58  ? -41.737 15.417  2.084   1.00 92.11  ? 57  ARG A N   1 
ATOM 147  C CA  . ARG A 1 58  ? -40.283 15.536  2.101   1.00 92.11  ? 57  ARG A CA  1 
ATOM 148  C C   . ARG A 1 58  ? -39.635 14.437  2.940   1.00 92.11  ? 57  ARG A C   1 
ATOM 149  O O   . ARG A 1 58  ? -39.000 14.733  3.958   1.00 92.11  ? 57  ARG A O   1 
ATOM 150  C CB  . ARG A 1 58  ? -39.900 16.932  2.607   1.00 92.11  ? 57  ARG A CB  1 
ATOM 151  C CG  . ARG A 1 58  ? -38.431 17.315  2.486   1.00 92.11  ? 57  ARG A CG  1 
ATOM 152  C CD  . ARG A 1 58  ? -37.924 17.915  3.795   1.00 92.11  ? 57  ARG A CD  1 
ATOM 153  N NE  . ARG A 1 58  ? -37.794 16.948  4.876   1.00 92.11  ? 57  ARG A NE  1 
ATOM 154  C CZ  . ARG A 1 58  ? -36.759 16.132  5.029   1.00 92.11  ? 57  ARG A CZ  1 
ATOM 155  N NH1 . ARG A 1 58  ? -35.742 16.146  4.186   1.00 92.11  ? 57  ARG A NH1 1 
ATOM 156  N NH2 . ARG A 1 58  ? -36.748 15.283  6.052   1.00 92.11  ? 57  ARG A NH2 1 
ATOM 157  N N   . PRO A 1 59  ? -39.806 13.155  2.592   1.00 94.60  ? 58  PRO A N   1 
ATOM 158  C CA  . PRO A 1 59  ? -39.027 12.128  3.298   1.00 94.60  ? 58  PRO A CA  1 
ATOM 159  C C   . PRO A 1 59  ? -37.614 12.004  2.767   1.00 94.60  ? 58  PRO A C   1 
ATOM 160  O O   . PRO A 1 59  ? -36.669 11.831  3.548   1.00 94.60  ? 58  PRO A O   1 
ATOM 161  C CB  . PRO A 1 59  ? -39.831 10.844  3.052   1.00 94.60  ? 58  PRO A CB  1 
ATOM 162  C CG  . PRO A 1 59  ? -40.524 11.098  1.764   1.00 94.60  ? 58  PRO A CG  1 
ATOM 163  C CD  . PRO A 1 59  ? -40.852 12.556  1.743   1.00 94.60  ? 58  PRO A CD  1 
ATOM 164  N N   . LEU A 1 60  ? -37.454 12.089  1.445   1.00 90.21  ? 59  LEU A N   1 
ATOM 165  C CA  . LEU A 1 60  ? -36.190 11.906  0.743   1.00 90.21  ? 59  LEU A CA  1 
ATOM 166  C C   . LEU A 1 60  ? -35.586 10.527  0.977   1.00 90.21  ? 59  LEU A C   1 
ATOM 167  O O   . LEU A 1 60  ? -36.011 9.784   1.866   1.00 90.21  ? 59  LEU A O   1 
ATOM 168  C CB  . LEU A 1 60  ? -35.186 12.992  1.133   1.00 90.21  ? 59  LEU A CB  1 
ATOM 169  C CG  . LEU A 1 60  ? -35.565 14.408  0.699   1.00 90.21  ? 59  LEU A CG  1 
ATOM 170  C CD1 . LEU A 1 60  ? -34.579 15.425  1.249   1.00 90.21  ? 59  LEU A CD1 1 
ATOM 171  C CD2 . LEU A 1 60  ? -35.647 14.501  -0.818  1.00 90.21  ? 59  LEU A CD2 1 
ATOM 172  N N   . PHE A 1 61  ? -34.593 10.179  0.165   1.00 101.10 ? 60  PHE A N   1 
ATOM 173  C CA  . PHE A 1 61  ? -33.857 8.934   0.311   1.00 101.10 ? 60  PHE A CA  1 
ATOM 174  C C   . PHE A 1 61  ? -32.430 9.177   -0.145  1.00 101.10 ? 60  PHE A C   1 
ATOM 175  O O   . PHE A 1 61  ? -32.143 10.139  -0.862  1.00 101.10 ? 60  PHE A O   1 
ATOM 176  C CB  . PHE A 1 61  ? -34.488 7.793   -0.494  1.00 101.10 ? 60  PHE A CB  1 
ATOM 177  C CG  . PHE A 1 61  ? -35.836 7.370   0.006   1.00 101.10 ? 60  PHE A CG  1 
ATOM 178  C CD1 . PHE A 1 61  ? -35.947 6.521   1.094   1.00 101.10 ? 60  PHE A CD1 1 
ATOM 179  C CD2 . PHE A 1 61  ? -36.993 7.818   -0.611  1.00 101.10 ? 60  PHE A CD2 1 
ATOM 180  C CE1 . PHE A 1 61  ? -37.188 6.128   1.559   1.00 101.10 ? 60  PHE A CE1 1 
ATOM 181  C CE2 . PHE A 1 61  ? -38.236 7.428   -0.152  1.00 101.10 ? 60  PHE A CE2 1 
ATOM 182  C CZ  . PHE A 1 61  ? -38.333 6.582   0.936   1.00 101.10 ? 60  PHE A CZ  1 
ATOM 183  N N   . LEU A 1 62  ? -31.533 8.295   0.278   1.00 104.99 ? 61  LEU A N   1 
ATOM 184  C CA  . LEU A 1 62  ? -30.130 8.437   -0.063  1.00 104.99 ? 61  LEU A CA  1 
ATOM 185  C C   . LEU A 1 62  ? -29.469 7.071   -0.095  1.00 104.99 ? 61  LEU A C   1 
ATOM 186  O O   . LEU A 1 62  ? -29.645 6.264   0.822   1.00 104.99 ? 61  LEU A O   1 
ATOM 187  C CB  . LEU A 1 62  ? -29.412 9.351   0.936   1.00 104.99 ? 61  LEU A CB  1 
ATOM 188  C CG  . LEU A 1 62  ? -27.939 9.638   0.656   1.00 104.99 ? 61  LEU A CG  1 
ATOM 189  C CD1 . LEU A 1 62  ? -27.794 10.372  -0.664  1.00 104.99 ? 61  LEU A CD1 1 
ATOM 190  C CD2 . LEU A 1 62  ? -27.333 10.448  1.788   1.00 104.99 ? 61  LEU A CD2 1 
ATOM 191  N N   . ASN A 1 63  ? -28.715 6.815   -1.158  1.00 116.26 ? 62  ASN A N   1 
ATOM 192  C CA  . ASN A 1 63  ? -27.929 5.598   -1.238  1.00 116.26 ? 62  ASN A CA  1 
ATOM 193  C C   . ASN A 1 63  ? -26.715 5.698   -0.320  1.00 116.26 ? 62  ASN A C   1 
ATOM 194  O O   . ASN A 1 63  ? -26.275 6.786   0.057   1.00 116.26 ? 62  ASN A O   1 
ATOM 195  C CB  . ASN A 1 63  ? -27.487 5.333   -2.676  1.00 116.26 ? 62  ASN A CB  1 
ATOM 196  C CG  . ASN A 1 63  ? -26.999 3.914   -2.881  1.00 116.26 ? 62  ASN A CG  1 
ATOM 197  O OD1 . ASN A 1 63  ? -26.878 3.145   -1.928  1.00 116.26 ? 62  ASN A OD1 1 
ATOM 198  N ND2 . ASN A 1 63  ? -26.718 3.559   -4.129  1.00 116.26 ? 62  ASN A ND2 1 
ATOM 199  N N   . TYR A 1 64  ? -26.171 4.536   0.041   1.00 123.78 ? 63  TYR A N   1 
ATOM 200  C CA  . TYR A 1 64  ? -25.091 4.489   1.015   1.00 123.78 ? 63  TYR A CA  1 
ATOM 201  C C   . TYR A 1 64  ? -23.972 3.529   0.629   1.00 123.78 ? 63  TYR A C   1 
ATOM 202  O O   . TYR A 1 64  ? -23.174 3.156   1.498   1.00 123.78 ? 63  TYR A O   1 
ATOM 203  C CB  . TYR A 1 64  ? -25.650 4.114   2.391   1.00 123.78 ? 63  TYR A CB  1 
ATOM 204  C CG  . TYR A 1 64  ? -26.268 2.732   2.452   1.00 123.78 ? 63  TYR A CG  1 
ATOM 205  C CD1 . TYR A 1 64  ? -27.614 2.541   2.169   1.00 123.78 ? 63  TYR A CD1 1 
ATOM 206  C CD2 . TYR A 1 64  ? -25.510 1.623   2.806   1.00 123.78 ? 63  TYR A CD2 1 
ATOM 207  C CE1 . TYR A 1 64  ? -28.185 1.282   2.224   1.00 123.78 ? 63  TYR A CE1 1 
ATOM 208  C CE2 . TYR A 1 64  ? -26.073 0.361   2.864   1.00 123.78 ? 63  TYR A CE2 1 
ATOM 209  C CZ  . TYR A 1 64  ? -27.411 0.197   2.573   1.00 123.78 ? 63  TYR A CZ  1 
ATOM 210  O OH  . TYR A 1 64  ? -27.974 -1.056  2.631   1.00 123.78 ? 63  TYR A OH  1 
ATOM 211  N N   . ALA A 1 65  ? -23.871 3.133   -0.641  1.00 118.95 ? 64  ALA A N   1 
ATOM 212  C CA  . ALA A 1 65  ? -22.917 2.100   -1.029  1.00 118.95 ? 64  ALA A CA  1 
ATOM 213  C C   . ALA A 1 65  ? -21.482 2.606   -1.095  1.00 118.95 ? 64  ALA A C   1 
ATOM 214  O O   . ALA A 1 65  ? -20.568 1.801   -1.306  1.00 118.95 ? 64  ALA A O   1 
ATOM 215  C CB  . ALA A 1 65  ? -23.316 1.502   -2.379  1.00 118.95 ? 64  ALA A CB  1 
ATOM 216  N N   . TYR A 1 66  ? -21.257 3.911   -0.931  1.00 96.84  ? 65  TYR A N   1 
ATOM 217  C CA  . TYR A 1 66  ? -19.915 4.457   -1.102  1.00 96.84  ? 65  TYR A CA  1 
ATOM 218  C C   . TYR A 1 66  ? -18.952 3.917   -0.047  1.00 96.84  ? 65  TYR A C   1 
ATOM 219  O O   . TYR A 1 66  ? -17.804 3.580   -0.354  1.00 96.84  ? 65  TYR A O   1 
ATOM 220  C CB  . TYR A 1 66  ? -19.956 5.987   -1.065  1.00 96.84  ? 65  TYR A CB  1 
ATOM 221  C CG  . TYR A 1 66  ? -20.839 6.578   0.014   1.00 96.84  ? 65  TYR A CG  1 
ATOM 222  C CD1 . TYR A 1 66  ? -22.208 6.713   -0.171  1.00 96.84  ? 65  TYR A CD1 1 
ATOM 223  C CD2 . TYR A 1 66  ? -20.297 7.011   1.212   1.00 96.84  ? 65  TYR A CD2 1 
ATOM 224  C CE1 . TYR A 1 66  ? -23.008 7.256   0.812   1.00 96.84  ? 65  TYR A CE1 1 
ATOM 225  C CE2 . TYR A 1 66  ? -21.090 7.555   2.201   1.00 96.84  ? 65  TYR A CE2 1 
ATOM 226  C CZ  . TYR A 1 66  ? -22.445 7.674   1.996   1.00 96.84  ? 65  TYR A CZ  1 
ATOM 227  O OH  . TYR A 1 66  ? -23.237 8.216   2.980   1.00 96.84  ? 65  TYR A OH  1 
ATOM 228  N N   . TYR A 1 67  ? -19.403 3.826   1.203   1.00 115.50 ? 66  TYR A N   1 
ATOM 229  C CA  . TYR A 1 67  ? -18.527 3.425   2.299   1.00 115.50 ? 66  TYR A CA  1 
ATOM 230  C C   . TYR A 1 67  ? -18.818 2.028   2.828   1.00 115.50 ? 66  TYR A C   1 
ATOM 231  O O   . TYR A 1 67  ? -17.894 1.342   3.278   1.00 115.50 ? 66  TYR A O   1 
ATOM 232  C CB  . TYR A 1 67  ? -18.635 4.429   3.450   1.00 115.50 ? 66  TYR A CB  1 
ATOM 233  C CG  . TYR A 1 67  ? -17.961 3.977   4.727   1.00 115.50 ? 66  TYR A CG  1 
ATOM 234  C CD1 . TYR A 1 67  ? -16.582 4.025   4.863   1.00 115.50 ? 66  TYR A CD1 1 
ATOM 235  C CD2 . TYR A 1 67  ? -18.709 3.507   5.799   1.00 115.50 ? 66  TYR A CD2 1 
ATOM 236  C CE1 . TYR A 1 67  ? -15.962 3.614   6.026   1.00 115.50 ? 66  TYR A CE1 1 
ATOM 237  C CE2 . TYR A 1 67  ? -18.099 3.093   6.968   1.00 115.50 ? 66  TYR A CE2 1 
ATOM 238  C CZ  . TYR A 1 67  ? -16.726 3.148   7.077   1.00 115.50 ? 66  TYR A CZ  1 
ATOM 239  O OH  . TYR A 1 67  ? -16.112 2.739   8.238   1.00 115.50 ? 66  TYR A OH  1 
ATOM 240  N N   . LEU A 1 68  ? -20.080 1.596   2.813   1.00 115.61 ? 67  LEU A N   1 
ATOM 241  C CA  . LEU A 1 68  ? -20.409 0.289   3.374   1.00 115.61 ? 67  LEU A CA  1 
ATOM 242  C C   . LEU A 1 68  ? -19.729 -0.832  2.601   1.00 115.61 ? 67  LEU A C   1 
ATOM 243  O O   . LEU A 1 68  ? -19.174 -1.761  3.201   1.00 115.61 ? 67  LEU A O   1 
ATOM 244  C CB  . LEU A 1 68  ? -21.924 0.089   3.397   1.00 115.61 ? 67  LEU A CB  1 
ATOM 245  C CG  . LEU A 1 68  ? -22.682 0.565   4.641   1.00 115.61 ? 67  LEU A CG  1 
ATOM 246  C CD1 . LEU A 1 68  ? -22.227 -0.196  5.879   1.00 115.61 ? 67  LEU A CD1 1 
ATOM 247  C CD2 . LEU A 1 68  ? -22.547 2.069   4.850   1.00 115.61 ? 67  LEU A CD2 1 
ATOM 248  N N   . TYR A 1 69  ? -19.750 -0.761  1.269   1.00 119.64 ? 68  TYR A N   1 
ATOM 249  C CA  . TYR A 1 69  ? -19.156 -1.823  0.465   1.00 119.64 ? 68  TYR A CA  1 
ATOM 250  C C   . TYR A 1 69  ? -17.654 -1.915  0.703   1.00 119.64 ? 68  TYR A C   1 
ATOM 251  O O   . TYR A 1 69  ? -17.105 -3.007  0.862   1.00 119.64 ? 68  TYR A O   1 
ATOM 252  C CB  . TYR A 1 69  ? -19.451 -1.591  -1.014  1.00 119.64 ? 68  TYR A CB  1 
ATOM 253  C CG  . TYR A 1 69  ? -18.900 -2.673  -1.911  1.00 119.64 ? 68  TYR A CG  1 
ATOM 254  C CD1 . TYR A 1 69  ? -19.523 -3.910  -1.998  1.00 119.64 ? 68  TYR A CD1 1 
ATOM 255  C CD2 . TYR A 1 69  ? -17.750 -2.463  -2.657  1.00 119.64 ? 68  TYR A CD2 1 
ATOM 256  C CE1 . TYR A 1 69  ? -19.022 -4.905  -2.815  1.00 119.64 ? 68  TYR A CE1 1 
ATOM 257  C CE2 . TYR A 1 69  ? -17.239 -3.452  -3.476  1.00 119.64 ? 68  TYR A CE2 1 
ATOM 258  C CZ  . TYR A 1 69  ? -17.879 -4.673  -3.551  1.00 119.64 ? 68  TYR A CZ  1 
ATOM 259  O OH  . TYR A 1 69  ? -17.373 -5.659  -4.366  1.00 119.64 ? 68  TYR A OH  1 
ATOM 260  N N   . GLU A 1 70  ? -16.977 -0.768  0.748   1.00 102.68 ? 69  GLU A N   1 
ATOM 261  C CA  . GLU A 1 70  ? -15.532 -0.767  0.931   1.00 102.68 ? 69  GLU A CA  1 
ATOM 262  C C   . GLU A 1 70  ? -15.120 -1.254  2.314   1.00 102.68 ? 69  GLU A C   1 
ATOM 263  O O   . GLU A 1 70  ? -13.931 -1.506  2.539   1.00 102.68 ? 69  GLU A O   1 
ATOM 264  C CB  . GLU A 1 70  ? -14.979 0.635   0.676   1.00 102.68 ? 69  GLU A CB  1 
ATOM 265  C CG  . GLU A 1 70  ? -15.252 1.629   1.794   1.00 102.68 ? 69  GLU A CG  1 
ATOM 266  C CD  . GLU A 1 70  ? -15.124 3.071   1.338   1.00 102.68 ? 69  GLU A CD  1 
ATOM 267  O OE1 . GLU A 1 70  ? -14.973 3.296   0.121   1.00 102.68 ? 69  GLU A OE1 1 
ATOM 268  O OE2 . GLU A 1 70  ? -15.186 3.979   2.190   1.00 102.68 ? 69  GLU A OE2 1 
ATOM 269  N N   . TYR A 1 71  ? -16.064 -1.371  3.250   1.00 113.97 ? 70  TYR A N   1 
ATOM 270  C CA  . TYR A 1 71  ? -15.699 -1.706  4.621   1.00 113.97 ? 70  TYR A CA  1 
ATOM 271  C C   . TYR A 1 71  ? -16.213 -3.108  4.960   1.00 113.97 ? 70  TYR A C   1 
ATOM 272  O O   . TYR A 1 71  ? -15.473 -3.933  5.503   1.00 113.97 ? 70  TYR A O   1 
ATOM 273  C CB  . TYR A 1 71  ? -16.231 -0.610  5.553   1.00 113.97 ? 70  TYR A CB  1 
ATOM 274  C CG  . TYR A 1 71  ? -15.892 -0.731  7.022   1.00 113.97 ? 70  TYR A CG  1 
ATOM 275  C CD1 . TYR A 1 71  ? -14.615 -0.419  7.465   1.00 113.97 ? 70  TYR A CD1 1 
ATOM 276  C CD2 . TYR A 1 71  ? -16.852 -1.040  7.977   1.00 113.97 ? 70  TYR A CD2 1 
ATOM 277  C CE1 . TYR A 1 71  ? -14.276 -0.479  8.798   1.00 113.97 ? 70  TYR A CE1 1 
ATOM 278  C CE2 . TYR A 1 71  ? -16.521 -1.108  9.327   1.00 113.97 ? 70  TYR A CE2 1 
ATOM 279  C CZ  . TYR A 1 71  ? -15.232 -0.826  9.725   1.00 113.97 ? 70  TYR A CZ  1 
ATOM 280  O OH  . TYR A 1 71  ? -14.881 -0.879  11.056  1.00 113.97 ? 70  TYR A OH  1 
ATOM 281  N N   . ARG A 1 72  ? -17.478 -3.394  4.617   1.00 123.16 ? 71  ARG A N   1 
ATOM 282  C CA  . ARG A 1 72  ? -17.977 -4.773  4.632   1.00 123.16 ? 71  ARG A CA  1 
ATOM 283  C C   . ARG A 1 72  ? -17.113 -5.728  3.822   1.00 123.16 ? 71  ARG A C   1 
ATOM 284  O O   . ARG A 1 72  ? -16.845 -6.845  4.277   1.00 123.16 ? 71  ARG A O   1 
ATOM 285  C CB  . ARG A 1 72  ? -19.416 -4.814  4.106   1.00 123.16 ? 71  ARG A CB  1 
ATOM 286  C CG  . ARG A 1 72  ? -20.533 -4.167  4.938   1.00 123.16 ? 71  ARG A CG  1 
ATOM 287  C CD  . ARG A 1 72  ? -20.705 -4.806  6.338   1.00 123.16 ? 71  ARG A CD  1 
ATOM 288  N NE  . ARG A 1 72  ? -19.585 -4.773  7.269   1.00 123.16 ? 71  ARG A NE  1 
ATOM 289  C CZ  . ARG A 1 72  ? -19.017 -3.677  7.740   1.00 123.16 ? 71  ARG A CZ  1 
ATOM 290  N NH1 . ARG A 1 72  ? -19.467 -2.477  7.423   1.00 123.16 ? 71  ARG A NH1 1 
ATOM 291  N NH2 . ARG A 1 72  ? -17.992 -3.792  8.583   1.00 123.16 ? 71  ARG A NH2 1 
ATOM 292  N N   . LYS A 1 73  ? -16.653 -5.322  2.638   1.00 118.59 ? 72  LYS A N   1 
ATOM 293  C CA  . LYS A 1 73  ? -15.951 -6.275  1.782   1.00 118.59 ? 72  LYS A CA  1 
ATOM 294  C C   . LYS A 1 73  ? -14.668 -6.762  2.446   1.00 118.59 ? 72  LYS A C   1 
ATOM 295  O O   . LYS A 1 73  ? -14.158 -7.840  2.121   1.00 118.59 ? 72  LYS A O   1 
ATOM 296  C CB  . LYS A 1 73  ? -15.655 -5.649  0.420   1.00 118.59 ? 72  LYS A CB  1 
ATOM 297  C CG  . LYS A 1 73  ? -15.158 -6.631  -0.620  1.00 118.59 ? 72  LYS A CG  1 
ATOM 298  C CD  . LYS A 1 73  ? -14.307 -5.945  -1.667  1.00 118.59 ? 72  LYS A CD  1 
ATOM 299  C CE  . LYS A 1 73  ? -13.501 -6.958  -2.456  1.00 118.59 ? 72  LYS A CE  1 
ATOM 300  N NZ  . LYS A 1 73  ? -12.698 -6.296  -3.516  1.00 118.59 ? 72  LYS A NZ  1 
ATOM 301  N N   . ASN A 1 74  ? -14.164 -5.998  3.412   1.00 102.24 ? 73  ASN A N   1 
ATOM 302  C CA  . ASN A 1 74  ? -12.832 -6.231  3.956   1.00 102.24 ? 73  ASN A CA  1 
ATOM 303  C C   . ASN A 1 74  ? -12.751 -7.554  4.719   1.00 102.24 ? 73  ASN A C   1 
ATOM 304  O O   . ASN A 1 74  ? -11.807 -8.331  4.537   1.00 102.24 ? 73  ASN A O   1 
ATOM 305  C CB  . ASN A 1 74  ? -12.458 -5.048  4.846   1.00 102.24 ? 73  ASN A CB  1 
ATOM 306  C CG  . ASN A 1 74  ? -11.022 -5.083  5.290   1.00 102.24 ? 73  ASN A CG  1 
ATOM 307  O OD1 . ASN A 1 74  ? -10.275 -6.006  4.970   1.00 102.24 ? 73  ASN A OD1 1 
ATOM 308  N ND2 . ASN A 1 74  ? -10.613 -4.047  6.000   1.00 102.24 ? 73  ASN A ND2 1 
ATOM 309  N N   . TYR A 1 75  ? -13.738 -7.830  5.576   1.00 83.16  ? 74  TYR A N   1 
ATOM 310  C CA  . TYR A 1 75  ? -13.709 -9.054  6.374   1.00 83.16  ? 74  TYR A CA  1 
ATOM 311  C C   . TYR A 1 75  ? -13.715 -10.296 5.499   1.00 83.16  ? 74  TYR A C   1 
ATOM 312  O O   . TYR A 1 75  ? -12.923 -11.223 5.705   1.00 83.16  ? 74  TYR A O   1 
ATOM 313  C CB  . TYR A 1 75  ? -14.906 -9.101  7.325   1.00 83.16  ? 74  TYR A CB  1 
ATOM 314  C CG  . TYR A 1 75  ? -14.806 -8.227  8.547   1.00 83.16  ? 74  TYR A CG  1 
ATOM 315  C CD1 . TYR A 1 75  ? -15.732 -8.348  9.573   1.00 83.16  ? 74  TYR A CD1 1 
ATOM 316  C CD2 . TYR A 1 75  ? -13.780 -7.310  8.696   1.00 83.16  ? 74  TYR A CD2 1 
ATOM 317  C CE1 . TYR A 1 75  ? -15.654 -7.563  10.699  1.00 83.16  ? 74  TYR A CE1 1 
ATOM 318  C CE2 . TYR A 1 75  ? -13.694 -6.525  9.824   1.00 83.16  ? 74  TYR A CE2 1 
ATOM 319  C CZ  . TYR A 1 75  ? -14.634 -6.653  10.820  1.00 83.16  ? 74  TYR A CZ  1 
ATOM 320  O OH  . TYR A 1 75  ? -14.546 -5.867  11.945  1.00 83.16  ? 74  TYR A OH  1 
ATOM 321  N N   . TYR A 1 76  ? -14.609 -10.338 4.516   1.00 114.66 ? 75  TYR A N   1 
ATOM 322  C CA  . TYR A 1 76  ? -14.853 -11.584 3.803   1.00 114.66 ? 75  TYR A CA  1 
ATOM 323  C C   . TYR A 1 76  ? -13.852 -11.794 2.676   1.00 114.66 ? 75  TYR A C   1 
ATOM 324  O O   . TYR A 1 76  ? -13.305 -12.890 2.526   1.00 114.66 ? 75  TYR A O   1 
ATOM 325  C CB  . TYR A 1 76  ? -16.284 -11.607 3.264   1.00 114.66 ? 75  TYR A CB  1 
ATOM 326  C CG  . TYR A 1 76  ? -17.324 -11.961 4.305   1.00 114.66 ? 75  TYR A CG  1 
ATOM 327  C CD1 . TYR A 1 76  ? -17.052 -11.837 5.661   1.00 114.66 ? 75  TYR A CD1 1 
ATOM 328  C CD2 . TYR A 1 76  ? -18.578 -12.428 3.929   1.00 114.66 ? 75  TYR A CD2 1 
ATOM 329  C CE1 . TYR A 1 76  ? -17.999 -12.163 6.614   1.00 114.66 ? 75  TYR A CE1 1 
ATOM 330  C CE2 . TYR A 1 76  ? -19.532 -12.756 4.876   1.00 114.66 ? 75  TYR A CE2 1 
ATOM 331  C CZ  . TYR A 1 76  ? -19.236 -12.621 6.216   1.00 114.66 ? 75  TYR A CZ  1 
ATOM 332  O OH  . TYR A 1 76  ? -20.181 -12.946 7.161   1.00 114.66 ? 75  TYR A OH  1 
ATOM 333  N N   . ASN A 1 77  ? -13.595 -10.753 1.885   1.00 127.79 ? 76  ASN A N   1 
ATOM 334  C CA  . ASN A 1 77  ? -12.762 -10.884 0.695   1.00 127.79 ? 76  ASN A CA  1 
ATOM 335  C C   . ASN A 1 77  ? -11.391 -11.452 1.032   1.00 127.79 ? 76  ASN A C   1 
ATOM 336  O O   . ASN A 1 77  ? -11.040 -12.539 0.566   1.00 127.79 ? 76  ASN A O   1 
ATOM 337  C CB  . ASN A 1 77  ? -12.603 -9.534  -0.005  1.00 127.79 ? 76  ASN A CB  1 
ATOM 338  C CG  . ASN A 1 77  ? -11.623 -9.590  -1.161  1.00 127.79 ? 76  ASN A CG  1 
ATOM 339  O OD1 . ASN A 1 77  ? -11.622 -10.539 -1.945  1.00 127.79 ? 76  ASN A OD1 1 
ATOM 340  N ND2 . ASN A 1 77  ? -10.778 -8.571  -1.272  1.00 127.79 ? 76  ASN A ND2 1 
ATOM 341  N N   . ASP A 1 78  ? -10.634 -10.742 1.869   1.00 120.99 ? 77  ASP A N   1 
ATOM 342  C CA  . ASP A 1 78  ? -9.256  -11.110 2.165   1.00 120.99 ? 77  ASP A CA  1 
ATOM 343  C C   . ASP A 1 78  ? -9.121  -12.573 2.578   1.00 120.99 ? 77  ASP A C   1 
ATOM 344  O O   . ASP A 1 78  ? -8.185  -13.266 2.166   1.00 120.99 ? 77  ASP A O   1 
ATOM 345  C CB  . ASP A 1 78  ? -8.705  -10.178 3.249   1.00 120.99 ? 77  ASP A CB  1 
ATOM 346  C CG  . ASP A 1 78  ? -9.456  -10.294 4.562   1.00 120.99 ? 77  ASP A CG  1 
ATOM 347  O OD1 . ASP A 1 78  ? -10.435 -11.066 4.628   1.00 120.99 ? 77  ASP A OD1 1 
ATOM 348  O OD2 . ASP A 1 78  ? -9.067  -9.610  5.532   1.00 120.99 ? 77  ASP A OD2 1 
ATOM 349  N N   . VAL A 1 79  ? -10.057 -13.057 3.390   1.00 119.26 ? 78  VAL A N   1 
ATOM 350  C CA  . VAL A 1 79  ? -10.076 -14.463 3.769   1.00 119.26 ? 78  VAL A CA  1 
ATOM 351  C C   . VAL A 1 79  ? -10.387 -15.300 2.537   1.00 119.26 ? 78  VAL A C   1 
ATOM 352  O O   . VAL A 1 79  ? -9.599  -16.167 2.146   1.00 119.26 ? 78  VAL A O   1 
ATOM 353  C CB  . VAL A 1 79  ? -11.099 -14.729 4.887   1.00 119.26 ? 78  VAL A CB  1 
ATOM 354  C CG1 . VAL A 1 79  ? -11.175 -16.216 5.189   1.00 119.26 ? 78  VAL A CG1 1 
ATOM 355  C CG2 . VAL A 1 79  ? -10.735 -13.943 6.136   1.00 119.26 ? 78  VAL A CG2 1 
ATOM 356  N N   . ILE A 1 80  ? -11.534 -15.031 1.910   1.00 128.29 ? 79  ILE A N   1 
ATOM 357  C CA  . ILE A 1 80  ? -11.955 -15.815 0.754   1.00 128.29 ? 79  ILE A CA  1 
ATOM 358  C C   . ILE A 1 80  ? -10.966 -15.658 -0.392  1.00 128.29 ? 79  ILE A C   1 
ATOM 359  O O   . ILE A 1 80  ? -10.599 -16.639 -1.053  1.00 128.29 ? 79  ILE A O   1 
ATOM 360  C CB  . ILE A 1 80  ? -13.383 -15.424 0.329   1.00 128.29 ? 79  ILE A CB  1 
ATOM 361  C CG1 . ILE A 1 80  ? -14.363 -15.645 1.485   1.00 128.29 ? 79  ILE A CG1 1 
ATOM 362  C CG2 . ILE A 1 80  ? -13.813 -16.215 -0.897  1.00 128.29 ? 79  ILE A CG2 1 
ATOM 363  C CD1 . ILE A 1 80  ? -15.790 -15.266 1.156   1.00 128.29 ? 79  ILE A CD1 1 
ATOM 364  N N   . ASP A 1 81  ? -10.514 -14.427 -0.646  1.00 139.25 ? 80  ASP A N   1 
ATOM 365  C CA  . ASP A 1 81  ? -9.511  -14.218 -1.686  1.00 139.25 ? 80  ASP A CA  1 
ATOM 366  C C   . ASP A 1 81  ? -8.238  -14.994 -1.386  1.00 139.25 ? 80  ASP A C   1 
ATOM 367  O O   . ASP A 1 81  ? -7.480  -15.319 -2.304  1.00 139.25 ? 80  ASP A O   1 
ATOM 368  C CB  . ASP A 1 81  ? -9.200  -12.730 -1.842  1.00 139.25 ? 80  ASP A CB  1 
ATOM 369  C CG  . ASP A 1 81  ? -8.735  -12.373 -3.241  1.00 139.25 ? 80  ASP A CG  1 
ATOM 370  O OD1 . ASP A 1 81  ? -8.448  -13.296 -4.031  1.00 139.25 ? 80  ASP A OD1 1 
ATOM 371  O OD2 . ASP A 1 81  ? -8.660  -11.166 -3.553  1.00 139.25 ? 80  ASP A OD2 1 
ATOM 372  N N   . TYR A 1 82  ? -7.981  -15.290 -0.114  1.00 126.85 ? 81  TYR A N   1 
ATOM 373  C CA  . TYR A 1 82  ? -6.885  -16.188 0.219   1.00 126.85 ? 81  TYR A CA  1 
ATOM 374  C C   . TYR A 1 82  ? -7.323  -17.645 0.127   1.00 126.85 ? 81  TYR A C   1 
ATOM 375  O O   . TYR A 1 82  ? -6.541  -18.504 -0.295  1.00 126.85 ? 81  TYR A O   1 
ATOM 376  C CB  . TYR A 1 82  ? -6.352  -15.864 1.615   1.00 126.85 ? 81  TYR A CB  1 
ATOM 377  C CG  . TYR A 1 82  ? -5.361  -16.869 2.158   1.00 126.85 ? 81  TYR A CG  1 
ATOM 378  C CD1 . TYR A 1 82  ? -4.288  -17.305 1.393   1.00 126.85 ? 81  TYR A CD1 1 
ATOM 379  C CD2 . TYR A 1 82  ? -5.493  -17.373 3.444   1.00 126.85 ? 81  TYR A CD2 1 
ATOM 380  C CE1 . TYR A 1 82  ? -3.382  -18.224 1.889   1.00 126.85 ? 81  TYR A CE1 1 
ATOM 381  C CE2 . TYR A 1 82  ? -4.590  -18.286 3.947   1.00 126.85 ? 81  TYR A CE2 1 
ATOM 382  C CZ  . TYR A 1 82  ? -3.537  -18.709 3.169   1.00 126.85 ? 81  TYR A CZ  1 
ATOM 383  O OH  . TYR A 1 82  ? -2.638  -19.619 3.676   1.00 126.85 ? 81  TYR A OH  1 
ATOM 384  N N   . LEU A 1 83  ? -8.568  -17.939 0.509   1.00 124.74 ? 82  LEU A N   1 
ATOM 385  C CA  . LEU A 1 83  ? -9.060  -19.312 0.442   1.00 124.74 ? 82  LEU A CA  1 
ATOM 386  C C   . LEU A 1 83  ? -9.061  -19.829 -0.990  1.00 124.74 ? 82  LEU A C   1 
ATOM 387  O O   . LEU A 1 83  ? -8.511  -20.898 -1.278  1.00 124.74 ? 82  LEU A O   1 
ATOM 388  C CB  . LEU A 1 83  ? -10.467 -19.395 1.037   1.00 124.74 ? 82  LEU A CB  1 
ATOM 389  C CG  . LEU A 1 83  ? -10.642 -19.124 2.532   1.00 124.74 ? 82  LEU A CG  1 
ATOM 390  C CD1 . LEU A 1 83  ? -12.117 -19.115 2.902   1.00 124.74 ? 82  LEU A CD1 1 
ATOM 391  C CD2 . LEU A 1 83  ? -9.893  -20.153 3.358   1.00 124.74 ? 82  LEU A CD2 1 
ATOM 392  N N   . ASN A 1 84  ? -9.671  -19.077 -1.906  1.00 138.25 ? 83  ASN A N   1 
ATOM 393  C CA  . ASN A 1 84  ? -9.764  -19.534 -3.288  1.00 138.25 ? 83  ASN A CA  1 
ATOM 394  C C   . ASN A 1 84  ? -8.408  -19.497 -3.984  1.00 138.25 ? 83  ASN A C   1 
ATOM 395  O O   . ASN A 1 84  ? -8.091  -20.387 -4.781  1.00 138.25 ? 83  ASN A O   1 
ATOM 396  C CB  . ASN A 1 84  ? -10.800 -18.701 -4.044  1.00 138.25 ? 83  ASN A CB  1 
ATOM 397  C CG  . ASN A 1 84  ? -10.419 -17.232 -4.148  1.00 138.25 ? 83  ASN A CG  1 
ATOM 398  O OD1 . ASN A 1 84  ? -9.323  -16.825 -3.766  1.00 138.25 ? 83  ASN A OD1 1 
ATOM 399  N ND2 . ASN A 1 84  ? -11.337 -16.425 -4.670  1.00 138.25 ? 83  ASN A ND2 1 
ATOM 400  N N   . GLN A 1 85  ? -7.598  -18.475 -3.700  1.00 130.80 ? 84  GLN A N   1 
ATOM 401  C CA  . GLN A 1 85  ? -6.284  -18.385 -4.325  1.00 130.80 ? 84  GLN A CA  1 
ATOM 402  C C   . GLN A 1 85  ? -5.408  -19.557 -3.905  1.00 130.80 ? 84  GLN A C   1 
ATOM 403  O O   . GLN A 1 85  ? -4.662  -20.112 -4.721  1.00 130.80 ? 84  GLN A O   1 
ATOM 404  C CB  . GLN A 1 85  ? -5.623  -17.057 -3.964  1.00 130.80 ? 84  GLN A CB  1 
ATOM 405  C CG  . GLN A 1 85  ? -4.337  -16.757 -4.708  1.00 130.80 ? 84  GLN A CG  1 
ATOM 406  C CD  . GLN A 1 85  ? -3.119  -17.363 -4.051  1.00 130.80 ? 84  GLN A CD  1 
ATOM 407  O OE1 . GLN A 1 85  ? -3.078  -17.543 -2.835  1.00 130.80 ? 84  GLN A OE1 1 
ATOM 408  N NE2 . GLN A 1 85  ? -2.110  -17.667 -4.852  1.00 130.80 ? 84  GLN A NE2 1 
ATOM 409  N N   . ARG A 1 86  ? -5.477  -19.939 -2.630  1.00 139.67 ? 85  ARG A N   1 
ATOM 410  C CA  . ARG A 1 86  ? -4.814  -21.160 -2.189  1.00 139.67 ? 85  ARG A CA  1 
ATOM 411  C C   . ARG A 1 86  ? -5.389  -22.374 -2.903  1.00 139.67 ? 85  ARG A C   1 
ATOM 412  O O   . ARG A 1 86  ? -4.650  -23.281 -3.301  1.00 139.67 ? 85  ARG A O   1 
ATOM 413  C CB  . ARG A 1 86  ? -4.945  -21.305 -0.673  1.00 139.67 ? 85  ARG A CB  1 
ATOM 414  C CG  . ARG A 1 86  ? -4.421  -22.613 -0.109  1.00 139.67 ? 85  ARG A CG  1 
ATOM 415  C CD  . ARG A 1 86  ? -4.377  -22.558 1.409   1.00 139.67 ? 85  ARG A CD  1 
ATOM 416  N NE  . ARG A 1 86  ? -5.504  -21.805 1.949   1.00 139.67 ? 85  ARG A NE  1 
ATOM 417  C CZ  . ARG A 1 86  ? -5.582  -21.363 3.197   1.00 139.67 ? 85  ARG A CZ  1 
ATOM 418  N NH1 . ARG A 1 86  ? -4.615  -21.585 4.072   1.00 139.67 ? 85  ARG A NH1 1 
ATOM 419  N NH2 . ARG A 1 86  ? -6.657  -20.678 3.575   1.00 139.67 ? 85  ARG A NH2 1 
ATOM 420  N N   . GLU A 1 87  ? -6.712  -22.402 -3.081  1.00 134.19 ? 86  GLU A N   1 
ATOM 421  C CA  . GLU A 1 87  ? -7.335  -23.474 -3.849  1.00 134.19 ? 86  GLU A CA  1 
ATOM 422  C C   . GLU A 1 87  ? -6.839  -23.487 -5.288  1.00 134.19 ? 86  GLU A C   1 
ATOM 423  O O   . GLU A 1 87  ? -6.812  -24.545 -5.927  1.00 134.19 ? 86  GLU A O   1 
ATOM 424  C CB  . GLU A 1 87  ? -8.856  -23.328 -3.802  1.00 134.19 ? 86  GLU A CB  1 
ATOM 425  C CG  . GLU A 1 87  ? -9.625  -24.456 -4.474  1.00 134.19 ? 86  GLU A CG  1 
ATOM 426  C CD  . GLU A 1 87  ? -11.125 -24.233 -4.450  1.00 134.19 ? 86  GLU A CD  1 
ATOM 427  O OE1 . GLU A 1 87  ? -11.563 -23.184 -3.933  1.00 134.19 ? 86  GLU A OE1 1 
ATOM 428  O OE2 . GLU A 1 87  ? -11.865 -25.106 -4.949  1.00 134.19 ? 86  GLU A OE2 1 
ATOM 429  N N   . LYS A 1 88  ? -6.437  -22.326 -5.813  1.00 116.72 ? 87  LYS A N   1 
ATOM 430  C CA  . LYS A 1 88  ? -5.881  -22.286 -7.161  1.00 116.72 ? 87  LYS A CA  1 
ATOM 431  C C   . LYS A 1 88  ? -4.566  -23.047 -7.246  1.00 116.72 ? 87  LYS A C   1 
ATOM 432  O O   . LYS A 1 88  ? -4.217  -23.564 -8.313  1.00 116.72 ? 87  LYS A O   1 
ATOM 433  C CB  . LYS A 1 88  ? -5.690  -20.838 -7.610  1.00 116.72 ? 87  LYS A CB  1 
ATOM 434  C CG  . LYS A 1 88  ? -6.991  -20.091 -7.857  1.00 116.72 ? 87  LYS A CG  1 
ATOM 435  C CD  . LYS A 1 88  ? -6.749  -18.604 -8.067  1.00 116.72 ? 87  LYS A CD  1 
ATOM 436  C CE  . LYS A 1 88  ? -8.054  -17.826 -8.043  1.00 116.72 ? 87  LYS A CE  1 
ATOM 437  N NZ  . LYS A 1 88  ? -7.827  -16.356 -8.107  1.00 116.72 ? 87  LYS A NZ  1 
ATOM 438  N N   . GLY A 1 89  ? -3.826  -23.130 -6.143  1.00 113.81 ? 88  GLY A N   1 
ATOM 439  C CA  . GLY A 1 89  ? -2.630  -23.950 -6.112  1.00 113.81 ? 88  GLY A CA  1 
ATOM 440  C C   . GLY A 1 89  ? -1.357  -23.230 -5.721  1.00 113.81 ? 88  GLY A C   1 
ATOM 441  O O   . GLY A 1 89  ? -0.260  -23.721 -5.995  1.00 113.81 ? 88  GLY A O   1 
ATOM 442  N N   . ILE A 1 90  ? -1.480  -22.068 -5.083  1.00 116.84 ? 89  ILE A N   1 
ATOM 443  C CA  . ILE A 1 90  ? -0.324  -21.313 -4.614  1.00 116.84 ? 89  ILE A CA  1 
ATOM 444  C C   . ILE A 1 90  ? -0.533  -20.974 -3.145  1.00 116.84 ? 89  ILE A C   1 
ATOM 445  O O   . ILE A 1 90  ? -1.651  -20.686 -2.708  1.00 116.84 ? 89  ILE A O   1 
ATOM 446  C CB  . ILE A 1 90  ? -0.090  -20.032 -5.446  1.00 116.84 ? 89  ILE A CB  1 
ATOM 447  C CG1 . ILE A 1 90  ? -0.153  -20.345 -6.942  1.00 116.84 ? 89  ILE A CG1 1 
ATOM 448  C CG2 . ILE A 1 90  ? 1.249   -19.409 -5.097  1.00 116.84 ? 89  ILE A CG2 1 
ATOM 449  C CD1 . ILE A 1 90  ? -0.232  -19.114 -7.818  1.00 116.84 ? 89  ILE A CD1 1 
ATOM 450  N N   . PHE A 1 91  ? 0.555   -21.006 -2.382  1.00 111.06 ? 90  PHE A N   1 
ATOM 451  C CA  . PHE A 1 91  ? 0.508   -20.929 -0.929  1.00 111.06 ? 90  PHE A CA  1 
ATOM 452  C C   . PHE A 1 91  ? 1.072   -19.611 -0.415  1.00 111.06 ? 90  PHE A C   1 
ATOM 453  O O   . PHE A 1 91  ? 1.998   -19.046 -1.005  1.00 111.06 ? 90  PHE A O   1 
ATOM 454  C CB  . PHE A 1 91  ? 1.293   -22.084 -0.305  1.00 111.06 ? 90  PHE A CB  1 
ATOM 455  C CG  . PHE A 1 91  ? 1.263   -22.096 1.193   1.00 111.06 ? 90  PHE A CG  1 
ATOM 456  C CD1 . PHE A 1 91  ? 0.136   -22.519 1.876   1.00 111.06 ? 90  PHE A CD1 1 
ATOM 457  C CD2 . PHE A 1 91  ? 2.364   -21.675 1.920   1.00 111.06 ? 90  PHE A CD2 1 
ATOM 458  C CE1 . PHE A 1 91  ? 0.110   -22.529 3.259   1.00 111.06 ? 90  PHE A CE1 1 
ATOM 459  C CE2 . PHE A 1 91  ? 2.345   -21.683 3.302   1.00 111.06 ? 90  PHE A CE2 1 
ATOM 460  C CZ  . PHE A 1 91  ? 1.216   -22.110 3.972   1.00 111.06 ? 90  PHE A CZ  1 
ATOM 461  N N   . ARG A 1 92  ? 0.503   -19.131 0.687   1.00 120.39 ? 91  ARG A N   1 
ATOM 462  C CA  . ARG A 1 92  ? 1.089   -18.060 1.481   1.00 120.39 ? 91  ARG A CA  1 
ATOM 463  C C   . ARG A 1 92  ? 0.619   -18.231 2.922   1.00 120.39 ? 91  ARG A C   1 
ATOM 464  O O   . ARG A 1 92  ? 0.084   -19.278 3.297   1.00 120.39 ? 91  ARG A O   1 
ATOM 465  C CB  . ARG A 1 92  ? 0.738   -16.674 0.923   1.00 120.39 ? 91  ARG A CB  1 
ATOM 466  C CG  . ARG A 1 92  ? -0.732  -16.311 0.984   1.00 120.39 ? 91  ARG A CG  1 
ATOM 467  C CD  . ARG A 1 92  ? -0.971  -14.909 0.441   1.00 120.39 ? 91  ARG A CD  1 
ATOM 468  N NE  . ARG A 1 92  ? -0.642  -14.796 -0.975  1.00 120.39 ? 91  ARG A NE  1 
ATOM 469  C CZ  . ARG A 1 92  ? -1.492  -15.049 -1.960  1.00 120.39 ? 91  ARG A CZ  1 
ATOM 470  N NH1 . ARG A 1 92  ? -2.739  -15.418 -1.716  1.00 120.39 ? 91  ARG A NH1 1 
ATOM 471  N NH2 . ARG A 1 92  ? -1.082  -14.926 -3.218  1.00 120.39 ? 91  ARG A NH2 1 
ATOM 472  N N   . GLU A 1 93  ? 0.818   -17.195 3.731   1.00 127.41 ? 92  GLU A N   1 
ATOM 473  C CA  . GLU A 1 93  ? 0.566   -17.300 5.162   1.00 127.41 ? 92  GLU A CA  1 
ATOM 474  C C   . GLU A 1 93  ? -0.921  -17.517 5.442   1.00 127.41 ? 92  GLU A C   1 
ATOM 475  O O   . GLU A 1 93  ? -1.773  -16.883 4.813   1.00 127.41 ? 92  GLU A O   1 
ATOM 476  C CB  . GLU A 1 93  ? 1.044   -16.040 5.879   1.00 127.41 ? 92  GLU A CB  1 
ATOM 477  C CG  . GLU A 1 93  ? 0.844   -16.067 7.385   1.00 127.41 ? 92  GLU A CG  1 
ATOM 478  C CD  . GLU A 1 93  ? 1.698   -17.117 8.072   1.00 127.41 ? 92  GLU A CD  1 
ATOM 479  O OE1 . GLU A 1 93  ? 2.769   -17.465 7.531   1.00 127.41 ? 92  GLU A OE1 1 
ATOM 480  O OE2 . GLU A 1 93  ? 1.297   -17.594 9.154   1.00 127.41 ? 92  GLU A OE2 1 
ATOM 481  N N   . PRO A 1 94  ? -1.256  -18.423 6.357   1.00 114.30 ? 93  PRO A N   1 
ATOM 482  C CA  . PRO A 1 94  ? -2.634  -18.558 6.826   1.00 114.30 ? 93  PRO A CA  1 
ATOM 483  C C   . PRO A 1 94  ? -3.197  -17.227 7.294   1.00 114.30 ? 93  PRO A C   1 
ATOM 484  O O   . PRO A 1 94  ? -2.441  -16.288 7.585   1.00 114.30 ? 93  PRO A O   1 
ATOM 485  C CB  . PRO A 1 94  ? -2.493  -19.539 8.001   1.00 114.30 ? 93  PRO A CB  1 
ATOM 486  C CG  . PRO A 1 94  ? -1.102  -20.200 7.812   1.00 114.30 ? 93  PRO A CG  1 
ATOM 487  C CD  . PRO A 1 94  ? -0.563  -19.708 6.502   1.00 114.30 ? 93  PRO A CD  1 
ATOM 488  N N   . PRO A 1 95  ? -4.524  -17.109 7.399   1.00 103.83 ? 94  PRO A N   1 
ATOM 489  C CA  . PRO A 1 95  ? -5.117  -15.812 7.748   1.00 103.83 ? 94  PRO A CA  1 
ATOM 490  C C   . PRO A 1 95  ? -4.939  -15.430 9.208   1.00 103.83 ? 94  PRO A C   1 
ATOM 491  O O   . PRO A 1 95  ? -5.593  -15.984 10.097  1.00 103.83 ? 94  PRO A O   1 
ATOM 492  C CB  . PRO A 1 95  ? -6.598  -16.013 7.404   1.00 103.83 ? 94  PRO A CB  1 
ATOM 493  C CG  . PRO A 1 95  ? -6.820  -17.466 7.631   1.00 103.83 ? 94  PRO A CG  1 
ATOM 494  C CD  . PRO A 1 95  ? -5.552  -18.145 7.195   1.00 103.83 ? 94  PRO A CD  1 
ATOM 495  N N   . ARG A 1 96  ? -4.055  -14.472 9.464   1.00 110.41 ? 95  ARG A N   1 
ATOM 496  C CA  . ARG A 1 96  ? -3.921  -13.911 10.798  1.00 110.41 ? 95  ARG A CA  1 
ATOM 497  C C   . ARG A 1 96  ? -5.101  -12.991 11.097  1.00 110.41 ? 95  ARG A C   1 
ATOM 498  O O   . ARG A 1 96  ? -5.672  -12.362 10.204  1.00 110.41 ? 95  ARG A O   1 
ATOM 499  C CB  . ARG A 1 96  ? -2.602  -13.145 10.918  1.00 110.41 ? 95  ARG A CB  1 
ATOM 500  C CG  . ARG A 1 96  ? -2.327  -12.510 12.276  1.00 110.41 ? 95  ARG A CG  1 
ATOM 501  C CD  . ARG A 1 96  ? -1.661  -11.147 12.112  1.00 110.41 ? 95  ARG A CD  1 
ATOM 502  N NE  . ARG A 1 96  ? -1.154  -10.606 13.370  1.00 110.41 ? 95  ARG A NE  1 
ATOM 503  C CZ  . ARG A 1 96  ? -1.906  -10.125 14.350  1.00 110.41 ? 95  ARG A CZ  1 
ATOM 504  N NH1 . ARG A 1 96  ? -3.225  -10.106 14.268  1.00 110.41 ? 95  ARG A NH1 1 
ATOM 505  N NH2 . ARG A 1 96  ? -1.319  -9.652  15.445  1.00 110.41 ? 95  ARG A NH2 1 
ATOM 506  N N   . ALA A 1 97  ? -5.476  -12.928 12.372  1.00 114.00 ? 96  ALA A N   1 
ATOM 507  C CA  . ALA A 1 97  ? -6.446  -11.932 12.793  1.00 114.00 ? 96  ALA A CA  1 
ATOM 508  C C   . ALA A 1 97  ? -5.887  -10.533 12.541  1.00 114.00 ? 96  ALA A C   1 
ATOM 509  O O   . ALA A 1 97  ? -4.691  -10.279 12.683  1.00 114.00 ? 96  ALA A O   1 
ATOM 510  C CB  . ALA A 1 97  ? -6.797  -12.113 14.269  1.00 114.00 ? 96  ALA A CB  1 
ATOM 511  N N   . GLN A 1 98  ? -6.765  -9.616  12.148  1.00 128.55 ? 97  GLN A N   1 
ATOM 512  C CA  . GLN A 1 98  ? -6.296  -8.310  11.712  1.00 128.55 ? 97  GLN A CA  1 
ATOM 513  C C   . GLN A 1 98  ? -6.969  -7.210  12.515  1.00 128.55 ? 97  GLN A C   1 
ATOM 514  O O   . GLN A 1 98  ? -8.140  -7.314  12.888  1.00 128.55 ? 97  GLN A O   1 
ATOM 515  C CB  . GLN A 1 98  ? -6.538  -8.103  10.213  1.00 128.55 ? 97  GLN A CB  1 
ATOM 516  C CG  . GLN A 1 98  ? -5.710  -9.002  9.289   1.00 128.55 ? 97  GLN A CG  1 
ATOM 517  C CD  . GLN A 1 98  ? -4.279  -9.251  9.763   1.00 128.55 ? 97  GLN A CD  1 
ATOM 518  O OE1 . GLN A 1 98  ? -3.654  -8.403  10.402  1.00 128.55 ? 97  GLN A OE1 1 
ATOM 519  N NE2 . GLN A 1 98  ? -3.757  -10.430 9.445   1.00 128.55 ? 97  GLN A NE2 1 
ATOM 520  N N   . GLU A 1 99  ? -6.208  -6.152  12.774  1.00 126.67 ? 98  GLU A N   1 
ATOM 521  C CA  . GLU A 1 99  ? -6.693  -4.997  13.511  1.00 126.67 ? 98  GLU A CA  1 
ATOM 522  C C   . GLU A 1 99  ? -7.123  -3.907  12.537  1.00 126.67 ? 98  GLU A C   1 
ATOM 523  O O   . GLU A 1 99  ? -6.574  -3.779  11.439  1.00 126.67 ? 98  GLU A O   1 
ATOM 524  C CB  . GLU A 1 99  ? -5.609  -4.488  14.467  1.00 126.67 ? 98  GLU A CB  1 
ATOM 525  C CG  . GLU A 1 99  ? -6.057  -3.430  15.470  1.00 126.67 ? 98  GLU A CG  1 
ATOM 526  C CD  . GLU A 1 99  ? -6.044  -2.031  14.897  1.00 126.67 ? 98  GLU A CD  1 
ATOM 527  O OE1 . GLU A 1 99  ? -5.229  -1.776  13.988  1.00 126.67 ? 98  GLU A OE1 1 
ATOM 528  O OE2 . GLU A 1 99  ? -6.850  -1.190  15.350  1.00 126.67 ? 98  GLU A OE2 1 
ATOM 529  N N   . TRP A 1 100 ? -8.100  -3.104  12.970  1.00 98.76  ? 99  TRP A N   1 
ATOM 530  C CA  . TRP A 1 100 ? -8.798  -2.181  12.076  1.00 98.76  ? 99  TRP A CA  1 
ATOM 531  C C   . TRP A 1 100 ? -7.838  -1.315  11.272  1.00 98.76  ? 99  TRP A C   1 
ATOM 532  O O   . TRP A 1 100 ? -8.005  -1.159  10.056  1.00 98.76  ? 99  TRP A O   1 
ATOM 533  C CB  . TRP A 1 100 ? -9.751  -1.308  12.893  1.00 98.76  ? 99  TRP A CB  1 
ATOM 534  C CG  . TRP A 1 100 ? -10.530 -0.319  12.091  1.00 98.76  ? 99  TRP A CG  1 
ATOM 535  C CD1 . TRP A 1 100 ? -10.897 -0.424  10.783  1.00 98.76  ? 99  TRP A CD1 1 
ATOM 536  C CD2 . TRP A 1 100 ? -11.064 0.924   12.557  1.00 98.76  ? 99  TRP A CD2 1 
ATOM 537  N NE1 . TRP A 1 100 ? -11.615 0.681   10.401  1.00 98.76  ? 99  TRP A NE1 1 
ATOM 538  C CE2 . TRP A 1 100 ? -11.733 1.524   11.474  1.00 98.76  ? 99  TRP A CE2 1 
ATOM 539  C CE3 . TRP A 1 100 ? -11.035 1.589   13.785  1.00 98.76  ? 99  TRP A CE3 1 
ATOM 540  C CZ2 . TRP A 1 100 ? -12.368 2.757   11.581  1.00 98.76  ? 99  TRP A CZ2 1 
ATOM 541  C CZ3 . TRP A 1 100 ? -11.666 2.813   13.889  1.00 98.76  ? 99  TRP A CZ3 1 
ATOM 542  C CH2 . TRP A 1 100 ? -12.324 3.384   12.794  1.00 98.76  ? 99  TRP A CH2 1 
ATOM 543  N N   . ALA A 1 101 ? -6.830  -0.741  11.926  1.00 109.17 ? 100 ALA A N   1 
ATOM 544  C CA  . ALA A 1 101 ? -5.892  0.113   11.206  1.00 109.17 ? 100 ALA A CA  1 
ATOM 545  C C   . ALA A 1 101 ? -5.131  -0.671  10.145  1.00 109.17 ? 100 ALA A C   1 
ATOM 546  O O   . ALA A 1 101 ? -4.930  -0.178  9.030   1.00 109.17 ? 100 ALA A O   1 
ATOM 547  C CB  . ALA A 1 101 ? -4.924  0.779   12.183  1.00 109.17 ? 100 ALA A CB  1 
ATOM 548  N N   . GLU A 1 102 ? -4.699  -1.892  10.469  1.00 114.63 ? 101 GLU A N   1 
ATOM 549  C CA  . GLU A 1 102 ? -3.969  -2.694  9.493   1.00 114.63 ? 101 GLU A CA  1 
ATOM 550  C C   . GLU A 1 102 ? -4.853  -3.063  8.309   1.00 114.63 ? 101 GLU A C   1 
ATOM 551  O O   . GLU A 1 102 ? -4.403  -3.043  7.155   1.00 114.63 ? 101 GLU A O   1 
ATOM 552  C CB  . GLU A 1 102 ? -3.407  -3.949  10.159  1.00 114.63 ? 101 GLU A CB  1 
ATOM 553  C CG  . GLU A 1 102 ? -2.553  -3.661  11.382  1.00 114.63 ? 101 GLU A CG  1 
ATOM 554  C CD  . GLU A 1 102 ? -2.525  -4.819  12.359  1.00 114.63 ? 101 GLU A CD  1 
ATOM 555  O OE1 . GLU A 1 102 ? -3.473  -5.631  12.348  1.00 114.63 ? 101 GLU A OE1 1 
ATOM 556  O OE2 . GLU A 1 102 ? -1.554  -4.913  13.140  1.00 114.63 ? 101 GLU A OE2 1 
ATOM 557  N N   . ARG A 1 103 ? -6.112  -3.403  8.573   1.00 100.73 ? 102 ARG A N   1 
ATOM 558  C CA  . ARG A 1 103 ? -7.034  -3.695  7.482   1.00 100.73 ? 102 ARG A CA  1 
ATOM 559  C C   . ARG A 1 103 ? -7.251  -2.470  6.605   1.00 100.73 ? 102 ARG A C   1 
ATOM 560  O O   . ARG A 1 103 ? -7.296  -2.575  5.374   1.00 100.73 ? 102 ARG A O   1 
ATOM 561  C CB  . ARG A 1 103 ? -8.361  -4.206  8.033   1.00 100.73 ? 102 ARG A CB  1 
ATOM 562  C CG  . ARG A 1 103 ? -8.264  -5.080  9.257   1.00 100.73 ? 102 ARG A CG  1 
ATOM 563  C CD  . ARG A 1 103 ? -9.650  -5.524  9.662   1.00 100.73 ? 102 ARG A CD  1 
ATOM 564  N NE  . ARG A 1 103 ? -10.366 -4.491  10.398  1.00 100.73 ? 102 ARG A NE  1 
ATOM 565  C CZ  . ARG A 1 103 ? -11.514 -3.957  10.010  1.00 100.73 ? 102 ARG A CZ  1 
ATOM 566  N NH1 . ARG A 1 103 ? -12.029 -4.219  8.821   1.00 100.73 ? 102 ARG A NH1 1 
ATOM 567  N NH2 . ARG A 1 103 ? -12.151 -3.126  10.828  1.00 100.73 ? 102 ARG A NH2 1 
ATOM 568  N N   . ALA A 1 104 ? -7.399  -1.298  7.223   1.00 125.63 ? 103 ALA A N   1 
ATOM 569  C CA  . ALA A 1 104 ? -7.552  -0.073  6.446   1.00 125.63 ? 103 ALA A CA  1 
ATOM 570  C C   . ALA A 1 104 ? -6.313  0.195   5.605   1.00 125.63 ? 103 ALA A C   1 
ATOM 571  O O   . ALA A 1 104 ? -6.413  0.648   4.460   1.00 125.63 ? 103 ALA A O   1 
ATOM 572  C CB  . ALA A 1 104 ? -7.839  1.107   7.375   1.00 125.63 ? 103 ALA A CB  1 
ATOM 573  N N   . MET A 1 105 ? -5.134  -0.085  6.161   1.00 129.78 ? 104 MET A N   1 
ATOM 574  C CA  . MET A 1 105 ? -3.893  0.072   5.412   1.00 129.78 ? 104 MET A CA  1 
ATOM 575  C C   . MET A 1 105 ? -3.863  -0.858  4.205   1.00 129.78 ? 104 MET A C   1 
ATOM 576  O O   . MET A 1 105 ? -3.457  -0.465  3.105   1.00 129.78 ? 104 MET A O   1 
ATOM 577  C CB  . MET A 1 105 ? -2.705  -0.182  6.345   1.00 129.78 ? 104 MET A CB  1 
ATOM 578  C CG  . MET A 1 105 ? -1.322  0.000   5.739   1.00 129.78 ? 104 MET A CG  1 
ATOM 579  S SD  . MET A 1 105 ? -0.738  -1.425  4.803   1.00 129.78 ? 104 MET A SD  1 
ATOM 580  C CE  . MET A 1 105 ? -0.394  -2.581  6.128   1.00 129.78 ? 104 MET A CE  1 
ATOM 581  N N   . ARG A 1 106 ? -4.295  -2.105  4.398   1.00 128.50 ? 105 ARG A N   1 
ATOM 582  C CA  . ARG A 1 106 ? -4.326  -3.054  3.290   1.00 128.50 ? 105 ARG A CA  1 
ATOM 583  C C   . ARG A 1 106 ? -5.309  -2.610  2.210   1.00 128.50 ? 105 ARG A C   1 
ATOM 584  O O   . ARG A 1 106 ? -5.011  -2.694  1.010   1.00 128.50 ? 105 ARG A O   1 
ATOM 585  C CB  . ARG A 1 106 ? -4.672  -4.444  3.818   1.00 128.50 ? 105 ARG A CB  1 
ATOM 586  C CG  . ARG A 1 106 ? -4.439  -5.570  2.834   1.00 128.50 ? 105 ARG A CG  1 
ATOM 587  C CD  . ARG A 1 106 ? -5.715  -5.926  2.102   1.00 128.50 ? 105 ARG A CD  1 
ATOM 588  N NE  . ARG A 1 106 ? -6.829  -6.087  3.031   1.00 128.50 ? 105 ARG A NE  1 
ATOM 589  C CZ  . ARG A 1 106 ? -7.007  -7.143  3.812   1.00 128.50 ? 105 ARG A CZ  1 
ATOM 590  N NH1 . ARG A 1 106 ? -6.160  -8.160  3.807   1.00 128.50 ? 105 ARG A NH1 1 
ATOM 591  N NH2 . ARG A 1 106 ? -8.061  -7.180  4.622   1.00 128.50 ? 105 ARG A NH2 1 
ATOM 592  N N   . THR A 1 107 ? -6.484  -2.129  2.618   1.00 124.35 ? 106 THR A N   1 
ATOM 593  C CA  . THR A 1 107 ? -7.442  -1.611  1.646   1.00 124.35 ? 106 THR A CA  1 
ATOM 594  C C   . THR A 1 107 ? -6.874  -0.414  0.898   1.00 124.35 ? 106 THR A C   1 
ATOM 595  O O   . THR A 1 107 ? -7.079  -0.277  -0.313  1.00 124.35 ? 106 THR A O   1 
ATOM 596  C CB  . THR A 1 107 ? -8.752  -1.227  2.335   1.00 124.35 ? 106 THR A CB  1 
ATOM 597  O OG1 . THR A 1 107 ? -8.513  -0.148  3.249   1.00 124.35 ? 106 THR A OG1 1 
ATOM 598  C CG2 . THR A 1 107 ? -9.352  -2.417  3.067   1.00 124.35 ? 106 THR A CG2 1 
ATOM 599  N N   . TYR A 1 108 ? -6.167  0.468   1.605   1.00 123.79 ? 107 TYR A N   1 
ATOM 600  C CA  . TYR A 1 108 ? -5.542  1.612   0.953   1.00 123.79 ? 107 TYR A CA  1 
ATOM 601  C C   . TYR A 1 108 ? -4.525  1.162   -0.082  1.00 123.79 ? 107 TYR A C   1 
ATOM 602  O O   . TYR A 1 108 ? -4.464  1.711   -1.188  1.00 123.79 ? 107 TYR A O   1 
ATOM 603  C CB  . TYR A 1 108 ? -4.877  2.509   1.995   1.00 123.79 ? 107 TYR A CB  1 
ATOM 604  C CG  . TYR A 1 108 ? -5.787  3.566   2.562   1.00 123.79 ? 107 TYR A CG  1 
ATOM 605  C CD1 . TYR A 1 108 ? -7.164  3.436   2.485   1.00 123.79 ? 107 TYR A CD1 1 
ATOM 606  C CD2 . TYR A 1 108 ? -5.268  4.693   3.183   1.00 123.79 ? 107 TYR A CD2 1 
ATOM 607  C CE1 . TYR A 1 108 ? -8.000  4.400   3.005   1.00 123.79 ? 107 TYR A CE1 1 
ATOM 608  C CE2 . TYR A 1 108 ? -6.094  5.662   3.706   1.00 123.79 ? 107 TYR A CE2 1 
ATOM 609  C CZ  . TYR A 1 108 ? -7.460  5.511   3.614   1.00 123.79 ? 107 TYR A CZ  1 
ATOM 610  O OH  . TYR A 1 108 ? -8.292  6.477   4.135   1.00 123.79 ? 107 TYR A OH  1 
ATOM 611  N N   . ASP A 1 109 ? -3.714  0.159   0.260   1.00 135.74 ? 108 ASP A N   1 
ATOM 612  C CA  . ASP A 1 109 ? -2.751  -0.366  -0.702  1.00 135.74 ? 108 ASP A CA  1 
ATOM 613  C C   . ASP A 1 109 ? -3.455  -0.944  -1.921  1.00 135.74 ? 108 ASP A C   1 
ATOM 614  O O   . ASP A 1 109 ? -2.992  -0.769  -3.054  1.00 135.74 ? 108 ASP A O   1 
ATOM 615  C CB  . ASP A 1 109 ? -1.864  -1.422  -0.046  1.00 135.74 ? 108 ASP A CB  1 
ATOM 616  C CG  . ASP A 1 109 ? -0.644  -0.824  0.624   1.00 135.74 ? 108 ASP A CG  1 
ATOM 617  O OD1 . ASP A 1 109 ? -0.029  0.090   0.035   1.00 135.74 ? 108 ASP A OD1 1 
ATOM 618  O OD2 . ASP A 1 109 ? -0.292  -1.272  1.734   1.00 135.74 ? 108 ASP A OD2 1 
ATOM 619  N N   . GLU A 1 110 ? -4.572  -1.643  -1.708  1.00 134.84 ? 109 GLU A N   1 
ATOM 620  C CA  . GLU A 1 110 ? -5.330  -2.164  -2.842  1.00 134.84 ? 109 GLU A CA  1 
ATOM 621  C C   . GLU A 1 110 ? -5.873  -1.038  -3.715  1.00 134.84 ? 109 GLU A C   1 
ATOM 622  O O   . GLU A 1 110 ? -5.813  -1.114  -4.948  1.00 134.84 ? 109 GLU A O   1 
ATOM 623  C CB  . GLU A 1 110 ? -6.474  -3.054  -2.356  1.00 134.84 ? 109 GLU A CB  1 
ATOM 624  C CG  . GLU A 1 110 ? -6.032  -4.347  -1.696  1.00 134.84 ? 109 GLU A CG  1 
ATOM 625  C CD  . GLU A 1 110 ? -7.205  -5.179  -1.218  1.00 134.84 ? 109 GLU A CD  1 
ATOM 626  O OE1 . GLU A 1 110 ? -8.352  -4.687  -1.291  1.00 134.84 ? 109 GLU A OE1 1 
ATOM 627  O OE2 . GLU A 1 110 ? -6.986  -6.328  -0.784  1.00 134.84 ? 109 GLU A OE2 1 
ATOM 628  N N   . LYS A 1 111 ? -6.402  0.017   -3.094  1.00 140.47 ? 110 LYS A N   1 
ATOM 629  C CA  . LYS A 1 111 ? -7.068  1.079   -3.841  1.00 140.47 ? 110 LYS A CA  1 
ATOM 630  C C   . LYS A 1 111 ? -6.098  1.914   -4.665  1.00 140.47 ? 110 LYS A C   1 
ATOM 631  O O   . LYS A 1 111 ? -6.423  2.289   -5.797  1.00 140.47 ? 110 LYS A O   1 
ATOM 632  C CB  . LYS A 1 111 ? -7.847  1.986   -2.887  1.00 140.47 ? 110 LYS A CB  1 
ATOM 633  C CG  . LYS A 1 111 ? -9.047  1.323   -2.235  1.00 140.47 ? 110 LYS A CG  1 
ATOM 634  C CD  . LYS A 1 111 ? -9.784  2.293   -1.325  1.00 140.47 ? 110 LYS A CD  1 
ATOM 635  C CE  . LYS A 1 111 ? -11.242 1.896   -1.162  1.00 140.47 ? 110 LYS A CE  1 
ATOM 636  N NZ  . LYS A 1 111 ? -11.798 2.357   0.139   1.00 140.47 ? 110 LYS A NZ  1 
ATOM 637  N N   . ASN A 1 112 ? -4.917  2.216   -4.131  1.00 153.82 ? 111 ASN A N   1 
ATOM 638  C CA  . ASN A 1 112 ? -4.001  3.098   -4.839  1.00 153.82 ? 111 ASN A CA  1 
ATOM 639  C C   . ASN A 1 112 ? -3.391  2.374   -6.030  1.00 153.82 ? 111 ASN A C   1 
ATOM 640  O O   . ASN A 1 112 ? -2.339  1.738   -5.909  1.00 153.82 ? 111 ASN A O   1 
ATOM 641  C CB  . ASN A 1 112 ? -2.905  3.611   -3.902  1.00 153.82 ? 111 ASN A CB  1 
ATOM 642  C CG  . ASN A 1 112 ? -2.104  4.749   -4.509  1.00 153.82 ? 111 ASN A CG  1 
ATOM 643  O OD1 . ASN A 1 112 ? -2.301  5.118   -5.666  1.00 153.82 ? 111 ASN A OD1 1 
ATOM 644  N ND2 . ASN A 1 112 ? -1.193  5.313   -3.724  1.00 153.82 ? 111 ASN A ND2 1 
ATOM 645  N N   . THR A 1 113 ? -4.056  2.466   -7.185  1.00 174.56 ? 112 THR A N   1 
ATOM 646  C CA  . THR A 1 113 ? -3.527  1.852   -8.397  1.00 174.56 ? 112 THR A CA  1 
ATOM 647  C C   . THR A 1 113 ? -2.181  2.446   -8.781  1.00 174.56 ? 112 THR A C   1 
ATOM 648  O O   . THR A 1 113 ? -1.374  1.783   -9.440  1.00 174.56 ? 112 THR A O   1 
ATOM 649  C CB  . THR A 1 113 ? -4.521  2.015   -9.548  1.00 174.56 ? 112 THR A CB  1 
ATOM 650  O OG1 . THR A 1 113 ? -4.693  3.407   -9.839  1.00 174.56 ? 112 THR A OG1 1 
ATOM 651  C CG2 . THR A 1 113 ? -5.866  1.409   -9.181  1.00 174.56 ? 112 THR A CG2 1 
ATOM 652  N N   . ASP A 1 114 ? -1.918  3.687   -8.375  1.00 177.06 ? 113 ASP A N   1 
ATOM 653  C CA  . ASP A 1 114 ? -0.628  4.326   -8.627  1.00 177.06 ? 113 ASP A CA  1 
ATOM 654  C C   . ASP A 1 114 ? 0.394   3.711   -7.679  1.00 177.06 ? 113 ASP A C   1 
ATOM 655  O O   . ASP A 1 114 ? 0.719   4.247   -6.617  1.00 177.06 ? 113 ASP A O   1 
ATOM 656  C CB  . ASP A 1 114 ? -0.725  5.837   -8.449  1.00 177.06 ? 113 ASP A CB  1 
ATOM 657  C CG  . ASP A 1 114 ? -1.359  6.527   -9.641  1.00 177.06 ? 113 ASP A CG  1 
ATOM 658  O OD1 . ASP A 1 114 ? -1.304  5.964   -10.755 1.00 177.06 ? 113 ASP A OD1 1 
ATOM 659  O OD2 . ASP A 1 114 ? -1.908  7.635   -9.465  1.00 177.06 ? 113 ASP A OD2 1 
ATOM 660  N N   . LYS A 1 115 ? 0.913   2.551   -8.083  1.00 166.45 ? 114 LYS A N   1 
ATOM 661  C CA  . LYS A 1 115 ? 1.971   1.880   -7.333  1.00 166.45 ? 114 LYS A CA  1 
ATOM 662  C C   . LYS A 1 115 ? 3.244   2.690   -7.547  1.00 166.45 ? 114 LYS A C   1 
ATOM 663  O O   . LYS A 1 115 ? 4.092   2.378   -8.388  1.00 166.45 ? 114 LYS A O   1 
ATOM 664  C CB  . LYS A 1 115 ? 2.132   0.433   -7.783  1.00 166.45 ? 114 LYS A CB  1 
ATOM 665  C CG  . LYS A 1 115 ? 1.337   -0.568  -6.957  1.00 166.45 ? 114 LYS A CG  1 
ATOM 666  C CD  . LYS A 1 115 ? -0.142  -0.539  -7.308  1.00 166.45 ? 114 LYS A CD  1 
ATOM 667  C CE  . LYS A 1 115 ? -0.397  -1.162  -8.670  1.00 166.45 ? 114 LYS A CE  1 
ATOM 668  N NZ  . LYS A 1 115 ? -1.843  -1.135  -9.030  1.00 166.45 ? 114 LYS A NZ  1 
ATOM 669  N N   . SER A 1 116 ? 3.364   3.761   -6.768  1.00 179.00 ? 115 SER A N   1 
ATOM 670  C CA  . SER A 1 116 ? 4.379   4.779   -7.003  1.00 179.00 ? 115 SER A CA  1 
ATOM 671  C C   . SER A 1 116 ? 5.776   4.190   -6.927  1.00 179.00 ? 115 SER A C   1 
ATOM 672  O O   . SER A 1 116 ? 6.179   3.643   -5.896  1.00 179.00 ? 115 SER A O   1 
ATOM 673  C CB  . SER A 1 116 ? 4.228   5.908   -5.985  1.00 179.00 ? 115 SER A CB  1 
ATOM 674  O OG  . SER A 1 116 ? 4.906   5.597   -4.781  1.00 179.00 ? 115 SER A OG  1 
ATOM 675  N N   . PHE A 1 117 ? 6.513   4.310   -8.026  1.00 154.57 ? 116 PHE A N   1 
ATOM 676  C CA  . PHE A 1 117 ? 7.916   3.940   -8.045  1.00 154.57 ? 116 PHE A CA  1 
ATOM 677  C C   . PHE A 1 117 ? 8.773   4.928   -7.267  1.00 154.57 ? 116 PHE A C   1 
ATOM 678  O O   . PHE A 1 117 ? 9.956   4.660   -7.042  1.00 154.57 ? 116 PHE A O   1 
ATOM 679  C CB  . PHE A 1 117 ? 8.403   3.837   -9.495  1.00 154.57 ? 116 PHE A CB  1 
ATOM 680  C CG  . PHE A 1 117 ? 9.793   3.291   -9.635  1.00 154.57 ? 116 PHE A CG  1 
ATOM 681  C CD1 . PHE A 1 117 ? 10.045  1.950   -9.401  1.00 154.57 ? 116 PHE A CD1 1 
ATOM 682  C CD2 . PHE A 1 117 ? 10.844  4.110   -10.008 1.00 154.57 ? 116 PHE A CD2 1 
ATOM 683  C CE1 . PHE A 1 117 ? 11.319  1.434   -9.532  1.00 154.57 ? 116 PHE A CE1 1 
ATOM 684  C CE2 . PHE A 1 117 ? 12.122  3.600   -10.141 1.00 154.57 ? 116 PHE A CE2 1 
ATOM 685  C CZ  . PHE A 1 117 ? 12.360  2.261   -9.902  1.00 154.57 ? 116 PHE A CZ  1 
ATOM 686  N N   . LYS A 1 118 ? 8.200   6.056   -6.841  1.00 147.72 ? 117 LYS A N   1 
ATOM 687  C CA  . LYS A 1 118 ? 8.975   7.070   -6.142  1.00 147.72 ? 117 LYS A CA  1 
ATOM 688  C C   . LYS A 1 118 ? 9.134   6.779   -4.656  1.00 147.72 ? 117 LYS A C   1 
ATOM 689  O O   . LYS A 1 118 ? 9.721   7.598   -3.944  1.00 147.72 ? 117 LYS A O   1 
ATOM 690  C CB  . LYS A 1 118 ? 8.354   8.450   -6.359  1.00 147.72 ? 117 LYS A CB  1 
ATOM 691  C CG  . LYS A 1 118 ? 6.891   8.551   -6.012  1.00 147.72 ? 117 LYS A CG  1 
ATOM 692  C CD  . LYS A 1 118 ? 6.346   9.872   -6.509  1.00 147.72 ? 117 LYS A CD  1 
ATOM 693  C CE  . LYS A 1 118 ? 6.464   9.956   -8.022  1.00 147.72 ? 117 LYS A CE  1 
ATOM 694  N NZ  . LYS A 1 118 ? 5.704   8.870   -8.698  1.00 147.72 ? 117 LYS A NZ  1 
ATOM 695  N N   . ARG A 1 119 ? 8.620   5.654   -4.165  1.00 170.16 ? 118 ARG A N   1 
ATOM 696  C CA  . ARG A 1 119 ? 9.136   5.119   -2.908  1.00 170.16 ? 118 ARG A CA  1 
ATOM 697  C C   . ARG A 1 119 ? 10.580  4.669   -3.089  1.00 170.16 ? 118 ARG A C   1 
ATOM 698  O O   . ARG A 1 119 ? 11.436  4.885   -2.220  1.00 170.16 ? 118 ARG A O   1 
ATOM 699  C CB  . ARG A 1 119 ? 8.244   3.978   -2.422  1.00 170.16 ? 118 ARG A CB  1 
ATOM 700  C CG  . ARG A 1 119 ? 6.762   4.349   -2.379  1.00 170.16 ? 118 ARG A CG  1 
ATOM 701  C CD  . ARG A 1 119 ? 5.882   3.186   -1.937  1.00 170.16 ? 118 ARG A CD  1 
ATOM 702  N NE  . ARG A 1 119 ? 4.483   3.393   -2.299  1.00 170.16 ? 118 ARG A NE  1 
ATOM 703  C CZ  . ARG A 1 119 ? 3.907   2.927   -3.400  1.00 170.16 ? 118 ARG A CZ  1 
ATOM 704  N NH1 . ARG A 1 119 ? 4.583   2.212   -4.284  1.00 170.16 ? 118 ARG A NH1 1 
ATOM 705  N NH2 . ARG A 1 119 ? 2.622   3.188   -3.620  1.00 170.16 ? 118 ARG A NH2 1 
ATOM 706  N N   . SER A 1 120 ? 10.877  4.069   -4.243  1.00 168.23 ? 119 SER A N   1 
ATOM 707  C CA  . SER A 1 120 ? 12.268  3.856   -4.619  1.00 168.23 ? 119 SER A CA  1 
ATOM 708  C C   . SER A 1 120 ? 13.004  5.183   -4.757  1.00 168.23 ? 119 SER A C   1 
ATOM 709  O O   . SER A 1 120 ? 14.228  5.235   -4.607  1.00 168.23 ? 119 SER A O   1 
ATOM 710  C CB  . SER A 1 120 ? 12.356  3.052   -5.914  1.00 168.23 ? 119 SER A CB  1 
ATOM 711  O OG  . SER A 1 120 ? 12.023  3.856   -7.030  1.00 168.23 ? 119 SER A OG  1 
ATOM 712  N N   . ALA A 1 121 ? 12.284  6.278   -5.027  1.00 175.30 ? 120 ALA A N   1 
ATOM 713  C CA  . ALA A 1 121 ? 12.924  7.591   -4.989  1.00 175.30 ? 120 ALA A CA  1 
ATOM 714  C C   . ALA A 1 121 ? 13.216  8.027   -3.561  1.00 175.30 ? 120 ALA A C   1 
ATOM 715  O O   . ALA A 1 121 ? 14.279  8.604   -3.283  1.00 175.30 ? 120 ALA A O   1 
ATOM 716  C CB  . ALA A 1 121 ? 12.052  8.638   -5.679  1.00 175.30 ? 120 ALA A CB  1 
ATOM 717  N N   . ASP A 1 122 ? 12.281  7.768   -2.647  1.00 174.82 ? 121 ASP A N   1 
ATOM 718  C CA  . ASP A 1 122 ? 12.531  8.025   -1.236  1.00 174.82 ? 121 ASP A CA  1 
ATOM 719  C C   . ASP A 1 122 ? 13.770  7.274   -0.781  1.00 174.82 ? 121 ASP A C   1 
ATOM 720  O O   . ASP A 1 122 ? 14.512  7.741   0.091   1.00 174.82 ? 121 ASP A O   1 
ATOM 721  C CB  . ASP A 1 122 ? 11.316  7.602   -0.416  1.00 174.82 ? 121 ASP A CB  1 
ATOM 722  C CG  . ASP A 1 122 ? 10.031  8.210   -0.931  1.00 174.82 ? 121 ASP A CG  1 
ATOM 723  O OD1 . ASP A 1 122 ? 10.090  9.298   -1.542  1.00 174.82 ? 121 ASP A OD1 1 
ATOM 724  O OD2 . ASP A 1 122 ? 8.965   7.590   -0.743  1.00 174.82 ? 121 ASP A OD2 1 
ATOM 725  N N   . MET A 1 123 ? 13.997  6.098   -1.365  1.00 190.07 ? 122 MET A N   1 
ATOM 726  C CA  . MET A 1 123 ? 15.194  5.332   -1.043  1.00 190.07 ? 122 MET A CA  1 
ATOM 727  C C   . MET A 1 123 ? 16.432  5.859   -1.775  1.00 190.07 ? 122 MET A C   1 
ATOM 728  O O   . MET A 1 123 ? 17.530  5.870   -1.204  1.00 190.07 ? 122 MET A O   1 
ATOM 729  C CB  . MET A 1 123 ? 14.960  3.854   -1.347  1.00 190.07 ? 122 MET A CB  1 
ATOM 730  C CG  . MET A 1 123 ? 16.074  2.954   -0.863  1.00 190.07 ? 122 MET A CG  1 
ATOM 731  S SD  . MET A 1 123 ? 16.205  2.938   0.935   1.00 190.07 ? 122 MET A SD  1 
ATOM 732  C CE  . MET A 1 123 ? 17.917  2.454   1.143   1.00 190.07 ? 122 MET A CE  1 
ATOM 733  N N   . LYS A 1 124 ? 16.301  6.304   -3.033  1.00 185.16 ? 123 LYS A N   1 
ATOM 734  C CA  . LYS A 1 124 ? 17.494  6.827   -3.692  1.00 185.16 ? 123 LYS A CA  1 
ATOM 735  C C   . LYS A 1 124 ? 17.884  8.179   -3.127  1.00 185.16 ? 123 LYS A C   1 
ATOM 736  O O   . LYS A 1 124 ? 18.930  8.718   -3.498  1.00 185.16 ? 123 LYS A O   1 
ATOM 737  C CB  . LYS A 1 124 ? 17.378  6.946   -5.217  1.00 185.16 ? 123 LYS A CB  1 
ATOM 738  C CG  . LYS A 1 124 ? 16.378  7.919   -5.803  1.00 185.16 ? 123 LYS A CG  1 
ATOM 739  C CD  . LYS A 1 124 ? 16.456  7.794   -7.324  1.00 185.16 ? 123 LYS A CD  1 
ATOM 740  C CE  . LYS A 1 124 ? 15.527  8.736   -8.071  1.00 185.16 ? 123 LYS A CE  1 
ATOM 741  N NZ  . LYS A 1 124 ? 14.100  8.432   -7.889  1.00 185.16 ? 123 LYS A NZ  1 
ATOM 742  N N   . TYR A 1 125 ? 17.047  8.760   -2.267  1.00 205.46 ? 124 TYR A N   1 
ATOM 743  C CA  . TYR A 1 125 ? 17.553  9.800   -1.379  1.00 205.46 ? 124 TYR A CA  1 
ATOM 744  C C   . TYR A 1 125 ? 18.732  9.282   -0.561  1.00 205.46 ? 124 TYR A C   1 
ATOM 745  O O   . TYR A 1 125 ? 19.624  10.056  -0.195  1.00 205.46 ? 124 TYR A O   1 
ATOM 746  C CB  . TYR A 1 125 ? 16.444  10.313  -0.458  1.00 205.46 ? 124 TYR A CB  1 
ATOM 747  C CG  . TYR A 1 125 ? 15.265  10.929  -1.175  1.00 205.46 ? 124 TYR A CG  1 
ATOM 748  C CD1 . TYR A 1 125 ? 15.412  11.503  -2.432  1.00 205.46 ? 124 TYR A CD1 1 
ATOM 749  C CD2 . TYR A 1 125 ? 14.014  10.976  -0.578  1.00 205.46 ? 124 TYR A CD2 1 
ATOM 750  C CE1 . TYR A 1 125 ? 14.337  12.076  -3.086  1.00 205.46 ? 124 TYR A CE1 1 
ATOM 751  C CE2 . TYR A 1 125 ? 12.931  11.548  -1.225  1.00 205.46 ? 124 TYR A CE2 1 
ATOM 752  C CZ  . TYR A 1 125 ? 13.100  12.097  -2.478  1.00 205.46 ? 124 TYR A CZ  1 
ATOM 753  O OH  . TYR A 1 125 ? 12.027  12.670  -3.125  1.00 205.46 ? 124 TYR A OH  1 
ATOM 754  N N   . ILE A 1 126 ? 18.747  7.975   -0.264  1.00 189.35 ? 125 ILE A N   1 
ATOM 755  C CA  . ILE A 1 126 ? 19.890  7.324   0.370   1.00 189.35 ? 125 ILE A CA  1 
ATOM 756  C C   . ILE A 1 126 ? 20.719  6.535   -0.641  1.00 189.35 ? 125 ILE A C   1 
ATOM 757  O O   . ILE A 1 126 ? 21.740  5.933   -0.275  1.00 189.35 ? 125 ILE A O   1 
ATOM 758  C CB  . ILE A 1 126 ? 19.399  6.421   1.526   1.00 189.35 ? 125 ILE A CB  1 
ATOM 759  C CG1 . ILE A 1 126 ? 18.403  7.171   2.411   1.00 189.35 ? 125 ILE A CG1 1 
ATOM 760  C CG2 . ILE A 1 126 ? 20.545  5.995   2.427   1.00 189.35 ? 125 ILE A CG2 1 
ATOM 761  C CD1 . ILE A 1 126 ? 16.947  6.913   2.063   1.00 189.35 ? 125 ILE A CD1 1 
ATOM 762  N N   . ILE A 1 127 ? 20.330  6.551   -1.916  1.00 185.54 ? 126 ILE A N   1 
ATOM 763  C CA  . ILE A 1 127 ? 21.010  5.821   -2.987  1.00 185.54 ? 126 ILE A CA  1 
ATOM 764  C C   . ILE A 1 127 ? 21.365  6.874   -4.039  1.00 185.54 ? 126 ILE A C   1 
ATOM 765  O O   . ILE A 1 127 ? 21.433  8.064   -3.714  1.00 185.54 ? 126 ILE A O   1 
ATOM 766  C CB  . ILE A 1 127 ? 20.158  4.654   -3.534  1.00 185.54 ? 126 ILE A CB  1 
ATOM 767  C CG1 . ILE A 1 127 ? 19.852  3.661   -2.422  1.00 185.54 ? 126 ILE A CG1 1 
ATOM 768  C CG2 . ILE A 1 127 ? 20.919  3.782   -4.530  1.00 185.54 ? 126 ILE A CG2 1 
ATOM 769  C CD1 . ILE A 1 127 ? 18.845  2.620   -2.831  1.00 185.54 ? 126 ILE A CD1 1 
ATOM 770  N N   . ASN A 1 128 ? 21.670  6.448   -5.268  1.00 153.75 ? 127 ASN A N   1 
ATOM 771  C CA  . ASN A 1 128 ? 22.412  7.221   -6.270  1.00 153.75 ? 127 ASN A CA  1 
ATOM 772  C C   . ASN A 1 128 ? 23.879  7.326   -5.866  1.00 153.75 ? 127 ASN A C   1 
ATOM 773  O O   . ASN A 1 128 ? 24.464  8.409   -5.792  1.00 153.75 ? 127 ASN A O   1 
ATOM 774  C CB  . ASN A 1 128 ? 21.800  8.606   -6.504  1.00 153.75 ? 127 ASN A CB  1 
ATOM 775  C CG  . ASN A 1 128 ? 20.422  8.538   -7.133  1.00 153.75 ? 127 ASN A CG  1 
ATOM 776  O OD1 . ASN A 1 128 ? 20.016  7.500   -7.654  1.00 153.75 ? 127 ASN A OD1 1 
ATOM 777  N ND2 . ASN A 1 128 ? 19.697  9.650   -7.087  1.00 153.75 ? 127 ASN A ND2 1 
ATOM 778  N N   . MET A 1 129 ? 24.466  6.162   -5.598  1.00 119.77 ? 128 MET A N   1 
ATOM 779  C CA  . MET A 1 129 ? 25.879  6.078   -5.266  1.00 119.77 ? 128 MET A CA  1 
ATOM 780  C C   . MET A 1 129 ? 26.730  6.514   -6.451  1.00 119.77 ? 128 MET A C   1 
ATOM 781  O O   . MET A 1 129 ? 26.446  6.178   -7.603  1.00 119.77 ? 128 MET A O   1 
ATOM 782  C CB  . MET A 1 129 ? 26.233  4.648   -4.858  1.00 119.77 ? 128 MET A CB  1 
ATOM 783  C CG  . MET A 1 129 ? 27.640  4.482   -4.324  1.00 119.77 ? 128 MET A CG  1 
ATOM 784  S SD  . MET A 1 129 ? 27.926  5.468   -2.845  1.00 119.77 ? 128 MET A SD  1 
ATOM 785  C CE  . MET A 1 129 ? 29.714  5.558   -2.841  1.00 119.77 ? 128 MET A CE  1 
ATOM 786  N N   . ARG A 1 130 ? 27.783  7.267   -6.155  1.00 117.79 ? 129 ARG A N   1 
ATOM 787  C CA  . ARG A 1 130 ? 28.667  7.815   -7.170  1.00 117.79 ? 129 ARG A CA  1 
ATOM 788  C C   . ARG A 1 130 ? 30.098  7.559   -6.715  1.00 117.79 ? 129 ARG A C   1 
ATOM 789  O O   . ARG A 1 130 ? 30.339  7.093   -5.599  1.00 117.79 ? 129 ARG A O   1 
ATOM 790  C CB  . ARG A 1 130 ? 28.355  9.309   -7.400  1.00 117.79 ? 129 ARG A CB  1 
ATOM 791  C CG  . ARG A 1 130 ? 29.068  10.011  -8.557  1.00 117.79 ? 129 ARG A CG  1 
ATOM 792  C CD  . ARG A 1 130 ? 30.347  10.705  -8.117  1.00 117.79 ? 129 ARG A CD  1 
ATOM 793  N NE  . ARG A 1 130 ? 30.939  11.497  -9.189  1.00 117.79 ? 129 ARG A NE  1 
ATOM 794  C CZ  . ARG A 1 130 ? 32.137  12.059  -9.130  1.00 117.79 ? 129 ARG A CZ  1 
ATOM 795  N NH1 . ARG A 1 130 ? 32.907  11.937  -8.061  1.00 117.79 ? 129 ARG A NH1 1 
ATOM 796  N NH2 . ARG A 1 130 ? 32.576  12.762  -10.171 1.00 117.79 ? 129 ARG A NH2 1 
ATOM 797  N N   . HIS A 1 131 ? 31.045  7.802   -7.617  1.00 116.97 ? 130 HIS A N   1 
ATOM 798  C CA  . HIS A 1 131 ? 32.492  7.756   -7.404  1.00 116.97 ? 130 HIS A CA  1 
ATOM 799  C C   . HIS A 1 131 ? 32.982  6.414   -6.881  1.00 116.97 ? 130 HIS A C   1 
ATOM 800  O O   . HIS A 1 131 ? 34.150  6.304   -6.486  1.00 116.97 ? 130 HIS A O   1 
ATOM 801  C CB  . HIS A 1 131 ? 33.004  8.871   -6.471  1.00 116.97 ? 130 HIS A CB  1 
ATOM 802  C CG  . HIS A 1 131 ? 32.511  8.775   -5.060  1.00 116.97 ? 130 HIS A CG  1 
ATOM 803  N ND1 . HIS A 1 131 ? 31.270  9.224   -4.665  1.00 116.97 ? 130 HIS A ND1 1 
ATOM 804  C CD2 . HIS A 1 131 ? 33.089  8.251   -3.953  1.00 116.97 ? 130 HIS A CD2 1 
ATOM 805  C CE1 . HIS A 1 131 ? 31.110  8.997   -3.374  1.00 116.97 ? 130 HIS A CE1 1 
ATOM 806  N NE2 . HIS A 1 131 ? 32.199  8.407   -2.918  1.00 116.97 ? 130 HIS A NE2 1 
ATOM 807  N N   . GLU A 1 132 ? 32.136  5.387   -6.853  1.00 106.40 ? 131 GLU A N   1 
ATOM 808  C CA  . GLU A 1 132 ? 32.657  4.051   -6.588  1.00 106.40 ? 131 GLU A CA  1 
ATOM 809  C C   . GLU A 1 132 ? 33.701  3.614   -7.615  1.00 106.40 ? 131 GLU A C   1 
ATOM 810  O O   . GLU A 1 132 ? 34.691  2.985   -7.204  1.00 106.40 ? 131 GLU A O   1 
ATOM 811  C CB  . GLU A 1 132 ? 31.507  3.038   -6.442  1.00 106.40 ? 131 GLU A CB  1 
ATOM 812  C CG  . GLU A 1 132 ? 30.639  2.775   -7.658  1.00 106.40 ? 131 GLU A CG  1 
ATOM 813  C CD  . GLU A 1 132 ? 29.466  3.729   -7.750  1.00 106.40 ? 131 GLU A CD  1 
ATOM 814  O OE1 . GLU A 1 132 ? 29.446  4.717   -6.990  1.00 106.40 ? 131 GLU A OE1 1 
ATOM 815  O OE2 . GLU A 1 132 ? 28.566  3.495   -8.583  1.00 106.40 ? 131 GLU A OE2 1 
ATOM 816  N N   . PRO A 1 133 ? 33.573  3.899   -8.957  1.00 113.61 ? 132 PRO A N   1 
ATOM 817  C CA  . PRO A 1 133 ? 34.660  3.596   -9.892  1.00 113.61 ? 132 PRO A CA  1 
ATOM 818  C C   . PRO A 1 133 ? 35.616  4.772   -10.090 1.00 113.61 ? 132 PRO A C   1 
ATOM 819  O O   . PRO A 1 133 ? 35.907  5.180   -11.217 1.00 113.61 ? 132 PRO A O   1 
ATOM 820  C CB  . PRO A 1 133 ? 33.908  3.251   -11.179 1.00 113.61 ? 132 PRO A CB  1 
ATOM 821  C CG  . PRO A 1 133 ? 32.660  4.094   -11.113 1.00 113.61 ? 132 PRO A CG  1 
ATOM 822  C CD  . PRO A 1 133 ? 32.482  4.575   -9.685  1.00 113.61 ? 132 PRO A CD  1 
ATOM 823  N N   . ARG A 1 134 ? 36.110  5.328   -8.989  1.00 121.71 ? 133 ARG A N   1 
ATOM 824  C CA  . ARG A 1 134 ? 37.104  6.386   -9.068  1.00 121.71 ? 133 ARG A CA  1 
ATOM 825  C C   . ARG A 1 134 ? 38.484  5.785   -9.320  1.00 121.71 ? 133 ARG A C   1 
ATOM 826  O O   . ARG A 1 134 ? 38.707  4.587   -9.136  1.00 121.71 ? 133 ARG A O   1 
ATOM 827  C CB  . ARG A 1 134 ? 37.102  7.224   -7.788  1.00 121.71 ? 133 ARG A CB  1 
ATOM 828  C CG  . ARG A 1 134 ? 37.931  6.644   -6.652  1.00 121.71 ? 133 ARG A CG  1 
ATOM 829  C CD  . ARG A 1 134 ? 37.273  5.428   -6.016  1.00 121.71 ? 133 ARG A CD  1 
ATOM 830  N NE  . ARG A 1 134 ? 38.027  4.942   -4.867  1.00 121.71 ? 133 ARG A NE  1 
ATOM 831  C CZ  . ARG A 1 134 ? 39.088  4.151   -4.949  1.00 121.71 ? 133 ARG A CZ  1 
ATOM 832  N NH1 . ARG A 1 134 ? 39.552  3.733   -6.115  1.00 121.71 ? 133 ARG A NH1 1 
ATOM 833  N NH2 . ARG A 1 134 ? 39.700  3.771   -3.832  1.00 121.71 ? 133 ARG A NH2 1 
ATOM 834  N N   . TYR A 1 135 ? 39.420  6.631   -9.756  1.00 118.95 ? 134 TYR A N   1 
ATOM 835  C CA  . TYR A 1 135 ? 40.727  6.148   -10.183 1.00 118.95 ? 134 TYR A CA  1 
ATOM 836  C C   . TYR A 1 135 ? 41.856  6.587   -9.259  1.00 118.95 ? 134 TYR A C   1 
ATOM 837  O O   . TYR A 1 135 ? 42.496  5.739   -8.632  1.00 118.95 ? 134 TYR A O   1 
ATOM 838  C CB  . TYR A 1 135 ? 41.008  6.623   -11.615 1.00 118.95 ? 134 TYR A CB  1 
ATOM 839  C CG  . TYR A 1 135 ? 40.124  5.990   -12.664 1.00 118.95 ? 134 TYR A CG  1 
ATOM 840  C CD1 . TYR A 1 135 ? 39.372  4.858   -12.376 1.00 118.95 ? 134 TYR A CD1 1 
ATOM 841  C CD2 . TYR A 1 135 ? 40.039  6.525   -13.943 1.00 118.95 ? 134 TYR A CD2 1 
ATOM 842  C CE1 . TYR A 1 135 ? 38.562  4.277   -13.334 1.00 118.95 ? 134 TYR A CE1 1 
ATOM 843  C CE2 . TYR A 1 135 ? 39.230  5.950   -14.906 1.00 118.95 ? 134 TYR A CE2 1 
ATOM 844  C CZ  . TYR A 1 135 ? 38.495  4.827   -14.596 1.00 118.95 ? 134 TYR A CZ  1 
ATOM 845  O OH  . TYR A 1 135 ? 37.689  4.252   -15.551 1.00 118.95 ? 134 TYR A OH  1 
ATOM 846  N N   . TYR A 1 136 ? 42.089  7.896   -9.132  1.00 110.15 ? 135 TYR A N   1 
ATOM 847  C CA  . TYR A 1 136 ? 43.180  8.438   -8.328  1.00 110.15 ? 135 TYR A CA  1 
ATOM 848  C C   . TYR A 1 136 ? 44.485  7.667   -8.501  1.00 110.15 ? 135 TYR A C   1 
ATOM 849  O O   . TYR A 1 136 ? 45.171  7.378   -7.516  1.00 110.15 ? 135 TYR A O   1 
ATOM 850  C CB  . TYR A 1 136 ? 42.787  8.460   -6.851  1.00 110.15 ? 135 TYR A CB  1 
ATOM 851  C CG  . TYR A 1 136 ? 41.672  9.425   -6.530  1.00 110.15 ? 135 TYR A CG  1 
ATOM 852  C CD1 . TYR A 1 136 ? 41.926  10.780  -6.369  1.00 110.15 ? 135 TYR A CD1 1 
ATOM 853  C CD2 . TYR A 1 136 ? 40.369  8.981   -6.384  1.00 110.15 ? 135 TYR A CD2 1 
ATOM 854  C CE1 . TYR A 1 136 ? 40.908  11.667  -6.075  1.00 110.15 ? 135 TYR A CE1 1 
ATOM 855  C CE2 . TYR A 1 136 ? 39.342  9.858   -6.089  1.00 110.15 ? 135 TYR A CE2 1 
ATOM 856  C CZ  . TYR A 1 136 ? 39.618  11.201  -5.935  1.00 110.15 ? 135 TYR A CZ  1 
ATOM 857  O OH  . TYR A 1 136 ? 38.601  12.079  -5.642  1.00 110.15 ? 135 TYR A OH  1 
ATOM 858  N N   . SER A 1 137 ? 44.837  7.320   -9.737  1.00 95.67  ? 136 SER A N   1 
ATOM 859  C CA  . SER A 1 137 ? 46.017  6.495   -9.964  1.00 95.67  ? 136 SER A CA  1 
ATOM 860  C C   . SER A 1 137 ? 46.904  7.056   -11.066 1.00 95.67  ? 136 SER A C   1 
ATOM 861  O O   . SER A 1 137 ? 48.112  6.793   -11.085 1.00 95.67  ? 136 SER A O   1 
ATOM 862  C CB  . SER A 1 137 ? 45.598  5.065   -10.303 1.00 95.67  ? 136 SER A CB  1 
ATOM 863  O OG  . SER A 1 137 ? 44.564  5.062   -11.271 1.00 95.67  ? 136 SER A OG  1 
ATOM 864  N N   . TYR A 1 138 ? 46.309  7.803   -11.997 1.00 100.58 ? 137 TYR A N   1 
ATOM 865  C CA  . TYR A 1 138 ? 47.018  8.455   -13.095 1.00 100.58 ? 137 TYR A CA  1 
ATOM 866  C C   . TYR A 1 138 ? 47.599  7.450   -14.082 1.00 100.58 ? 137 TYR A C   1 
ATOM 867  O O   . TYR A 1 138 ? 47.712  6.258   -13.782 1.00 100.58 ? 137 TYR A O   1 
ATOM 868  C CB  . TYR A 1 138 ? 48.119  9.371   -12.555 1.00 100.58 ? 137 TYR A CB  1 
ATOM 869  C CG  . TYR A 1 138 ? 47.584  10.556  -11.793 1.00 100.58 ? 137 TYR A CG  1 
ATOM 870  C CD1 . TYR A 1 138 ? 47.118  11.681  -12.457 1.00 100.58 ? 137 TYR A CD1 1 
ATOM 871  C CD2 . TYR A 1 138 ? 47.525  10.543  -10.406 1.00 100.58 ? 137 TYR A CD2 1 
ATOM 872  C CE1 . TYR A 1 138 ? 46.622  12.767  -11.763 1.00 100.58 ? 137 TYR A CE1 1 
ATOM 873  C CE2 . TYR A 1 138 ? 47.030  11.624  -9.702  1.00 100.58 ? 137 TYR A CE2 1 
ATOM 874  C CZ  . TYR A 1 138 ? 46.579  12.733  -10.386 1.00 100.58 ? 137 TYR A CZ  1 
ATOM 875  O OH  . TYR A 1 138 ? 46.086  13.812  -9.688  1.00 100.58 ? 137 TYR A OH  1 
ATOM 876  N N   . HIS A 1 139 ? 47.969  7.927   -15.265 1.00 91.13  ? 138 HIS A N   1 
ATOM 877  C CA  . HIS A 1 139 ? 48.456  7.074   -16.338 1.00 91.13  ? 138 HIS A CA  1 
ATOM 878  C C   . HIS A 1 139 ? 49.963  6.858   -16.209 1.00 91.13  ? 138 HIS A C   1 
ATOM 879  O O   . HIS A 1 139 ? 50.674  7.621   -15.552 1.00 91.13  ? 138 HIS A O   1 
ATOM 880  C CB  . HIS A 1 139 ? 48.091  7.687   -17.691 1.00 91.13  ? 138 HIS A CB  1 
ATOM 881  C CG  . HIS A 1 139 ? 48.512  6.862   -18.866 1.00 91.13  ? 138 HIS A CG  1 
ATOM 882  N ND1 . HIS A 1 139 ? 49.575  7.205   -19.675 1.00 91.13  ? 138 HIS A ND1 1 
ATOM 883  C CD2 . HIS A 1 139 ? 48.030  5.695   -19.356 1.00 91.13  ? 138 HIS A CD2 1 
ATOM 884  C CE1 . HIS A 1 139 ? 49.717  6.296   -20.621 1.00 91.13  ? 138 HIS A CE1 1 
ATOM 885  N NE2 . HIS A 1 139 ? 48.792  5.369   -20.450 1.00 91.13  ? 138 HIS A NE2 1 
ATOM 886  N N   . THR A 1 140 ? 50.453  5.794   -16.850 1.00 84.95  ? 139 THR A N   1 
ATOM 887  C CA  . THR A 1 140 ? 51.845  5.386   -16.713 1.00 84.95  ? 139 THR A CA  1 
ATOM 888  C C   . THR A 1 140 ? 52.770  5.992   -17.759 1.00 84.95  ? 139 THR A C   1 
ATOM 889  O O   . THR A 1 140 ? 53.984  6.028   -17.532 1.00 84.95  ? 139 THR A O   1 
ATOM 890  C CB  . THR A 1 140 ? 51.963  3.859   -16.787 1.00 84.95  ? 139 THR A CB  1 
ATOM 891  O OG1 . THR A 1 140 ? 51.806  3.434   -18.145 1.00 84.95  ? 139 THR A OG1 1 
ATOM 892  C CG2 . THR A 1 140 ? 50.892  3.201   -15.935 1.00 84.95  ? 139 THR A CG2 1 
ATOM 893  N N   . ARG A 1 141 ? 52.237  6.455   -18.880 1.00 87.16  ? 140 ARG A N   1 
ATOM 894  C CA  . ARG A 1 141 ? 53.018  7.023   -19.984 1.00 87.16  ? 140 ARG A CA  1 
ATOM 895  C C   . ARG A 1 141 ? 54.005  5.956   -20.462 1.00 87.16  ? 140 ARG A C   1 
ATOM 896  O O   . ARG A 1 141 ? 53.735  4.755   -20.363 1.00 87.16  ? 140 ARG A O   1 
ATOM 897  C CB  . ARG A 1 141 ? 53.657  8.338   -19.561 1.00 87.16  ? 140 ARG A CB  1 
ATOM 898  C CG  . ARG A 1 141 ? 52.687  9.489   -19.306 1.00 87.16  ? 140 ARG A CG  1 
ATOM 899  C CD  . ARG A 1 141 ? 52.069  9.426   -17.917 1.00 87.16  ? 140 ARG A CD  1 
ATOM 900  N NE  . ARG A 1 141 ? 51.768  10.750  -17.384 1.00 87.16  ? 140 ARG A NE  1 
ATOM 901  C CZ  . ARG A 1 141 ? 50.903  10.986  -16.407 1.00 87.16  ? 140 ARG A CZ  1 
ATOM 902  N NH1 . ARG A 1 141 ? 50.207  10.009  -15.848 1.00 87.16  ? 140 ARG A NH1 1 
ATOM 903  N NH2 . ARG A 1 141 ? 50.732  12.234  -15.979 1.00 87.16  ? 140 ARG A NH2 1 
ATOM 904  N N   . ALA A 1 142 ? 55.156  6.378   -20.986 1.00 84.83  ? 141 ALA A N   1 
ATOM 905  C CA  . ALA A 1 142 ? 56.173  5.439   -21.457 1.00 84.83  ? 141 ALA A CA  1 
ATOM 906  C C   . ALA A 1 142 ? 57.525  6.144   -21.403 1.00 84.83  ? 141 ALA A C   1 
ATOM 907  O O   . ALA A 1 142 ? 57.845  6.945   -22.286 1.00 84.83  ? 141 ALA A O   1 
ATOM 908  C CB  . ALA A 1 142 ? 55.856  4.944   -22.861 1.00 84.83  ? 141 ALA A CB  1 
ATOM 909  N N   . TYR A 1 143 ? 58.311  5.837   -20.374 1.00 101.71 ? 142 TYR A N   1 
ATOM 910  C CA  . TYR A 1 143 ? 59.663  6.374   -20.246 1.00 101.71 ? 142 TYR A CA  1 
ATOM 911  C C   . TYR A 1 143 ? 60.652  5.407   -20.893 1.00 101.71 ? 142 TYR A C   1 
ATOM 912  O O   . TYR A 1 143 ? 61.592  4.908   -20.273 1.00 101.71 ? 142 TYR A O   1 
ATOM 913  C CB  . TYR A 1 143 ? 60.000  6.619   -18.778 1.00 101.71 ? 142 TYR A CB  1 
ATOM 914  C CG  . TYR A 1 143 ? 59.183  7.715   -18.142 1.00 101.71 ? 142 TYR A CG  1 
ATOM 915  C CD1 . TYR A 1 143 ? 59.514  9.049   -18.328 1.00 101.71 ? 142 TYR A CD1 1 
ATOM 916  C CD2 . TYR A 1 143 ? 58.081  7.415   -17.354 1.00 101.71 ? 142 TYR A CD2 1 
ATOM 917  C CE1 . TYR A 1 143 ? 58.768  10.057  -17.746 1.00 101.71 ? 142 TYR A CE1 1 
ATOM 918  C CE2 . TYR A 1 143 ? 57.329  8.416   -16.768 1.00 101.71 ? 142 TYR A CE2 1 
ATOM 919  C CZ  . TYR A 1 143 ? 57.678  9.735   -16.968 1.00 101.71 ? 142 TYR A CZ  1 
ATOM 920  O OH  . TYR A 1 143 ? 56.931  10.735  -16.386 1.00 101.71 ? 142 TYR A OH  1 
ATOM 921  N N   . TYR A 1 144 ? 60.419  5.151   -22.176 1.00 126.57 ? 143 TYR A N   1 
ATOM 922  C CA  . TYR A 1 144 ? 61.164  4.144   -22.913 1.00 126.57 ? 143 TYR A CA  1 
ATOM 923  C C   . TYR A 1 144 ? 61.879  4.775   -24.096 1.00 126.57 ? 143 TYR A C   1 
ATOM 924  O O   . TYR A 1 144 ? 61.303  5.583   -24.828 1.00 126.57 ? 143 TYR A O   1 
ATOM 925  C CB  . TYR A 1 144 ? 60.243  3.023   -23.403 1.00 126.57 ? 143 TYR A CB  1 
ATOM 926  C CG  . TYR A 1 144 ? 59.657  2.190   -22.288 1.00 126.57 ? 143 TYR A CG  1 
ATOM 927  C CD1 . TYR A 1 144 ? 60.396  1.173   -21.693 1.00 126.57 ? 143 TYR A CD1 1 
ATOM 928  C CD2 . TYR A 1 144 ? 58.369  2.418   -21.827 1.00 126.57 ? 143 TYR A CD2 1 
ATOM 929  C CE1 . TYR A 1 144 ? 59.866  0.409   -20.673 1.00 126.57 ? 143 TYR A CE1 1 
ATOM 930  C CE2 . TYR A 1 144 ? 57.830  1.657   -20.806 1.00 126.57 ? 143 TYR A CE2 1 
ATOM 931  C CZ  . TYR A 1 144 ? 58.583  0.655   -20.232 1.00 126.57 ? 143 TYR A CZ  1 
ATOM 932  O OH  . TYR A 1 144 ? 58.051  -0.104  -19.216 1.00 126.57 ? 143 TYR A OH  1 
ATOM 933  N N   . SER A 1 145 ? 63.145  4.397   -24.271 1.00 97.22  ? 144 SER A N   1 
ATOM 934  C CA  . SER A 1 145 ? 63.940  4.804   -25.422 1.00 97.22  ? 144 SER A CA  1 
ATOM 935  C C   . SER A 1 145 ? 64.779  3.641   -25.931 1.00 97.22  ? 144 SER A C   1 
ATOM 936  O O   . SER A 1 145 ? 65.912  3.839   -26.386 1.00 97.22  ? 144 SER A O   1 
ATOM 937  C CB  . SER A 1 145 ? 64.839  5.990   -25.080 1.00 97.22  ? 144 SER A CB  1 
ATOM 938  O OG  . SER A 1 145 ? 65.819  5.622   -24.126 1.00 97.22  ? 144 SER A OG  1 
ATOM 939  N N   . LEU A 1 146 ? 64.240  2.425   -25.845 1.00 67.84  ? 145 LEU A N   1 
ATOM 940  C CA  . LEU A 1 146 ? 64.967  1.194   -26.150 1.00 67.84  ? 145 LEU A CA  1 
ATOM 941  C C   . LEU A 1 146 ? 66.195  1.054   -25.248 1.00 67.84  ? 145 LEU A C   1 
ATOM 942  O O   . LEU A 1 146 ? 67.327  0.878   -25.703 1.00 67.84  ? 145 LEU A O   1 
ATOM 943  C CB  . LEU A 1 146 ? 65.349  1.125   -27.632 1.00 67.84  ? 145 LEU A CB  1 
ATOM 944  C CG  . LEU A 1 146 ? 64.351  0.428   -28.560 1.00 67.84  ? 145 LEU A CG  1 
ATOM 945  C CD1 . LEU A 1 146 ? 64.225  -1.043  -28.205 1.00 67.84  ? 145 LEU A CD1 1 
ATOM 946  C CD2 . LEU A 1 146 ? 62.993  1.106   -28.507 1.00 67.84  ? 145 LEU A CD2 1 
ATOM 947  N N   . LYS A 1 147 ? 65.945  1.148   -23.944 1.00 65.31  ? 146 LYS A N   1 
ATOM 948  C CA  . LYS A 1 147 ? 66.990  0.907   -22.963 1.00 65.31  ? 146 LYS A CA  1 
ATOM 949  C C   . LYS A 1 147 ? 67.408  -0.556  -22.987 1.00 65.31  ? 146 LYS A C   1 
ATOM 950  O O   . LYS A 1 147 ? 66.601  -1.453  -23.241 1.00 65.31  ? 146 LYS A O   1 
ATOM 951  C CB  . LYS A 1 147 ? 66.511  1.285   -21.562 1.00 65.31  ? 146 LYS A CB  1 
ATOM 952  C CG  . LYS A 1 147 ? 66.510  2.774   -21.281 1.00 65.31  ? 146 LYS A CG  1 
ATOM 953  C CD  . LYS A 1 147 ? 66.492  3.045   -19.787 1.00 65.31  ? 146 LYS A CD  1 
ATOM 954  C CE  . LYS A 1 147 ? 65.156  2.667   -19.174 1.00 65.31  ? 146 LYS A CE  1 
ATOM 955  N NZ  . LYS A 1 147 ? 64.062  3.572   -19.615 1.00 65.31  ? 146 LYS A NZ  1 
ATOM 956  N N   . TYR A 1 148 ? 68.689  -0.792  -22.720 1.00 80.42  ? 147 TYR A N   1 
ATOM 957  C CA  . TYR A 1 148 ? 69.262  -2.133  -22.745 1.00 80.42  ? 147 TYR A CA  1 
ATOM 958  C C   . TYR A 1 148 ? 69.746  -2.486  -21.345 1.00 80.42  ? 147 TYR A C   1 
ATOM 959  O O   . TYR A 1 148 ? 70.645  -1.828  -20.808 1.00 80.42  ? 147 TYR A O   1 
ATOM 960  C CB  . TYR A 1 148 ? 70.403  -2.220  -23.756 1.00 80.42  ? 147 TYR A CB  1 
ATOM 961  C CG  . TYR A 1 148 ? 69.971  -2.050  -25.194 1.00 80.42  ? 147 TYR A CG  1 
ATOM 962  C CD1 . TYR A 1 148 ? 68.646  -2.227  -25.568 1.00 80.42  ? 147 TYR A CD1 1 
ATOM 963  C CD2 . TYR A 1 148 ? 70.889  -1.705  -26.174 1.00 80.42  ? 147 TYR A CD2 1 
ATOM 964  C CE1 . TYR A 1 148 ? 68.248  -2.068  -26.882 1.00 80.42  ? 147 TYR A CE1 1 
ATOM 965  C CE2 . TYR A 1 148 ? 70.501  -1.543  -27.492 1.00 80.42  ? 147 TYR A CE2 1 
ATOM 966  C CZ  . TYR A 1 148 ? 69.179  -1.727  -27.839 1.00 80.42  ? 147 TYR A CZ  1 
ATOM 967  O OH  . TYR A 1 148 ? 68.788  -1.568  -29.149 1.00 80.42  ? 147 TYR A OH  1 
ATOM 968  N N   . GLN A 1 149 ? 69.150  -3.518  -20.757 1.00 70.36  ? 148 GLN A N   1 
ATOM 969  C CA  . GLN A 1 149 ? 69.610  -4.067  -19.492 1.00 70.36  ? 148 GLN A CA  1 
ATOM 970  C C   . GLN A 1 149 ? 70.577  -5.225  -19.680 1.00 70.36  ? 148 GLN A C   1 
ATOM 971  O O   . GLN A 1 149 ? 71.047  -5.787  -18.685 1.00 70.36  ? 148 GLN A O   1 
ATOM 972  C CB  . GLN A 1 149 ? 68.417  -4.525  -18.652 1.00 70.36  ? 148 GLN A CB  1 
ATOM 973  C CG  . GLN A 1 149 ? 67.650  -3.389  -18.013 1.00 70.36  ? 148 GLN A CG  1 
ATOM 974  C CD  . GLN A 1 149 ? 66.352  -3.851  -17.390 1.00 70.36  ? 148 GLN A CD  1 
ATOM 975  O OE1 . GLN A 1 149 ? 65.795  -4.875  -17.778 1.00 70.36  ? 148 GLN A OE1 1 
ATOM 976  N NE2 . GLN A 1 149 ? 65.865  -3.097  -16.414 1.00 70.36  ? 148 GLN A NE2 1 
ATOM 977  N N   . LYS A 1 150 ? 70.871  -5.592  -20.922 1.00 77.84  ? 149 LYS A N   1 
ATOM 978  C CA  . LYS A 1 150 ? 71.831  -6.648  -21.272 1.00 77.84  ? 149 LYS A CA  1 
ATOM 979  C C   . LYS A 1 150 ? 71.344  -7.956  -20.644 1.00 77.84  ? 149 LYS A C   1 
ATOM 980  O O   . LYS A 1 150 ? 70.154  -8.100  -20.332 1.00 77.84  ? 149 LYS A O   1 
ATOM 981  C CB  . LYS A 1 150 ? 73.256  -6.256  -20.877 1.00 77.84  ? 149 LYS A CB  1 
ATOM 982  C CG  . LYS A 1 150 ? 73.896  -5.064  -21.613 1.00 77.84  ? 149 LYS A CG  1 
ATOM 983  C CD  . LYS A 1 150 ? 73.179  -3.735  -21.401 1.00 77.84  ? 149 LYS A CD  1 
ATOM 984  C CE  . LYS A 1 150 ? 73.687  -2.664  -22.348 1.00 77.84  ? 149 LYS A CE  1 
ATOM 985  N NZ  . LYS A 1 150 ? 73.031  -1.351  -22.088 1.00 77.84  ? 149 LYS A NZ  1 
ATOM 986  N N   . ILE A 1 151 ? 72.264  -8.904  -20.453 1.00 73.87  ? 150 ILE A N   1 
ATOM 987  C CA  . ILE A 1 151 ? 71.986  -10.193 -19.825 1.00 73.87  ? 150 ILE A CA  1 
ATOM 988  C C   . ILE A 1 151 ? 70.805  -10.853 -20.524 1.00 73.87  ? 150 ILE A C   1 
ATOM 989  O O   . ILE A 1 151 ? 70.985  -11.697 -21.408 1.00 73.87  ? 150 ILE A O   1 
ATOM 990  C CB  . ILE A 1 151 ? 71.731  -10.045 -18.314 1.00 73.87  ? 150 ILE A CB  1 
ATOM 991  C CG1 . ILE A 1 151 ? 72.974  -9.501  -17.606 1.00 73.87  ? 150 ILE A CG1 1 
ATOM 992  C CG2 . ILE A 1 151 ? 71.382  -11.387 -17.700 1.00 73.87  ? 150 ILE A CG2 1 
ATOM 993  C CD1 . ILE A 1 151 ? 73.052  -7.992  -17.540 1.00 73.87  ? 150 ILE A CD1 1 
ATOM 994  N N   . LEU A 1 152 ? 69.591  -10.476 -20.134 1.00 68.08  ? 151 LEU A N   1 
ATOM 995  C CA  . LEU A 1 152 ? 68.392  -10.987 -20.782 1.00 68.08  ? 151 LEU A CA  1 
ATOM 996  C C   . LEU A 1 152 ? 68.288  -10.444 -22.199 1.00 68.08  ? 151 LEU A C   1 
ATOM 997  O O   . LEU A 1 152 ? 68.932  -9.454  -22.540 1.00 68.08  ? 151 LEU A O   1 
ATOM 998  C CB  . LEU A 1 152 ? 67.138  -10.619 -19.987 1.00 68.08  ? 151 LEU A CB  1 
ATOM 999  C CG  . LEU A 1 152 ? 66.734  -11.496 -18.799 1.00 68.08  ? 151 LEU A CG  1 
ATOM 1000 C CD1 . LEU A 1 152 ? 66.385  -12.900 -19.271 1.00 68.08  ? 151 LEU A CD1 1 
ATOM 1001 C CD2 . LEU A 1 152 ? 67.802  -11.534 -17.718 1.00 68.08  ? 151 LEU A CD2 1 
# 
